data_2N7Y
#
_entry.id   2N7Y
#
_entity_poly.entity_id   1
_entity_poly.type   'polypeptide(L)'
_entity_poly.pdbx_seq_one_letter_code
;AGHMQVATSTVRILGMTCQSCVKSIEDRISNLKGIISMKVSLEQGSATVKYVPSVVCLQQVCHQIGDMGFEASIAE
;
_entity_poly.pdbx_strand_id   A
#
# COMPACT_ATOMS: atom_id res chain seq x y z
N ALA A 1 -17.02 -3.23 -4.33
CA ALA A 1 -15.70 -3.88 -4.47
C ALA A 1 -15.86 -5.37 -4.78
N GLY A 2 -15.01 -5.88 -5.68
CA GLY A 2 -15.08 -7.27 -6.06
C GLY A 2 -14.82 -8.21 -4.89
N HIS A 3 -13.86 -7.86 -4.05
CA HIS A 3 -13.53 -8.70 -2.90
C HIS A 3 -14.64 -8.61 -1.86
N MET A 4 -15.01 -9.76 -1.29
CA MET A 4 -16.13 -9.83 -0.34
C MET A 4 -15.86 -9.04 0.93
N GLN A 5 -14.65 -9.14 1.46
CA GLN A 5 -14.33 -8.46 2.70
C GLN A 5 -12.94 -7.87 2.67
N VAL A 6 -11.92 -8.71 2.73
CA VAL A 6 -10.56 -8.24 2.76
C VAL A 6 -9.85 -8.54 1.46
N ALA A 7 -9.26 -7.52 0.88
CA ALA A 7 -8.53 -7.67 -0.36
C ALA A 7 -7.06 -7.71 -0.07
N THR A 8 -6.37 -8.66 -0.70
CA THR A 8 -4.95 -8.76 -0.54
C THR A 8 -4.26 -8.37 -1.81
N SER A 9 -3.12 -7.77 -1.68
CA SER A 9 -2.36 -7.37 -2.82
C SER A 9 -0.91 -7.19 -2.46
N THR A 10 -0.05 -7.48 -3.40
CA THR A 10 1.33 -7.22 -3.26
C THR A 10 1.71 -6.15 -4.26
N VAL A 11 1.99 -4.97 -3.76
CA VAL A 11 2.30 -3.85 -4.62
C VAL A 11 3.81 -3.71 -4.77
N ARG A 12 4.28 -3.71 -6.01
CA ARG A 12 5.71 -3.57 -6.23
C ARG A 12 6.12 -2.15 -6.02
N ILE A 13 7.28 -1.96 -5.44
CA ILE A 13 7.79 -0.64 -5.16
C ILE A 13 9.03 -0.38 -5.99
N LEU A 14 8.98 0.63 -6.84
CA LEU A 14 10.12 0.97 -7.66
C LEU A 14 10.51 2.42 -7.44
N GLY A 15 11.70 2.62 -6.94
CA GLY A 15 12.20 3.95 -6.72
C GLY A 15 13.63 3.93 -6.25
N MET A 16 14.35 5.01 -6.51
CA MET A 16 15.73 5.12 -6.07
C MET A 16 15.82 5.15 -4.56
N THR A 17 14.91 5.85 -3.93
CA THR A 17 14.85 5.91 -2.50
C THR A 17 13.61 5.19 -1.98
N CYS A 18 13.75 3.87 -1.83
CA CYS A 18 12.65 3.03 -1.39
C CYS A 18 12.17 3.44 0.00
N GLN A 19 13.11 3.68 0.90
CA GLN A 19 12.78 4.05 2.27
C GLN A 19 11.97 5.35 2.32
N SER A 20 12.36 6.30 1.47
CA SER A 20 11.67 7.58 1.42
C SER A 20 10.21 7.43 0.99
N CYS A 21 9.97 6.61 -0.04
CA CYS A 21 8.61 6.40 -0.51
C CYS A 21 7.80 5.55 0.46
N VAL A 22 8.47 4.60 1.12
CA VAL A 22 7.80 3.77 2.12
C VAL A 22 7.32 4.64 3.26
N LYS A 23 8.19 5.56 3.66
CA LYS A 23 7.87 6.52 4.70
C LYS A 23 6.68 7.36 4.28
N SER A 24 6.72 7.81 3.04
CA SER A 24 5.69 8.66 2.47
C SER A 24 4.33 7.97 2.46
N ILE A 25 4.28 6.74 1.95
CA ILE A 25 3.03 6.01 1.84
C ILE A 25 2.53 5.54 3.21
N GLU A 26 3.46 5.16 4.09
CA GLU A 26 3.10 4.63 5.39
C GLU A 26 2.36 5.68 6.21
N ASP A 27 2.85 6.91 6.18
CA ASP A 27 2.20 7.98 6.91
C ASP A 27 0.81 8.26 6.35
N ARG A 28 0.71 8.37 5.04
CA ARG A 28 -0.55 8.70 4.39
C ARG A 28 -1.61 7.61 4.60
N ILE A 29 -1.21 6.36 4.47
CA ILE A 29 -2.14 5.26 4.63
C ILE A 29 -2.59 5.13 6.08
N SER A 30 -1.68 5.41 7.02
CA SER A 30 -2.03 5.37 8.42
C SER A 30 -2.93 6.55 8.78
N ASN A 31 -2.88 7.61 7.97
CA ASN A 31 -3.78 8.75 8.15
C ASN A 31 -5.19 8.35 7.76
N LEU A 32 -5.29 7.38 6.86
CA LEU A 32 -6.58 6.85 6.47
C LEU A 32 -7.13 5.94 7.57
N LYS A 33 -8.36 6.18 7.98
CA LYS A 33 -8.99 5.38 9.01
C LYS A 33 -9.66 4.15 8.43
N GLY A 34 -9.78 3.11 9.23
CA GLY A 34 -10.39 1.88 8.76
C GLY A 34 -9.36 0.89 8.30
N ILE A 35 -8.10 1.20 8.56
CA ILE A 35 -6.99 0.34 8.19
C ILE A 35 -6.95 -0.94 9.02
N ILE A 36 -6.68 -2.05 8.35
CA ILE A 36 -6.60 -3.35 9.01
C ILE A 36 -5.13 -3.67 9.32
N SER A 37 -4.34 -4.00 8.27
CA SER A 37 -2.93 -4.30 8.46
C SER A 37 -2.21 -4.38 7.12
N MET A 38 -0.93 -4.04 7.11
CA MET A 38 -0.10 -4.14 5.92
C MET A 38 1.35 -4.33 6.32
N LYS A 39 2.14 -4.84 5.40
CA LYS A 39 3.56 -5.01 5.63
C LYS A 39 4.34 -4.69 4.38
N VAL A 40 5.27 -3.77 4.51
CA VAL A 40 6.16 -3.45 3.42
C VAL A 40 7.41 -4.29 3.55
N SER A 41 7.68 -5.12 2.56
CA SER A 41 8.81 -6.00 2.62
C SER A 41 9.90 -5.56 1.64
N LEU A 42 11.01 -5.10 2.18
CA LEU A 42 12.13 -4.67 1.37
C LEU A 42 12.74 -5.84 0.62
N GLU A 43 12.79 -6.99 1.27
CA GLU A 43 13.36 -8.19 0.67
C GLU A 43 12.57 -8.60 -0.58
N GLN A 44 11.25 -8.52 -0.48
CA GLN A 44 10.38 -8.86 -1.59
C GLN A 44 10.37 -7.75 -2.64
N GLY A 45 10.60 -6.53 -2.19
CA GLY A 45 10.53 -5.38 -3.07
C GLY A 45 9.08 -5.00 -3.31
N SER A 46 8.21 -5.51 -2.45
CA SER A 46 6.80 -5.29 -2.55
C SER A 46 6.16 -5.28 -1.17
N ALA A 47 4.95 -4.81 -1.07
CA ALA A 47 4.27 -4.75 0.20
C ALA A 47 3.01 -5.61 0.19
N THR A 48 2.78 -6.30 1.30
CA THR A 48 1.60 -7.11 1.46
C THR A 48 0.50 -6.24 2.07
N VAL A 49 -0.58 -6.11 1.35
CA VAL A 49 -1.66 -5.23 1.74
C VAL A 49 -2.93 -6.01 2.07
N LYS A 50 -3.47 -5.81 3.27
CA LYS A 50 -4.74 -6.41 3.65
C LYS A 50 -5.69 -5.34 4.15
N TYR A 51 -6.64 -4.97 3.32
CA TYR A 51 -7.64 -3.97 3.68
C TYR A 51 -8.99 -4.29 3.10
N VAL A 52 -10.01 -3.72 3.71
CA VAL A 52 -11.34 -3.84 3.17
C VAL A 52 -11.49 -2.79 2.09
N PRO A 53 -11.65 -3.22 0.82
CA PRO A 53 -11.66 -2.31 -0.34
C PRO A 53 -12.79 -1.29 -0.31
N SER A 54 -13.89 -1.63 0.34
CA SER A 54 -15.00 -0.71 0.47
C SER A 54 -14.63 0.44 1.42
N VAL A 55 -13.93 0.12 2.50
CA VAL A 55 -13.51 1.13 3.47
C VAL A 55 -12.33 1.94 2.93
N VAL A 56 -11.31 1.23 2.46
CA VAL A 56 -10.13 1.85 1.89
C VAL A 56 -9.86 1.25 0.53
N CYS A 57 -9.79 2.07 -0.49
CA CYS A 57 -9.53 1.57 -1.82
C CYS A 57 -8.03 1.49 -2.08
N LEU A 58 -7.63 0.48 -2.82
CA LEU A 58 -6.23 0.24 -3.14
C LEU A 58 -5.70 1.32 -4.08
N GLN A 59 -6.59 1.92 -4.87
CA GLN A 59 -6.22 2.97 -5.79
C GLN A 59 -5.60 4.16 -5.04
N GLN A 60 -6.20 4.52 -3.90
CA GLN A 60 -5.65 5.60 -3.08
C GLN A 60 -4.27 5.27 -2.55
N VAL A 61 -4.08 4.02 -2.17
CA VAL A 61 -2.78 3.58 -1.68
C VAL A 61 -1.72 3.77 -2.76
N CYS A 62 -2.05 3.34 -3.97
CA CYS A 62 -1.19 3.51 -5.12
C CYS A 62 -0.98 5.00 -5.39
N HIS A 63 -2.06 5.76 -5.24
CA HIS A 63 -2.06 7.21 -5.45
C HIS A 63 -1.07 7.90 -4.52
N GLN A 64 -1.08 7.50 -3.27
CA GLN A 64 -0.25 8.12 -2.24
C GLN A 64 1.24 8.00 -2.57
N ILE A 65 1.65 6.83 -2.99
CA ILE A 65 3.05 6.63 -3.35
C ILE A 65 3.37 7.13 -4.76
N GLY A 66 2.42 6.94 -5.68
CA GLY A 66 2.61 7.36 -7.06
C GLY A 66 2.78 8.87 -7.19
N ASP A 67 1.97 9.62 -6.44
CA ASP A 67 2.02 11.09 -6.45
C ASP A 67 3.35 11.59 -5.93
N MET A 68 3.96 10.81 -5.05
CA MET A 68 5.26 11.14 -4.48
C MET A 68 6.33 11.21 -5.58
N GLY A 69 6.14 10.43 -6.64
CA GLY A 69 7.08 10.42 -7.73
C GLY A 69 7.71 9.07 -7.94
N PHE A 70 7.24 8.09 -7.20
CA PHE A 70 7.77 6.75 -7.30
C PHE A 70 6.72 5.83 -7.89
N GLU A 71 7.15 4.78 -8.56
CA GLU A 71 6.24 3.89 -9.22
C GLU A 71 5.88 2.69 -8.36
N ALA A 72 4.61 2.38 -8.31
CA ALA A 72 4.10 1.24 -7.60
C ALA A 72 3.00 0.61 -8.42
N SER A 73 2.89 -0.71 -8.36
CA SER A 73 1.87 -1.39 -9.15
C SER A 73 1.22 -2.52 -8.36
N ILE A 74 -0.09 -2.63 -8.51
CA ILE A 74 -0.89 -3.62 -7.82
C ILE A 74 -0.79 -5.01 -8.47
N ALA A 75 -0.67 -6.02 -7.63
CA ALA A 75 -0.63 -7.41 -8.04
C ALA A 75 -1.17 -8.25 -6.91
N GLU A 76 -1.59 -9.46 -7.20
CA GLU A 76 -2.10 -10.31 -6.14
C GLU A 76 -1.13 -11.46 -5.89
N ALA A 1 -17.59 -8.14 13.21
CA ALA A 1 -16.66 -7.05 13.53
C ALA A 1 -15.99 -6.52 12.27
N GLY A 2 -15.06 -7.29 11.74
CA GLY A 2 -14.38 -6.90 10.53
C GLY A 2 -15.12 -7.32 9.30
N HIS A 3 -14.52 -7.13 8.16
CA HIS A 3 -15.14 -7.53 6.92
C HIS A 3 -14.75 -8.95 6.59
N MET A 4 -15.76 -9.78 6.34
CA MET A 4 -15.52 -11.17 6.01
C MET A 4 -14.76 -11.28 4.70
N GLN A 5 -15.15 -10.46 3.75
CA GLN A 5 -14.48 -10.40 2.47
C GLN A 5 -13.43 -9.32 2.48
N VAL A 6 -12.21 -9.71 2.22
CA VAL A 6 -11.10 -8.78 2.22
C VAL A 6 -10.32 -8.91 0.92
N ALA A 7 -9.72 -7.82 0.51
CA ALA A 7 -8.95 -7.83 -0.72
C ALA A 7 -7.53 -7.44 -0.45
N THR A 8 -6.62 -8.11 -1.12
CA THR A 8 -5.22 -7.81 -0.99
C THR A 8 -4.68 -7.44 -2.36
N SER A 9 -3.74 -6.54 -2.38
CA SER A 9 -3.15 -6.11 -3.61
C SER A 9 -1.67 -5.92 -3.41
N THR A 10 -0.90 -6.27 -4.42
CA THR A 10 0.52 -6.15 -4.35
C THR A 10 1.00 -5.03 -5.25
N VAL A 11 1.86 -4.22 -4.73
CA VAL A 11 2.40 -3.12 -5.49
C VAL A 11 3.91 -3.17 -5.46
N ARG A 12 4.53 -2.68 -6.48
CA ARG A 12 5.97 -2.65 -6.51
C ARG A 12 6.42 -1.22 -6.34
N ILE A 13 7.55 -1.05 -5.70
CA ILE A 13 8.06 0.27 -5.44
C ILE A 13 9.43 0.45 -6.09
N LEU A 14 9.55 1.48 -6.89
CA LEU A 14 10.80 1.78 -7.52
C LEU A 14 11.28 3.17 -7.08
N GLY A 15 12.41 3.20 -6.40
CA GLY A 15 12.96 4.46 -5.94
C GLY A 15 14.34 4.27 -5.37
N MET A 16 15.14 5.33 -5.39
CA MET A 16 16.50 5.29 -4.86
C MET A 16 16.48 5.12 -3.35
N THR A 17 15.56 5.81 -2.70
CA THR A 17 15.41 5.74 -1.26
C THR A 17 14.20 4.90 -0.88
N CYS A 18 14.43 3.60 -0.72
CA CYS A 18 13.36 2.66 -0.43
C CYS A 18 12.71 2.93 0.93
N GLN A 19 13.50 3.26 1.92
CA GLN A 19 12.96 3.51 3.25
C GLN A 19 12.05 4.73 3.26
N SER A 20 12.44 5.76 2.52
CA SER A 20 11.67 6.99 2.45
C SER A 20 10.27 6.76 1.87
N CYS A 21 10.19 5.98 0.79
CA CYS A 21 8.91 5.70 0.16
C CYS A 21 8.04 4.81 1.04
N VAL A 22 8.66 3.81 1.67
CA VAL A 22 7.95 2.90 2.55
C VAL A 22 7.38 3.67 3.73
N LYS A 23 8.19 4.55 4.30
CA LYS A 23 7.77 5.34 5.44
C LYS A 23 6.63 6.28 5.05
N SER A 24 6.75 6.88 3.85
CA SER A 24 5.75 7.83 3.35
C SER A 24 4.37 7.18 3.19
N ILE A 25 4.33 5.96 2.63
CA ILE A 25 3.05 5.28 2.48
C ILE A 25 2.54 4.82 3.83
N GLU A 26 3.46 4.43 4.69
CA GLU A 26 3.12 4.00 6.04
C GLU A 26 2.43 5.13 6.78
N ASP A 27 3.00 6.32 6.65
CA ASP A 27 2.47 7.51 7.33
C ASP A 27 1.05 7.82 6.84
N ARG A 28 0.86 7.87 5.53
CA ARG A 28 -0.44 8.18 4.96
C ARG A 28 -1.47 7.09 5.21
N ILE A 29 -1.06 5.83 5.07
CA ILE A 29 -1.94 4.69 5.32
C ILE A 29 -2.35 4.64 6.80
N SER A 30 -1.39 4.87 7.68
CA SER A 30 -1.64 4.84 9.12
C SER A 30 -2.70 5.90 9.49
N ASN A 31 -2.58 7.08 8.88
CA ASN A 31 -3.53 8.17 9.12
C ASN A 31 -4.91 7.83 8.55
N LEU A 32 -4.92 7.00 7.51
CA LEU A 32 -6.16 6.61 6.85
C LEU A 32 -6.97 5.67 7.75
N LYS A 33 -8.25 5.97 7.88
CA LYS A 33 -9.14 5.16 8.69
C LYS A 33 -9.70 4.00 7.87
N GLY A 34 -10.03 2.91 8.55
CA GLY A 34 -10.60 1.76 7.89
C GLY A 34 -9.54 0.79 7.41
N ILE A 35 -8.29 1.06 7.77
CA ILE A 35 -7.19 0.19 7.36
C ILE A 35 -7.21 -1.12 8.12
N ILE A 36 -6.95 -2.21 7.42
CA ILE A 36 -6.95 -3.52 8.02
C ILE A 36 -5.53 -3.93 8.39
N SER A 37 -4.69 -4.16 7.38
CA SER A 37 -3.31 -4.54 7.61
C SER A 37 -2.48 -4.31 6.36
N MET A 38 -1.19 -4.08 6.54
CA MET A 38 -0.29 -3.87 5.42
C MET A 38 1.02 -4.59 5.67
N LYS A 39 1.65 -5.05 4.59
CA LYS A 39 2.92 -5.76 4.68
C LYS A 39 3.87 -5.22 3.63
N VAL A 40 5.14 -5.13 3.96
CA VAL A 40 6.12 -4.66 3.00
C VAL A 40 7.30 -5.61 2.92
N SER A 41 7.79 -5.84 1.71
CA SER A 41 8.94 -6.68 1.49
C SER A 41 10.05 -5.86 0.85
N LEU A 42 11.03 -5.46 1.66
CA LEU A 42 12.13 -4.62 1.20
C LEU A 42 12.96 -5.31 0.12
N GLU A 43 13.28 -6.58 0.36
CA GLU A 43 14.12 -7.35 -0.57
C GLU A 43 13.46 -7.47 -1.93
N GLN A 44 12.17 -7.77 -1.94
CA GLN A 44 11.42 -7.95 -3.19
C GLN A 44 11.10 -6.62 -3.84
N GLY A 45 11.04 -5.56 -3.05
CA GLY A 45 10.69 -4.26 -3.58
C GLY A 45 9.20 -4.15 -3.82
N SER A 46 8.45 -5.04 -3.20
CA SER A 46 7.01 -5.07 -3.36
C SER A 46 6.33 -5.02 -1.99
N ALA A 47 5.13 -4.48 -1.97
CA ALA A 47 4.37 -4.36 -0.76
C ALA A 47 2.98 -4.92 -0.96
N THR A 48 2.41 -5.46 0.09
CA THR A 48 1.09 -6.04 0.04
C THR A 48 0.15 -5.25 0.93
N VAL A 49 -0.95 -4.78 0.37
CA VAL A 49 -1.90 -4.00 1.13
C VAL A 49 -3.22 -4.75 1.26
N LYS A 50 -3.66 -4.93 2.48
CA LYS A 50 -4.92 -5.57 2.76
C LYS A 50 -5.92 -4.51 3.19
N TYR A 51 -6.87 -4.21 2.32
CA TYR A 51 -7.82 -3.16 2.58
C TYR A 51 -9.12 -3.45 1.84
N VAL A 52 -10.23 -2.94 2.35
CA VAL A 52 -11.52 -3.13 1.71
C VAL A 52 -11.68 -2.12 0.56
N PRO A 53 -11.74 -2.62 -0.70
CA PRO A 53 -11.76 -1.77 -1.89
C PRO A 53 -13.03 -0.92 -2.02
N SER A 54 -14.10 -1.36 -1.37
CA SER A 54 -15.36 -0.62 -1.43
C SER A 54 -15.23 0.75 -0.77
N VAL A 55 -14.41 0.84 0.27
CA VAL A 55 -14.22 2.09 0.97
C VAL A 55 -13.17 2.94 0.25
N VAL A 56 -11.96 2.42 0.17
CA VAL A 56 -10.87 3.11 -0.51
C VAL A 56 -10.21 2.18 -1.51
N CYS A 57 -10.10 2.63 -2.75
CA CYS A 57 -9.45 1.85 -3.77
C CYS A 57 -7.93 1.91 -3.61
N LEU A 58 -7.25 0.91 -4.12
CA LEU A 58 -5.81 0.84 -4.04
C LEU A 58 -5.17 1.85 -4.98
N GLN A 59 -5.96 2.37 -5.93
CA GLN A 59 -5.48 3.38 -6.85
C GLN A 59 -5.05 4.64 -6.10
N GLN A 60 -5.85 5.02 -5.11
CA GLN A 60 -5.54 6.20 -4.30
C GLN A 60 -4.26 5.97 -3.50
N VAL A 61 -4.09 4.74 -3.02
CA VAL A 61 -2.89 4.35 -2.27
C VAL A 61 -1.65 4.51 -3.16
N CYS A 62 -1.79 4.12 -4.42
CA CYS A 62 -0.74 4.26 -5.41
C CYS A 62 -0.37 5.73 -5.57
N HIS A 63 -1.39 6.58 -5.55
CA HIS A 63 -1.18 8.02 -5.66
C HIS A 63 -0.48 8.57 -4.42
N GLN A 64 -0.68 7.92 -3.27
CA GLN A 64 -0.05 8.37 -2.03
C GLN A 64 1.47 8.30 -2.15
N ILE A 65 1.98 7.22 -2.74
CA ILE A 65 3.41 7.07 -2.94
C ILE A 65 3.90 7.88 -4.14
N GLY A 66 3.10 7.89 -5.22
CA GLY A 66 3.46 8.65 -6.41
C GLY A 66 3.58 10.13 -6.14
N ASP A 67 2.66 10.64 -5.32
CA ASP A 67 2.64 12.05 -4.94
C ASP A 67 3.95 12.44 -4.26
N MET A 68 4.46 11.52 -3.44
CA MET A 68 5.72 11.74 -2.74
C MET A 68 6.88 11.90 -3.72
N GLY A 69 6.77 11.28 -4.89
CA GLY A 69 7.82 11.39 -5.88
C GLY A 69 8.44 10.05 -6.22
N PHE A 70 7.85 8.99 -5.71
CA PHE A 70 8.34 7.65 -5.97
C PHE A 70 7.43 6.94 -6.95
N GLU A 71 8.00 6.03 -7.72
CA GLU A 71 7.24 5.30 -8.71
C GLU A 71 6.74 3.98 -8.13
N ALA A 72 5.51 3.64 -8.44
CA ALA A 72 4.92 2.40 -7.98
C ALA A 72 3.94 1.86 -9.01
N SER A 73 3.82 0.55 -9.05
CA SER A 73 2.89 -0.09 -9.96
C SER A 73 2.02 -1.06 -9.17
N ILE A 74 0.73 -1.09 -9.51
CA ILE A 74 -0.22 -1.90 -8.79
C ILE A 74 -0.55 -3.19 -9.54
N ALA A 75 -0.66 -4.27 -8.79
CA ALA A 75 -0.99 -5.56 -9.33
C ALA A 75 -1.77 -6.35 -8.29
N GLU A 76 -2.49 -7.34 -8.72
CA GLU A 76 -3.22 -8.17 -7.81
C GLU A 76 -2.38 -9.38 -7.44
N ALA A 1 -25.81 -9.28 9.90
CA ALA A 1 -24.44 -9.84 9.77
C ALA A 1 -24.10 -10.02 8.31
N GLY A 2 -22.96 -9.49 7.92
CA GLY A 2 -22.52 -9.61 6.56
C GLY A 2 -21.05 -9.90 6.47
N HIS A 3 -20.66 -10.62 5.44
CA HIS A 3 -19.28 -10.95 5.23
C HIS A 3 -18.51 -9.72 4.78
N MET A 4 -17.33 -9.54 5.32
CA MET A 4 -16.49 -8.42 4.95
C MET A 4 -15.52 -8.84 3.87
N GLN A 5 -15.76 -8.39 2.66
CA GLN A 5 -14.87 -8.72 1.57
C GLN A 5 -13.64 -7.83 1.64
N VAL A 6 -12.51 -8.46 1.81
CA VAL A 6 -11.25 -7.75 1.90
C VAL A 6 -10.35 -8.17 0.76
N ALA A 7 -9.85 -7.20 0.04
CA ALA A 7 -8.99 -7.48 -1.09
C ALA A 7 -7.54 -7.30 -0.70
N THR A 8 -6.74 -8.30 -0.98
CA THR A 8 -5.35 -8.23 -0.65
C THR A 8 -4.49 -8.32 -1.89
N SER A 9 -3.37 -7.65 -1.85
CA SER A 9 -2.45 -7.65 -2.96
C SER A 9 -1.08 -7.23 -2.46
N THR A 10 -0.08 -7.40 -3.28
CA THR A 10 1.24 -6.96 -2.93
C THR A 10 1.63 -5.83 -3.86
N VAL A 11 2.10 -4.74 -3.30
CA VAL A 11 2.48 -3.60 -4.10
C VAL A 11 3.98 -3.43 -4.08
N ARG A 12 4.58 -3.43 -5.25
CA ARG A 12 6.01 -3.27 -5.35
C ARG A 12 6.39 -1.81 -5.30
N ILE A 13 7.53 -1.55 -4.74
CA ILE A 13 8.02 -0.21 -4.59
C ILE A 13 9.28 -0.01 -5.42
N LEU A 14 9.25 0.96 -6.29
CA LEU A 14 10.38 1.26 -7.13
C LEU A 14 10.89 2.65 -6.85
N GLY A 15 12.12 2.76 -6.40
CA GLY A 15 12.67 4.05 -6.11
C GLY A 15 14.11 4.00 -5.72
N MET A 16 14.79 5.14 -5.89
CA MET A 16 16.18 5.27 -5.50
C MET A 16 16.33 5.06 -4.00
N THR A 17 15.47 5.71 -3.24
CA THR A 17 15.49 5.56 -1.80
C THR A 17 14.15 4.99 -1.36
N CYS A 18 14.17 3.73 -0.96
CA CYS A 18 12.98 3.03 -0.53
C CYS A 18 12.40 3.66 0.74
N GLN A 19 13.28 4.04 1.65
CA GLN A 19 12.86 4.58 2.94
C GLN A 19 12.03 5.85 2.77
N SER A 20 12.42 6.71 1.83
CA SER A 20 11.72 7.97 1.60
C SER A 20 10.27 7.73 1.17
N CYS A 21 10.07 6.82 0.23
CA CYS A 21 8.74 6.53 -0.27
C CYS A 21 7.92 5.72 0.74
N VAL A 22 8.58 4.81 1.46
CA VAL A 22 7.91 4.04 2.49
C VAL A 22 7.38 4.97 3.57
N LYS A 23 8.20 5.93 3.94
CA LYS A 23 7.82 6.92 4.93
C LYS A 23 6.60 7.69 4.46
N SER A 24 6.59 8.03 3.18
CA SER A 24 5.52 8.82 2.59
C SER A 24 4.17 8.11 2.74
N ILE A 25 4.14 6.84 2.39
CA ILE A 25 2.92 6.06 2.46
C ILE A 25 2.58 5.64 3.90
N GLU A 26 3.61 5.28 4.66
CA GLU A 26 3.44 4.78 6.03
C GLU A 26 2.77 5.81 6.92
N ASP A 27 3.26 7.02 6.85
CA ASP A 27 2.74 8.10 7.70
C ASP A 27 1.28 8.42 7.38
N ARG A 28 0.99 8.62 6.10
CA ARG A 28 -0.35 8.99 5.67
C ARG A 28 -1.36 7.88 5.95
N ILE A 29 -0.99 6.65 5.63
CA ILE A 29 -1.90 5.53 5.79
C ILE A 29 -2.16 5.23 7.28
N SER A 30 -1.16 5.50 8.13
CA SER A 30 -1.33 5.33 9.56
C SER A 30 -2.38 6.29 10.09
N ASN A 31 -2.39 7.51 9.54
CA ASN A 31 -3.35 8.51 9.93
C ASN A 31 -4.77 8.13 9.47
N LEU A 32 -4.84 7.34 8.39
CA LEU A 32 -6.12 6.94 7.83
C LEU A 32 -6.68 5.70 8.52
N LYS A 33 -7.97 5.74 8.78
CA LYS A 33 -8.70 4.66 9.41
C LYS A 33 -9.20 3.66 8.37
N GLY A 34 -9.42 2.42 8.78
CA GLY A 34 -9.92 1.42 7.84
C GLY A 34 -8.86 0.45 7.40
N ILE A 35 -7.70 0.54 8.01
CA ILE A 35 -6.60 -0.36 7.69
C ILE A 35 -6.64 -1.58 8.60
N ILE A 36 -6.51 -2.76 8.02
CA ILE A 36 -6.56 -3.99 8.79
C ILE A 36 -5.15 -4.48 9.10
N SER A 37 -4.38 -4.75 8.06
CA SER A 37 -3.04 -5.22 8.22
C SER A 37 -2.19 -4.81 7.03
N MET A 38 -0.97 -4.46 7.30
CA MET A 38 -0.04 -4.10 6.26
C MET A 38 1.34 -4.54 6.63
N LYS A 39 2.11 -4.90 5.65
CA LYS A 39 3.47 -5.34 5.87
C LYS A 39 4.38 -4.72 4.86
N VAL A 40 5.40 -4.04 5.32
CA VAL A 40 6.37 -3.47 4.44
C VAL A 40 7.64 -4.28 4.51
N SER A 41 8.00 -4.89 3.40
CA SER A 41 9.19 -5.69 3.36
C SER A 41 10.25 -5.01 2.52
N LEU A 42 11.24 -4.45 3.19
CA LEU A 42 12.32 -3.74 2.51
C LEU A 42 13.13 -4.70 1.66
N GLU A 43 13.30 -5.91 2.16
CA GLU A 43 14.08 -6.94 1.47
C GLU A 43 13.44 -7.30 0.14
N GLN A 44 12.11 -7.42 0.15
CA GLN A 44 11.37 -7.80 -1.04
C GLN A 44 11.09 -6.60 -1.93
N GLY A 45 11.03 -5.43 -1.34
CA GLY A 45 10.73 -4.24 -2.09
C GLY A 45 9.24 -4.17 -2.41
N SER A 46 8.46 -4.90 -1.65
CA SER A 46 7.02 -4.96 -1.84
C SER A 46 6.30 -4.90 -0.49
N ALA A 47 5.05 -4.46 -0.52
CA ALA A 47 4.25 -4.36 0.69
C ALA A 47 2.97 -5.18 0.58
N THR A 48 2.59 -5.81 1.67
CA THR A 48 1.38 -6.61 1.75
C THR A 48 0.20 -5.70 2.08
N VAL A 49 -0.81 -5.73 1.23
CA VAL A 49 -1.96 -4.88 1.35
C VAL A 49 -3.20 -5.64 1.83
N LYS A 50 -3.73 -5.24 2.97
CA LYS A 50 -4.98 -5.78 3.47
C LYS A 50 -5.74 -4.68 4.22
N TYR A 51 -6.75 -4.13 3.58
CA TYR A 51 -7.52 -3.03 4.14
C TYR A 51 -8.97 -3.21 3.79
N VAL A 52 -9.85 -2.48 4.45
CA VAL A 52 -11.26 -2.52 4.09
C VAL A 52 -11.47 -1.67 2.84
N PRO A 53 -11.85 -2.29 1.70
CA PRO A 53 -11.98 -1.59 0.41
C PRO A 53 -13.04 -0.51 0.43
N SER A 54 -14.02 -0.67 1.31
CA SER A 54 -15.08 0.29 1.45
C SER A 54 -14.54 1.63 1.95
N VAL A 55 -13.58 1.58 2.87
CA VAL A 55 -13.01 2.78 3.47
C VAL A 55 -11.74 3.20 2.73
N VAL A 56 -10.84 2.25 2.53
CA VAL A 56 -9.57 2.53 1.89
C VAL A 56 -9.49 1.80 0.56
N CYS A 57 -9.18 2.54 -0.48
CA CYS A 57 -9.06 1.97 -1.80
C CYS A 57 -7.60 1.83 -2.21
N LEU A 58 -7.31 0.83 -3.02
CA LEU A 58 -5.95 0.51 -3.45
C LEU A 58 -5.33 1.62 -4.29
N GLN A 59 -6.13 2.26 -5.13
CA GLN A 59 -5.61 3.29 -6.03
C GLN A 59 -5.05 4.48 -5.26
N GLN A 60 -5.73 4.88 -4.20
CA GLN A 60 -5.23 5.97 -3.35
C GLN A 60 -3.94 5.58 -2.67
N VAL A 61 -3.84 4.32 -2.27
CA VAL A 61 -2.64 3.81 -1.63
C VAL A 61 -1.43 3.99 -2.56
N CYS A 62 -1.64 3.68 -3.83
CA CYS A 62 -0.61 3.86 -4.84
C CYS A 62 -0.25 5.34 -4.97
N HIS A 63 -1.26 6.18 -4.89
CA HIS A 63 -1.08 7.62 -4.97
C HIS A 63 -0.32 8.16 -3.78
N GLN A 64 -0.58 7.57 -2.61
CA GLN A 64 0.03 8.03 -1.36
C GLN A 64 1.55 7.93 -1.44
N ILE A 65 2.03 6.84 -1.98
CA ILE A 65 3.46 6.65 -2.16
C ILE A 65 3.98 7.38 -3.41
N GLY A 66 3.14 7.42 -4.45
CA GLY A 66 3.51 8.04 -5.70
C GLY A 66 3.68 9.55 -5.60
N ASP A 67 3.02 10.17 -4.62
CA ASP A 67 3.11 11.62 -4.41
C ASP A 67 4.53 12.05 -4.14
N MET A 68 5.26 11.21 -3.42
CA MET A 68 6.65 11.46 -3.11
C MET A 68 7.50 11.53 -4.39
N GLY A 69 7.06 10.81 -5.42
CA GLY A 69 7.77 10.79 -6.67
C GLY A 69 8.33 9.44 -7.01
N PHE A 70 8.00 8.46 -6.18
CA PHE A 70 8.47 7.10 -6.39
C PHE A 70 7.36 6.22 -6.93
N GLU A 71 7.73 5.33 -7.83
CA GLU A 71 6.78 4.45 -8.49
C GLU A 71 6.40 3.24 -7.62
N ALA A 72 5.16 2.79 -7.79
CA ALA A 72 4.66 1.62 -7.11
C ALA A 72 3.65 0.92 -8.00
N SER A 73 3.54 -0.40 -7.91
CA SER A 73 2.60 -1.12 -8.74
C SER A 73 1.97 -2.29 -8.00
N ILE A 74 0.69 -2.52 -8.24
CA ILE A 74 -0.06 -3.57 -7.59
C ILE A 74 0.08 -4.90 -8.33
N ALA A 75 0.44 -5.93 -7.59
CA ALA A 75 0.57 -7.26 -8.14
C ALA A 75 0.00 -8.27 -7.16
N GLU A 76 -0.55 -9.34 -7.67
CA GLU A 76 -1.14 -10.36 -6.82
C GLU A 76 -0.31 -11.62 -6.87
N ALA A 1 -6.24 -12.49 -4.33
CA ALA A 1 -7.53 -13.18 -4.20
C ALA A 1 -7.82 -13.52 -2.75
N GLY A 2 -9.08 -13.50 -2.40
CA GLY A 2 -9.46 -13.80 -1.04
C GLY A 2 -10.79 -13.19 -0.69
N HIS A 3 -11.06 -13.08 0.59
CA HIS A 3 -12.31 -12.48 1.05
C HIS A 3 -12.32 -11.00 0.75
N MET A 4 -13.44 -10.51 0.26
CA MET A 4 -13.57 -9.10 -0.06
C MET A 4 -13.61 -8.23 1.19
N GLN A 5 -14.08 -8.80 2.29
CA GLN A 5 -14.15 -8.07 3.54
C GLN A 5 -12.74 -7.75 4.07
N VAL A 6 -11.84 -8.71 3.94
CA VAL A 6 -10.45 -8.53 4.32
C VAL A 6 -9.57 -9.01 3.18
N ALA A 7 -8.94 -8.09 2.48
CA ALA A 7 -8.13 -8.44 1.34
C ALA A 7 -6.67 -8.20 1.61
N THR A 8 -5.83 -9.07 1.07
CA THR A 8 -4.41 -8.92 1.20
C THR A 8 -3.84 -8.55 -0.15
N SER A 9 -2.87 -7.67 -0.15
CA SER A 9 -2.27 -7.26 -1.38
C SER A 9 -0.84 -6.88 -1.15
N THR A 10 0.02 -7.20 -2.08
CA THR A 10 1.38 -6.81 -2.00
C THR A 10 1.67 -5.86 -3.13
N VAL A 11 2.14 -4.70 -2.81
CA VAL A 11 2.43 -3.75 -3.84
C VAL A 11 3.92 -3.61 -4.03
N ARG A 12 4.36 -3.80 -5.25
CA ARG A 12 5.75 -3.71 -5.57
C ARG A 12 6.15 -2.25 -5.66
N ILE A 13 7.26 -1.90 -5.06
CA ILE A 13 7.66 -0.51 -4.99
C ILE A 13 8.95 -0.26 -5.73
N LEU A 14 8.93 0.71 -6.61
CA LEU A 14 10.10 1.10 -7.36
C LEU A 14 10.48 2.52 -6.97
N GLY A 15 11.68 2.68 -6.44
CA GLY A 15 12.15 3.99 -6.04
C GLY A 15 13.63 4.01 -5.80
N MET A 16 14.18 5.19 -5.55
CA MET A 16 15.61 5.35 -5.29
C MET A 16 15.99 4.61 -4.01
N THR A 17 15.19 4.80 -3.00
CA THR A 17 15.35 4.12 -1.73
C THR A 17 14.00 3.60 -1.27
N CYS A 18 13.95 2.34 -0.93
CA CYS A 18 12.70 1.70 -0.55
C CYS A 18 12.10 2.33 0.70
N GLN A 19 12.91 2.48 1.74
CA GLN A 19 12.41 2.96 3.03
C GLN A 19 11.85 4.37 2.94
N SER A 20 12.52 5.24 2.20
CA SER A 20 12.08 6.63 2.10
C SER A 20 10.68 6.74 1.45
N CYS A 21 10.48 6.03 0.33
CA CYS A 21 9.20 6.06 -0.35
C CYS A 21 8.13 5.32 0.45
N VAL A 22 8.56 4.26 1.16
CA VAL A 22 7.66 3.52 2.02
C VAL A 22 7.13 4.42 3.11
N LYS A 23 8.02 5.18 3.71
CA LYS A 23 7.63 6.10 4.76
C LYS A 23 6.72 7.20 4.23
N SER A 24 6.98 7.63 3.00
CA SER A 24 6.19 8.68 2.37
C SER A 24 4.71 8.26 2.28
N ILE A 25 4.48 7.05 1.79
CA ILE A 25 3.13 6.52 1.68
C ILE A 25 2.60 6.02 3.03
N GLU A 26 3.52 5.57 3.89
CA GLU A 26 3.17 5.01 5.20
C GLU A 26 2.41 6.00 6.04
N ASP A 27 2.89 7.23 6.10
CA ASP A 27 2.22 8.25 6.88
C ASP A 27 0.81 8.49 6.36
N ARG A 28 0.68 8.58 5.05
CA ARG A 28 -0.60 8.88 4.45
C ARG A 28 -1.59 7.71 4.65
N ILE A 29 -1.13 6.50 4.41
CA ILE A 29 -2.00 5.33 4.51
C ILE A 29 -2.33 4.98 5.96
N SER A 30 -1.39 5.21 6.87
CA SER A 30 -1.63 4.94 8.28
C SER A 30 -2.69 5.88 8.84
N ASN A 31 -2.69 7.12 8.37
CA ASN A 31 -3.71 8.08 8.77
C ASN A 31 -5.07 7.73 8.17
N LEU A 32 -5.05 7.06 7.03
CA LEU A 32 -6.28 6.60 6.40
C LEU A 32 -6.79 5.35 7.11
N LYS A 33 -8.03 5.39 7.55
CA LYS A 33 -8.62 4.26 8.22
C LYS A 33 -9.12 3.25 7.20
N GLY A 34 -9.17 1.99 7.59
CA GLY A 34 -9.61 0.96 6.69
C GLY A 34 -8.52 -0.03 6.37
N ILE A 35 -7.35 0.20 6.92
CA ILE A 35 -6.23 -0.71 6.73
C ILE A 35 -5.94 -1.47 8.02
N ILE A 36 -5.96 -2.79 7.93
CA ILE A 36 -5.74 -3.64 9.08
C ILE A 36 -4.28 -3.60 9.54
N SER A 37 -3.37 -3.77 8.59
CA SER A 37 -1.95 -3.79 8.91
C SER A 37 -1.11 -3.50 7.67
N MET A 38 0.04 -2.90 7.88
CA MET A 38 0.97 -2.60 6.79
C MET A 38 2.35 -3.15 7.10
N LYS A 39 2.83 -4.03 6.26
CA LYS A 39 4.16 -4.61 6.43
C LYS A 39 4.93 -4.53 5.12
N VAL A 40 6.22 -4.35 5.21
CA VAL A 40 7.03 -4.18 4.02
C VAL A 40 8.16 -5.20 3.95
N SER A 41 8.28 -5.85 2.82
CA SER A 41 9.34 -6.81 2.61
C SER A 41 10.37 -6.23 1.65
N LEU A 42 11.50 -5.83 2.21
CA LEU A 42 12.58 -5.26 1.41
C LEU A 42 13.14 -6.29 0.44
N GLU A 43 13.27 -7.52 0.92
CA GLU A 43 13.81 -8.60 0.10
C GLU A 43 12.94 -8.86 -1.11
N GLN A 44 11.64 -8.83 -0.90
CA GLN A 44 10.68 -9.03 -1.98
C GLN A 44 10.59 -7.77 -2.85
N GLY A 45 10.83 -6.62 -2.25
CA GLY A 45 10.73 -5.36 -2.97
C GLY A 45 9.29 -4.88 -3.05
N SER A 46 8.46 -5.40 -2.17
CA SER A 46 7.06 -5.06 -2.15
C SER A 46 6.54 -4.99 -0.73
N ALA A 47 5.37 -4.42 -0.56
CA ALA A 47 4.77 -4.28 0.74
C ALA A 47 3.47 -5.06 0.82
N THR A 48 3.32 -5.80 1.89
CA THR A 48 2.14 -6.61 2.10
C THR A 48 1.20 -5.86 3.03
N VAL A 49 0.01 -5.61 2.56
CA VAL A 49 -0.96 -4.91 3.37
C VAL A 49 -2.28 -5.65 3.44
N LYS A 50 -2.94 -5.47 4.55
CA LYS A 50 -4.25 -6.01 4.76
C LYS A 50 -5.20 -4.86 4.91
N TYR A 51 -6.23 -4.81 4.09
CA TYR A 51 -7.12 -3.67 4.10
C TYR A 51 -8.52 -4.06 3.69
N VAL A 52 -9.46 -3.18 3.94
CA VAL A 52 -10.83 -3.37 3.55
C VAL A 52 -11.09 -2.57 2.27
N PRO A 53 -11.29 -3.27 1.13
CA PRO A 53 -11.54 -2.64 -0.19
C PRO A 53 -12.74 -1.70 -0.17
N SER A 54 -13.67 -1.97 0.73
CA SER A 54 -14.85 -1.14 0.87
C SER A 54 -14.47 0.29 1.28
N VAL A 55 -13.48 0.42 2.16
CA VAL A 55 -13.05 1.71 2.66
C VAL A 55 -11.97 2.35 1.78
N VAL A 56 -10.95 1.58 1.43
CA VAL A 56 -9.84 2.10 0.63
C VAL A 56 -9.66 1.31 -0.64
N CYS A 57 -8.99 1.89 -1.62
CA CYS A 57 -8.82 1.25 -2.91
C CYS A 57 -7.39 1.35 -3.40
N LEU A 58 -7.07 0.57 -4.43
CA LEU A 58 -5.74 0.54 -5.03
C LEU A 58 -5.34 1.90 -5.59
N GLN A 59 -6.25 2.55 -6.29
CA GLN A 59 -5.97 3.83 -6.92
C GLN A 59 -5.58 4.85 -5.88
N GLN A 60 -6.29 4.85 -4.76
CA GLN A 60 -6.00 5.77 -3.66
C GLN A 60 -4.59 5.52 -3.12
N VAL A 61 -4.25 4.25 -2.91
CA VAL A 61 -2.93 3.87 -2.40
C VAL A 61 -1.84 4.24 -3.41
N CYS A 62 -2.08 3.90 -4.67
CA CYS A 62 -1.16 4.20 -5.74
C CYS A 62 -0.94 5.69 -5.85
N HIS A 63 -2.02 6.45 -5.69
CA HIS A 63 -1.99 7.90 -5.76
C HIS A 63 -1.07 8.48 -4.71
N GLN A 64 -1.12 7.93 -3.49
CA GLN A 64 -0.35 8.46 -2.38
C GLN A 64 1.15 8.41 -2.67
N ILE A 65 1.63 7.29 -3.20
CA ILE A 65 3.05 7.16 -3.52
C ILE A 65 3.38 7.75 -4.89
N GLY A 66 2.45 7.62 -5.83
CA GLY A 66 2.65 8.12 -7.18
C GLY A 66 2.83 9.61 -7.22
N ASP A 67 2.06 10.31 -6.39
CA ASP A 67 2.14 11.77 -6.29
C ASP A 67 3.54 12.20 -5.85
N MET A 68 4.10 11.43 -4.92
CA MET A 68 5.46 11.68 -4.44
C MET A 68 6.48 11.51 -5.56
N GLY A 69 6.17 10.64 -6.51
CA GLY A 69 7.06 10.43 -7.63
C GLY A 69 7.63 9.04 -7.70
N PHE A 70 7.15 8.15 -6.85
CA PHE A 70 7.63 6.79 -6.85
C PHE A 70 6.51 5.85 -7.27
N GLU A 71 6.87 4.83 -8.02
CA GLU A 71 5.86 3.96 -8.62
C GLU A 71 5.68 2.66 -7.85
N ALA A 72 4.42 2.31 -7.62
CA ALA A 72 4.07 1.08 -6.96
C ALA A 72 2.99 0.36 -7.76
N SER A 73 3.10 -0.95 -7.89
CA SER A 73 2.14 -1.73 -8.66
C SER A 73 1.59 -2.88 -7.83
N ILE A 74 0.31 -3.19 -8.02
CA ILE A 74 -0.36 -4.21 -7.22
C ILE A 74 0.03 -5.63 -7.61
N ALA A 75 0.14 -6.47 -6.62
CA ALA A 75 0.34 -7.90 -6.79
C ALA A 75 -0.46 -8.63 -5.72
N GLU A 76 -1.29 -9.55 -6.12
CA GLU A 76 -2.11 -10.28 -5.17
C GLU A 76 -1.77 -11.75 -5.16
N ALA A 1 -21.64 -5.19 9.67
CA ALA A 1 -21.15 -6.55 9.40
C ALA A 1 -21.54 -7.00 8.00
N GLY A 2 -22.69 -7.67 7.88
CA GLY A 2 -23.15 -8.17 6.60
C GLY A 2 -22.13 -9.09 5.98
N HIS A 3 -21.82 -8.85 4.73
CA HIS A 3 -20.80 -9.62 4.06
C HIS A 3 -19.45 -8.93 4.26
N MET A 4 -18.46 -9.67 4.68
CA MET A 4 -17.15 -9.09 4.92
C MET A 4 -16.20 -9.44 3.81
N GLN A 5 -15.70 -8.41 3.16
CA GLN A 5 -14.77 -8.59 2.07
C GLN A 5 -13.43 -7.99 2.40
N VAL A 6 -12.41 -8.79 2.26
CA VAL A 6 -11.05 -8.35 2.49
C VAL A 6 -10.14 -8.99 1.45
N ALA A 7 -9.22 -8.23 0.91
CA ALA A 7 -8.35 -8.75 -0.11
C ALA A 7 -6.91 -8.45 0.22
N THR A 8 -6.05 -9.39 -0.11
CA THR A 8 -4.64 -9.23 0.08
C THR A 8 -3.96 -9.04 -1.24
N SER A 9 -3.17 -8.01 -1.34
CA SER A 9 -2.46 -7.71 -2.55
C SER A 9 -1.07 -7.24 -2.22
N THR A 10 -0.13 -7.60 -3.05
CA THR A 10 1.21 -7.19 -2.87
C THR A 10 1.59 -6.20 -3.94
N VAL A 11 1.96 -5.02 -3.52
CA VAL A 11 2.34 -3.99 -4.47
C VAL A 11 3.84 -3.88 -4.48
N ARG A 12 4.42 -3.78 -5.65
CA ARG A 12 5.85 -3.66 -5.74
C ARG A 12 6.25 -2.22 -5.55
N ILE A 13 7.43 -2.00 -5.03
CA ILE A 13 7.94 -0.68 -4.83
C ILE A 13 9.11 -0.44 -5.75
N LEU A 14 9.01 0.57 -6.58
CA LEU A 14 10.07 0.91 -7.50
C LEU A 14 10.50 2.35 -7.26
N GLY A 15 11.67 2.53 -6.70
CA GLY A 15 12.14 3.85 -6.43
C GLY A 15 13.59 3.90 -6.06
N MET A 16 14.20 5.05 -6.29
CA MET A 16 15.60 5.26 -5.95
C MET A 16 15.80 5.17 -4.44
N THR A 17 14.87 5.72 -3.69
CA THR A 17 14.91 5.65 -2.26
C THR A 17 13.64 4.99 -1.74
N CYS A 18 13.76 3.73 -1.34
CA CYS A 18 12.63 2.94 -0.89
C CYS A 18 12.04 3.49 0.42
N GLN A 19 12.90 3.92 1.32
CA GLN A 19 12.45 4.39 2.63
C GLN A 19 11.55 5.62 2.52
N SER A 20 11.90 6.55 1.63
CA SER A 20 11.11 7.76 1.48
C SER A 20 9.67 7.45 1.01
N CYS A 21 9.53 6.55 0.03
CA CYS A 21 8.21 6.19 -0.47
C CYS A 21 7.43 5.37 0.54
N VAL A 22 8.13 4.49 1.26
CA VAL A 22 7.50 3.66 2.26
C VAL A 22 6.93 4.54 3.37
N LYS A 23 7.71 5.50 3.80
CA LYS A 23 7.28 6.41 4.85
C LYS A 23 6.07 7.22 4.41
N SER A 24 6.11 7.70 3.17
CA SER A 24 5.03 8.52 2.63
C SER A 24 3.71 7.76 2.62
N ILE A 25 3.74 6.51 2.20
CA ILE A 25 2.54 5.72 2.17
C ILE A 25 2.14 5.24 3.58
N GLU A 26 3.12 4.84 4.37
CA GLU A 26 2.87 4.30 5.71
C GLU A 26 2.23 5.33 6.63
N ASP A 27 2.79 6.52 6.68
CA ASP A 27 2.25 7.56 7.54
C ASP A 27 0.85 7.96 7.10
N ARG A 28 0.69 8.17 5.80
CA ARG A 28 -0.58 8.61 5.26
C ARG A 28 -1.69 7.56 5.38
N ILE A 29 -1.37 6.30 5.10
CA ILE A 29 -2.38 5.26 5.19
C ILE A 29 -2.80 5.04 6.64
N SER A 30 -1.86 5.15 7.56
CA SER A 30 -2.18 5.00 8.97
C SER A 30 -2.93 6.23 9.49
N ASN A 31 -2.81 7.35 8.78
CA ASN A 31 -3.59 8.55 9.11
C ASN A 31 -5.04 8.34 8.74
N LEU A 32 -5.25 7.49 7.74
CA LEU A 32 -6.59 7.18 7.29
C LEU A 32 -7.12 5.93 7.99
N LYS A 33 -8.20 6.08 8.71
CA LYS A 33 -8.78 4.96 9.42
C LYS A 33 -9.61 4.10 8.49
N GLY A 34 -9.72 2.84 8.81
CA GLY A 34 -10.40 1.90 7.95
C GLY A 34 -9.43 0.87 7.42
N ILE A 35 -8.19 0.99 7.86
CA ILE A 35 -7.13 0.06 7.49
C ILE A 35 -7.03 -1.07 8.52
N ILE A 36 -7.16 -2.31 8.06
CA ILE A 36 -7.04 -3.43 8.97
C ILE A 36 -5.57 -3.82 9.20
N SER A 37 -4.75 -3.85 8.13
CA SER A 37 -3.33 -4.19 8.29
C SER A 37 -2.48 -3.71 7.10
N MET A 38 -1.24 -3.32 7.40
CA MET A 38 -0.28 -2.89 6.40
C MET A 38 1.07 -3.54 6.66
N LYS A 39 1.66 -4.14 5.65
CA LYS A 39 2.94 -4.79 5.79
C LYS A 39 3.86 -4.43 4.63
N VAL A 40 5.06 -4.00 4.92
CA VAL A 40 6.00 -3.62 3.88
C VAL A 40 7.35 -4.30 4.10
N SER A 41 7.94 -4.80 3.03
CA SER A 41 9.22 -5.47 3.11
C SER A 41 10.26 -4.71 2.29
N LEU A 42 11.29 -4.23 2.97
CA LEU A 42 12.40 -3.57 2.32
C LEU A 42 13.18 -4.56 1.46
N GLU A 43 13.37 -5.76 2.01
CA GLU A 43 14.11 -6.83 1.33
C GLU A 43 13.44 -7.23 0.02
N GLN A 44 12.13 -7.46 0.08
CA GLN A 44 11.39 -7.90 -1.09
C GLN A 44 11.11 -6.74 -2.03
N GLY A 45 11.08 -5.52 -1.49
CA GLY A 45 10.78 -4.37 -2.30
C GLY A 45 9.33 -4.37 -2.71
N SER A 46 8.52 -4.94 -1.85
CA SER A 46 7.11 -5.08 -2.09
C SER A 46 6.36 -5.04 -0.76
N ALA A 47 5.13 -4.59 -0.81
CA ALA A 47 4.32 -4.51 0.39
C ALA A 47 3.09 -5.39 0.27
N THR A 48 2.77 -6.07 1.36
CA THR A 48 1.58 -6.91 1.42
C THR A 48 0.52 -6.16 2.21
N VAL A 49 -0.62 -5.94 1.61
CA VAL A 49 -1.63 -5.12 2.25
C VAL A 49 -2.94 -5.86 2.48
N LYS A 50 -3.64 -5.47 3.53
CA LYS A 50 -4.95 -5.99 3.86
C LYS A 50 -5.92 -4.82 3.99
N TYR A 51 -6.80 -4.67 3.03
CA TYR A 51 -7.78 -3.60 3.06
C TYR A 51 -9.15 -4.09 2.67
N VAL A 52 -10.16 -3.48 3.24
CA VAL A 52 -11.52 -3.72 2.83
C VAL A 52 -11.83 -2.75 1.70
N PRO A 53 -12.08 -3.27 0.49
CA PRO A 53 -12.25 -2.45 -0.72
C PRO A 53 -13.38 -1.44 -0.62
N SER A 54 -14.40 -1.75 0.16
CA SER A 54 -15.52 -0.84 0.34
C SER A 54 -15.17 0.31 1.29
N VAL A 55 -14.06 0.16 2.02
CA VAL A 55 -13.61 1.19 2.94
C VAL A 55 -12.43 1.94 2.34
N VAL A 56 -11.36 1.21 2.05
CA VAL A 56 -10.17 1.77 1.44
C VAL A 56 -9.85 0.98 0.19
N CYS A 57 -9.75 1.66 -0.93
CA CYS A 57 -9.45 0.98 -2.18
C CYS A 57 -7.95 0.97 -2.47
N LEU A 58 -7.53 0.05 -3.31
CA LEU A 58 -6.13 -0.12 -3.67
C LEU A 58 -5.59 1.12 -4.39
N GLN A 59 -6.42 1.75 -5.21
CA GLN A 59 -6.01 2.93 -5.97
C GLN A 59 -5.61 4.08 -5.05
N GLN A 60 -6.35 4.27 -3.96
CA GLN A 60 -6.01 5.30 -2.99
C GLN A 60 -4.65 5.02 -2.36
N VAL A 61 -4.42 3.75 -2.06
CA VAL A 61 -3.16 3.29 -1.48
C VAL A 61 -2.01 3.55 -2.45
N CYS A 62 -2.25 3.21 -3.72
CA CYS A 62 -1.28 3.41 -4.76
C CYS A 62 -0.98 4.89 -4.93
N HIS A 63 -2.01 5.71 -4.81
CA HIS A 63 -1.86 7.14 -4.92
C HIS A 63 -0.97 7.66 -3.82
N GLN A 64 -1.12 7.11 -2.62
CA GLN A 64 -0.36 7.58 -1.47
C GLN A 64 1.15 7.44 -1.69
N ILE A 65 1.57 6.31 -2.26
CA ILE A 65 2.99 6.09 -2.54
C ILE A 65 3.42 6.78 -3.85
N GLY A 66 2.55 6.69 -4.87
CA GLY A 66 2.84 7.29 -6.17
C GLY A 66 2.97 8.81 -6.09
N ASP A 67 2.17 9.41 -5.25
CA ASP A 67 2.14 10.86 -5.03
C ASP A 67 3.52 11.39 -4.64
N MET A 68 4.25 10.61 -3.86
CA MET A 68 5.59 10.99 -3.43
C MET A 68 6.55 11.11 -4.63
N GLY A 69 6.27 10.35 -5.68
CA GLY A 69 7.11 10.39 -6.86
C GLY A 69 7.76 9.06 -7.14
N PHE A 70 7.33 8.03 -6.43
CA PHE A 70 7.88 6.70 -6.62
C PHE A 70 6.82 5.77 -7.19
N GLU A 71 7.23 4.89 -8.07
CA GLU A 71 6.31 3.98 -8.75
C GLU A 71 5.99 2.75 -7.92
N ALA A 72 4.78 2.27 -8.07
CA ALA A 72 4.30 1.07 -7.40
C ALA A 72 3.31 0.37 -8.31
N SER A 73 3.22 -0.94 -8.19
CA SER A 73 2.30 -1.69 -9.04
C SER A 73 1.56 -2.76 -8.25
N ILE A 74 0.29 -2.93 -8.54
CA ILE A 74 -0.57 -3.89 -7.85
C ILE A 74 -0.38 -5.28 -8.40
N ALA A 75 -0.14 -6.22 -7.51
CA ALA A 75 0.01 -7.61 -7.88
C ALA A 75 -0.60 -8.49 -6.81
N GLU A 76 -0.91 -9.72 -7.15
CA GLU A 76 -1.52 -10.64 -6.19
C GLU A 76 -0.52 -11.05 -5.10
N ALA A 1 -15.25 -11.63 15.16
CA ALA A 1 -15.00 -10.87 13.93
C ALA A 1 -13.65 -11.24 13.34
N GLY A 2 -13.49 -11.00 12.04
CA GLY A 2 -12.25 -11.35 11.37
C GLY A 2 -12.51 -11.99 10.04
N HIS A 3 -13.72 -12.49 9.86
CA HIS A 3 -14.12 -13.08 8.60
C HIS A 3 -14.77 -12.01 7.73
N MET A 4 -14.44 -12.02 6.44
CA MET A 4 -14.92 -11.02 5.49
C MET A 4 -14.30 -9.65 5.79
N GLN A 5 -14.62 -8.66 4.95
CA GLN A 5 -14.13 -7.28 5.10
C GLN A 5 -12.60 -7.21 4.98
N VAL A 6 -12.01 -8.24 4.40
CA VAL A 6 -10.57 -8.28 4.26
C VAL A 6 -10.17 -8.51 2.82
N ALA A 7 -9.40 -7.60 2.28
CA ALA A 7 -8.88 -7.74 0.95
C ALA A 7 -7.38 -7.82 1.00
N THR A 8 -6.80 -8.79 0.31
CA THR A 8 -5.37 -8.96 0.29
C THR A 8 -4.84 -8.64 -1.08
N SER A 9 -3.78 -7.90 -1.13
CA SER A 9 -3.14 -7.56 -2.37
C SER A 9 -1.71 -7.19 -2.10
N THR A 10 -0.86 -7.39 -3.08
CA THR A 10 0.53 -7.05 -2.92
C THR A 10 0.86 -5.90 -3.84
N VAL A 11 1.70 -5.02 -3.37
CA VAL A 11 2.10 -3.88 -4.15
C VAL A 11 3.60 -3.71 -4.09
N ARG A 12 4.22 -3.62 -5.25
CA ARG A 12 5.65 -3.45 -5.30
C ARG A 12 5.98 -1.99 -5.41
N ILE A 13 7.04 -1.58 -4.77
CA ILE A 13 7.43 -0.19 -4.74
C ILE A 13 8.69 0.03 -5.54
N LEU A 14 8.64 0.96 -6.47
CA LEU A 14 9.78 1.27 -7.29
C LEU A 14 10.29 2.68 -6.96
N GLY A 15 11.50 2.75 -6.45
CA GLY A 15 12.10 4.02 -6.13
C GLY A 15 13.53 3.84 -5.71
N MET A 16 14.35 4.83 -5.99
CA MET A 16 15.77 4.79 -5.65
C MET A 16 15.95 4.80 -4.14
N THR A 17 15.17 5.61 -3.46
CA THR A 17 15.21 5.63 -2.02
C THR A 17 14.04 4.83 -1.48
N CYS A 18 14.25 3.53 -1.36
CA CYS A 18 13.22 2.60 -0.96
C CYS A 18 12.73 2.85 0.47
N GLN A 19 13.65 3.17 1.37
CA GLN A 19 13.28 3.37 2.77
C GLN A 19 12.31 4.54 2.96
N SER A 20 12.56 5.64 2.26
CA SER A 20 11.73 6.82 2.37
C SER A 20 10.31 6.60 1.83
N CYS A 21 10.21 5.91 0.70
CA CYS A 21 8.90 5.66 0.10
C CYS A 21 8.07 4.71 0.95
N VAL A 22 8.72 3.67 1.49
CA VAL A 22 8.03 2.73 2.36
C VAL A 22 7.52 3.43 3.59
N LYS A 23 8.38 4.25 4.19
CA LYS A 23 8.02 4.99 5.39
C LYS A 23 6.85 5.93 5.11
N SER A 24 6.92 6.63 3.98
CA SER A 24 5.89 7.58 3.62
C SER A 24 4.53 6.92 3.42
N ILE A 25 4.49 5.79 2.69
CA ILE A 25 3.25 5.10 2.46
C ILE A 25 2.69 4.51 3.75
N GLU A 26 3.58 4.09 4.67
CA GLU A 26 3.14 3.55 5.95
C GLU A 26 2.39 4.60 6.75
N ASP A 27 2.92 5.82 6.77
CA ASP A 27 2.25 6.93 7.46
C ASP A 27 0.95 7.29 6.78
N ARG A 28 1.00 7.36 5.46
CA ARG A 28 -0.17 7.74 4.68
C ARG A 28 -1.30 6.70 4.78
N ILE A 29 -0.96 5.41 4.73
CA ILE A 29 -1.96 4.35 4.83
C ILE A 29 -2.51 4.29 6.25
N SER A 30 -1.64 4.58 7.22
CA SER A 30 -2.04 4.63 8.62
C SER A 30 -3.09 5.72 8.81
N ASN A 31 -2.91 6.84 8.12
CA ASN A 31 -3.84 7.95 8.19
C ASN A 31 -5.18 7.55 7.57
N LEU A 32 -5.15 6.66 6.61
CA LEU A 32 -6.37 6.20 5.99
C LEU A 32 -7.10 5.22 6.90
N LYS A 33 -8.37 5.47 7.12
CA LYS A 33 -9.19 4.60 7.94
C LYS A 33 -9.74 3.45 7.13
N GLY A 34 -10.02 2.34 7.78
CA GLY A 34 -10.55 1.18 7.08
C GLY A 34 -9.50 0.14 6.82
N ILE A 35 -8.31 0.33 7.38
CA ILE A 35 -7.22 -0.61 7.18
C ILE A 35 -7.17 -1.62 8.33
N ILE A 36 -6.93 -2.87 7.99
CA ILE A 36 -6.88 -3.92 9.00
C ILE A 36 -5.44 -4.24 9.38
N SER A 37 -4.66 -4.71 8.42
CA SER A 37 -3.27 -5.08 8.66
C SER A 37 -2.40 -4.80 7.44
N MET A 38 -1.11 -4.57 7.67
CA MET A 38 -0.18 -4.32 6.59
C MET A 38 1.19 -4.92 6.91
N LYS A 39 1.76 -5.63 5.95
CA LYS A 39 3.09 -6.18 6.12
C LYS A 39 3.96 -5.75 4.96
N VAL A 40 5.11 -5.19 5.25
CA VAL A 40 6.00 -4.74 4.22
C VAL A 40 7.20 -5.67 4.11
N SER A 41 7.43 -6.20 2.94
CA SER A 41 8.56 -7.05 2.70
C SER A 41 9.66 -6.23 2.03
N LEU A 42 10.62 -5.80 2.83
CA LEU A 42 11.70 -4.92 2.36
C LEU A 42 12.57 -5.62 1.32
N GLU A 43 12.86 -6.89 1.53
CA GLU A 43 13.70 -7.66 0.63
C GLU A 43 12.99 -7.90 -0.70
N GLN A 44 11.69 -8.15 -0.62
CA GLN A 44 10.87 -8.40 -1.80
C GLN A 44 10.60 -7.10 -2.55
N GLY A 45 10.55 -6.00 -1.82
CA GLY A 45 10.24 -4.72 -2.41
C GLY A 45 8.76 -4.58 -2.65
N SER A 46 8.00 -5.46 -2.01
CA SER A 46 6.56 -5.48 -2.13
C SER A 46 5.92 -5.54 -0.75
N ALA A 47 4.71 -5.06 -0.64
CA ALA A 47 3.99 -5.08 0.61
C ALA A 47 2.64 -5.76 0.45
N THR A 48 2.24 -6.50 1.47
CA THR A 48 0.96 -7.16 1.50
C THR A 48 0.02 -6.34 2.38
N VAL A 49 -1.11 -5.97 1.83
CA VAL A 49 -2.05 -5.14 2.57
C VAL A 49 -3.36 -5.86 2.79
N LYS A 50 -3.98 -5.56 3.92
CA LYS A 50 -5.28 -6.10 4.26
C LYS A 50 -6.18 -4.98 4.76
N TYR A 51 -7.20 -4.68 4.01
CA TYR A 51 -8.14 -3.64 4.39
C TYR A 51 -9.45 -3.80 3.68
N VAL A 52 -10.45 -3.02 4.08
CA VAL A 52 -11.75 -3.08 3.47
C VAL A 52 -11.74 -2.27 2.16
N PRO A 53 -11.92 -2.94 1.01
CA PRO A 53 -11.89 -2.28 -0.29
C PRO A 53 -13.05 -1.30 -0.47
N SER A 54 -14.11 -1.52 0.27
CA SER A 54 -15.26 -0.65 0.24
C SER A 54 -14.90 0.75 0.79
N VAL A 55 -14.07 0.76 1.84
CA VAL A 55 -13.64 2.02 2.44
C VAL A 55 -12.61 2.71 1.54
N VAL A 56 -11.58 1.96 1.16
CA VAL A 56 -10.53 2.45 0.28
C VAL A 56 -10.18 1.41 -0.76
N CYS A 57 -9.78 1.85 -1.92
CA CYS A 57 -9.41 0.96 -2.99
C CYS A 57 -7.90 0.80 -3.08
N LEU A 58 -7.44 -0.12 -3.93
CA LEU A 58 -6.01 -0.37 -4.10
C LEU A 58 -5.33 0.86 -4.71
N GLN A 59 -6.01 1.47 -5.67
CA GLN A 59 -5.50 2.67 -6.31
C GLN A 59 -5.49 3.83 -5.34
N GLN A 60 -6.39 3.78 -4.35
CA GLN A 60 -6.50 4.84 -3.37
C GLN A 60 -5.19 4.99 -2.61
N VAL A 61 -4.61 3.87 -2.18
CA VAL A 61 -3.34 3.90 -1.44
C VAL A 61 -2.17 4.20 -2.37
N CYS A 62 -2.35 3.84 -3.63
CA CYS A 62 -1.36 4.13 -4.65
C CYS A 62 -1.15 5.63 -4.78
N HIS A 63 -2.23 6.39 -4.64
CA HIS A 63 -2.17 7.84 -4.77
C HIS A 63 -1.23 8.46 -3.74
N GLN A 64 -1.25 7.97 -2.50
CA GLN A 64 -0.38 8.53 -1.46
C GLN A 64 1.09 8.32 -1.76
N ILE A 65 1.45 7.15 -2.25
CA ILE A 65 2.85 6.91 -2.59
C ILE A 65 3.24 7.68 -3.85
N GLY A 66 2.29 7.77 -4.80
CA GLY A 66 2.52 8.53 -6.02
C GLY A 66 2.74 9.99 -5.73
N ASP A 67 1.98 10.49 -4.74
CA ASP A 67 2.07 11.87 -4.29
C ASP A 67 3.48 12.20 -3.82
N MET A 68 4.12 11.23 -3.19
CA MET A 68 5.48 11.39 -2.69
C MET A 68 6.50 11.35 -3.83
N GLY A 69 6.04 11.02 -5.02
CA GLY A 69 6.93 10.96 -6.17
C GLY A 69 7.49 9.58 -6.41
N PHE A 70 6.95 8.60 -5.71
CA PHE A 70 7.38 7.23 -5.85
C PHE A 70 6.30 6.40 -6.50
N GLU A 71 6.69 5.41 -7.26
CA GLU A 71 5.74 4.59 -7.97
C GLU A 71 5.59 3.23 -7.34
N ALA A 72 4.41 2.66 -7.50
CA ALA A 72 4.12 1.35 -6.96
C ALA A 72 3.19 0.62 -7.92
N SER A 73 3.30 -0.69 -7.96
CA SER A 73 2.48 -1.46 -8.88
C SER A 73 1.67 -2.52 -8.12
N ILE A 74 0.40 -2.59 -8.42
CA ILE A 74 -0.51 -3.54 -7.79
C ILE A 74 -0.35 -4.92 -8.42
N ALA A 75 -0.21 -5.92 -7.59
CA ALA A 75 -0.05 -7.29 -8.05
C ALA A 75 -0.75 -8.24 -7.09
N GLU A 76 -1.12 -9.39 -7.59
CA GLU A 76 -1.76 -10.39 -6.77
C GLU A 76 -1.44 -11.76 -7.31
N ALA A 1 -22.80 -7.49 11.38
CA ALA A 1 -23.17 -7.15 9.99
C ALA A 1 -22.88 -8.32 9.08
N GLY A 2 -22.90 -8.08 7.77
CA GLY A 2 -22.59 -9.13 6.83
C GLY A 2 -21.10 -9.40 6.78
N HIS A 3 -20.69 -10.41 6.04
CA HIS A 3 -19.28 -10.76 5.95
C HIS A 3 -18.50 -9.70 5.19
N MET A 4 -17.25 -9.51 5.56
CA MET A 4 -16.39 -8.54 4.91
C MET A 4 -15.36 -9.24 4.06
N GLN A 5 -15.23 -8.81 2.83
CA GLN A 5 -14.22 -9.34 1.95
C GLN A 5 -13.12 -8.31 1.80
N VAL A 6 -11.89 -8.75 1.95
CA VAL A 6 -10.77 -7.85 1.92
C VAL A 6 -9.85 -8.18 0.78
N ALA A 7 -9.19 -7.17 0.27
CA ALA A 7 -8.29 -7.34 -0.84
C ALA A 7 -6.86 -7.30 -0.38
N THR A 8 -6.09 -8.28 -0.83
CA THR A 8 -4.68 -8.31 -0.54
C THR A 8 -3.93 -8.24 -1.84
N SER A 9 -2.83 -7.55 -1.84
CA SER A 9 -2.09 -7.38 -3.05
C SER A 9 -0.65 -7.04 -2.73
N THR A 10 0.25 -7.39 -3.62
CA THR A 10 1.64 -7.05 -3.46
C THR A 10 1.99 -5.87 -4.36
N VAL A 11 2.81 -4.98 -3.85
CA VAL A 11 3.20 -3.79 -4.59
C VAL A 11 4.69 -3.56 -4.50
N ARG A 12 5.31 -3.25 -5.62
CA ARG A 12 6.73 -2.99 -5.64
C ARG A 12 6.98 -1.50 -5.52
N ILE A 13 8.10 -1.13 -4.98
CA ILE A 13 8.45 0.27 -4.84
C ILE A 13 9.67 0.59 -5.68
N LEU A 14 9.65 1.73 -6.34
CA LEU A 14 10.77 2.14 -7.15
C LEU A 14 11.24 3.53 -6.76
N GLY A 15 12.47 3.60 -6.32
CA GLY A 15 13.07 4.85 -5.93
C GLY A 15 14.43 4.63 -5.33
N MET A 16 15.26 5.65 -5.35
CA MET A 16 16.59 5.54 -4.78
C MET A 16 16.50 5.42 -3.27
N THR A 17 15.59 6.18 -2.68
CA THR A 17 15.35 6.11 -1.26
C THR A 17 14.12 5.25 -0.99
N CYS A 18 14.32 3.94 -1.03
CA CYS A 18 13.23 2.99 -0.87
C CYS A 18 12.58 3.09 0.50
N GLN A 19 13.37 3.22 1.54
CA GLN A 19 12.83 3.30 2.89
C GLN A 19 12.00 4.58 3.07
N SER A 20 12.47 5.66 2.48
CA SER A 20 11.79 6.94 2.59
C SER A 20 10.37 6.89 1.99
N CYS A 21 10.23 6.29 0.80
CA CYS A 21 8.92 6.18 0.17
C CYS A 21 8.02 5.25 0.97
N VAL A 22 8.63 4.25 1.60
CA VAL A 22 7.91 3.32 2.44
C VAL A 22 7.32 4.06 3.63
N LYS A 23 8.12 4.93 4.20
CA LYS A 23 7.68 5.76 5.32
C LYS A 23 6.52 6.66 4.90
N SER A 24 6.66 7.25 3.72
CA SER A 24 5.66 8.16 3.20
C SER A 24 4.30 7.48 3.00
N ILE A 25 4.30 6.28 2.42
CA ILE A 25 3.07 5.54 2.22
C ILE A 25 2.54 4.97 3.54
N GLU A 26 3.45 4.58 4.44
CA GLU A 26 3.09 3.98 5.73
C GLU A 26 2.23 4.94 6.54
N ASP A 27 2.67 6.18 6.62
CA ASP A 27 1.96 7.19 7.41
C ASP A 27 0.58 7.43 6.85
N ARG A 28 0.51 7.68 5.56
CA ARG A 28 -0.73 8.04 4.92
C ARG A 28 -1.73 6.87 4.85
N ILE A 29 -1.26 5.66 4.57
CA ILE A 29 -2.14 4.50 4.52
C ILE A 29 -2.72 4.22 5.90
N SER A 30 -1.91 4.48 6.94
CA SER A 30 -2.35 4.34 8.32
C SER A 30 -3.48 5.33 8.60
N ASN A 31 -3.37 6.50 7.98
CA ASN A 31 -4.36 7.54 8.13
C ASN A 31 -5.69 7.12 7.49
N LEU A 32 -5.61 6.23 6.51
CA LEU A 32 -6.82 5.69 5.88
C LEU A 32 -7.51 4.69 6.80
N LYS A 33 -8.82 4.79 6.89
CA LYS A 33 -9.59 3.85 7.68
C LYS A 33 -9.96 2.63 6.84
N GLY A 34 -10.10 1.48 7.50
CA GLY A 34 -10.47 0.28 6.79
C GLY A 34 -9.29 -0.61 6.47
N ILE A 35 -8.13 -0.27 7.00
CA ILE A 35 -6.94 -1.06 6.78
C ILE A 35 -6.75 -2.07 7.90
N ILE A 36 -6.34 -3.27 7.56
CA ILE A 36 -6.12 -4.29 8.56
C ILE A 36 -4.65 -4.40 8.90
N SER A 37 -3.83 -4.69 7.90
CA SER A 37 -2.41 -4.86 8.10
C SER A 37 -1.63 -4.66 6.81
N MET A 38 -0.42 -4.13 6.93
CA MET A 38 0.46 -3.97 5.79
C MET A 38 1.90 -4.28 6.19
N LYS A 39 2.56 -5.11 5.41
CA LYS A 39 3.94 -5.43 5.68
C LYS A 39 4.78 -5.05 4.48
N VAL A 40 5.81 -4.27 4.72
CA VAL A 40 6.69 -3.85 3.65
C VAL A 40 8.04 -4.50 3.81
N SER A 41 8.44 -5.25 2.82
CA SER A 41 9.72 -5.92 2.86
C SER A 41 10.72 -5.14 2.01
N LEU A 42 11.64 -4.46 2.68
CA LEU A 42 12.66 -3.66 2.01
C LEU A 42 13.57 -4.54 1.18
N GLU A 43 13.89 -5.70 1.70
CA GLU A 43 14.78 -6.65 1.05
C GLU A 43 14.17 -7.14 -0.27
N GLN A 44 12.87 -7.40 -0.24
CA GLN A 44 12.16 -7.85 -1.44
C GLN A 44 11.88 -6.68 -2.38
N GLY A 45 11.77 -5.49 -1.81
CA GLY A 45 11.44 -4.33 -2.61
C GLY A 45 9.95 -4.27 -2.91
N SER A 46 9.18 -4.99 -2.12
CA SER A 46 7.75 -5.06 -2.30
C SER A 46 7.03 -5.17 -0.97
N ALA A 47 5.76 -4.81 -0.97
CA ALA A 47 4.95 -4.82 0.23
C ALA A 47 3.65 -5.59 0.00
N THR A 48 3.09 -6.09 1.09
CA THR A 48 1.83 -6.80 1.07
C THR A 48 0.80 -5.98 1.82
N VAL A 49 -0.33 -5.72 1.18
CA VAL A 49 -1.37 -4.91 1.80
C VAL A 49 -2.63 -5.71 2.02
N LYS A 50 -3.36 -5.37 3.07
CA LYS A 50 -4.62 -6.00 3.39
C LYS A 50 -5.59 -4.96 3.94
N TYR A 51 -6.65 -4.71 3.21
CA TYR A 51 -7.63 -3.72 3.61
C TYR A 51 -8.96 -3.97 2.92
N VAL A 52 -9.99 -3.31 3.40
CA VAL A 52 -11.31 -3.43 2.82
C VAL A 52 -11.42 -2.50 1.61
N PRO A 53 -11.60 -3.06 0.40
CA PRO A 53 -11.62 -2.29 -0.85
C PRO A 53 -12.80 -1.32 -0.98
N SER A 54 -13.85 -1.57 -0.21
CA SER A 54 -15.02 -0.70 -0.25
C SER A 54 -14.69 0.71 0.26
N VAL A 55 -13.85 0.79 1.29
CA VAL A 55 -13.49 2.08 1.88
C VAL A 55 -12.13 2.55 1.40
N VAL A 56 -11.25 1.62 1.04
CA VAL A 56 -9.95 1.97 0.49
C VAL A 56 -9.77 1.28 -0.85
N CYS A 57 -9.48 2.05 -1.86
CA CYS A 57 -9.33 1.49 -3.19
C CYS A 57 -7.86 1.38 -3.57
N LEU A 58 -7.59 0.66 -4.66
CA LEU A 58 -6.23 0.46 -5.13
C LEU A 58 -5.62 1.79 -5.57
N GLN A 59 -6.44 2.63 -6.18
CA GLN A 59 -5.98 3.91 -6.70
C GLN A 59 -5.45 4.81 -5.59
N GLN A 60 -6.13 4.84 -4.45
CA GLN A 60 -5.71 5.69 -3.35
C GLN A 60 -4.32 5.33 -2.84
N VAL A 61 -4.09 4.03 -2.67
CA VAL A 61 -2.79 3.57 -2.17
C VAL A 61 -1.67 3.89 -3.14
N CYS A 62 -1.91 3.60 -4.41
CA CYS A 62 -0.95 3.86 -5.44
C CYS A 62 -0.69 5.36 -5.54
N HIS A 63 -1.75 6.13 -5.48
CA HIS A 63 -1.66 7.58 -5.58
C HIS A 63 -0.85 8.18 -4.43
N GLN A 64 -1.05 7.67 -3.23
CA GLN A 64 -0.37 8.22 -2.06
C GLN A 64 1.14 8.10 -2.19
N ILE A 65 1.62 6.96 -2.65
CA ILE A 65 3.05 6.78 -2.84
C ILE A 65 3.53 7.47 -4.13
N GLY A 66 2.70 7.40 -5.17
CA GLY A 66 3.03 8.03 -6.44
C GLY A 66 3.16 9.53 -6.33
N ASP A 67 2.27 10.14 -5.56
CA ASP A 67 2.26 11.58 -5.35
C ASP A 67 3.54 12.04 -4.66
N MET A 68 4.15 11.14 -3.91
CA MET A 68 5.40 11.41 -3.21
C MET A 68 6.56 11.50 -4.20
N GLY A 69 6.30 11.14 -5.45
CA GLY A 69 7.32 11.21 -6.48
C GLY A 69 7.98 9.87 -6.71
N PHE A 70 7.47 8.85 -6.06
CA PHE A 70 8.01 7.52 -6.19
C PHE A 70 7.04 6.63 -6.93
N GLU A 71 7.56 5.82 -7.83
CA GLU A 71 6.72 4.94 -8.63
C GLU A 71 6.49 3.63 -7.92
N ALA A 72 5.28 3.12 -8.01
CA ALA A 72 4.93 1.85 -7.44
C ALA A 72 4.04 1.07 -8.38
N SER A 73 4.28 -0.20 -8.51
CA SER A 73 3.48 -1.06 -9.35
C SER A 73 2.84 -2.13 -8.49
N ILE A 74 1.59 -2.43 -8.75
CA ILE A 74 0.87 -3.36 -7.91
C ILE A 74 0.42 -4.61 -8.68
N ALA A 75 0.53 -5.75 -8.04
CA ALA A 75 0.18 -7.02 -8.64
C ALA A 75 -0.39 -7.96 -7.58
N GLU A 76 -1.10 -8.97 -8.01
CA GLU A 76 -1.65 -9.96 -7.10
C GLU A 76 -0.51 -10.71 -6.41
N ALA A 1 -21.42 -11.85 2.86
CA ALA A 1 -21.00 -12.82 3.88
C ALA A 1 -19.75 -13.57 3.44
N GLY A 2 -18.62 -13.25 4.07
CA GLY A 2 -17.39 -13.95 3.79
C GLY A 2 -16.68 -13.49 2.53
N HIS A 3 -17.37 -13.55 1.40
CA HIS A 3 -16.78 -13.22 0.11
C HIS A 3 -16.38 -11.75 0.04
N MET A 4 -15.13 -11.51 -0.33
CA MET A 4 -14.57 -10.16 -0.50
C MET A 4 -14.76 -9.29 0.74
N GLN A 5 -14.80 -9.91 1.92
CA GLN A 5 -14.96 -9.17 3.17
C GLN A 5 -13.74 -8.27 3.40
N VAL A 6 -12.61 -8.74 2.97
CA VAL A 6 -11.38 -7.99 3.05
C VAL A 6 -10.66 -8.07 1.73
N ALA A 7 -9.89 -7.06 1.41
CA ALA A 7 -9.13 -7.06 0.20
C ALA A 7 -7.66 -7.01 0.52
N THR A 8 -6.91 -7.93 -0.04
CA THR A 8 -5.48 -7.94 0.16
C THR A 8 -4.78 -7.81 -1.17
N SER A 9 -3.67 -7.13 -1.16
CA SER A 9 -2.91 -6.90 -2.35
C SER A 9 -1.48 -6.58 -2.00
N THR A 10 -0.59 -6.88 -2.90
CA THR A 10 0.80 -6.58 -2.71
C THR A 10 1.21 -5.47 -3.68
N VAL A 11 2.04 -4.58 -3.22
CA VAL A 11 2.48 -3.48 -4.02
C VAL A 11 4.00 -3.42 -4.05
N ARG A 12 4.57 -3.47 -5.24
CA ARG A 12 6.01 -3.44 -5.37
C ARG A 12 6.47 -2.01 -5.53
N ILE A 13 7.65 -1.72 -5.00
CA ILE A 13 8.16 -0.37 -5.04
C ILE A 13 9.51 -0.29 -5.74
N LEU A 14 9.62 0.69 -6.62
CA LEU A 14 10.86 0.98 -7.33
C LEU A 14 11.11 2.47 -7.32
N GLY A 15 12.31 2.88 -6.93
CA GLY A 15 12.59 4.28 -6.90
C GLY A 15 13.98 4.58 -6.41
N MET A 16 14.26 5.86 -6.21
CA MET A 16 15.58 6.31 -5.77
C MET A 16 15.91 5.74 -4.39
N THR A 17 14.94 5.73 -3.51
CA THR A 17 15.11 5.16 -2.20
C THR A 17 13.85 4.39 -1.79
N CYS A 18 14.01 3.10 -1.57
CA CYS A 18 12.89 2.25 -1.18
C CYS A 18 12.39 2.59 0.22
N GLN A 19 13.31 2.87 1.12
CA GLN A 19 12.96 3.16 2.50
C GLN A 19 12.10 4.42 2.61
N SER A 20 12.47 5.45 1.86
CA SER A 20 11.76 6.71 1.92
C SER A 20 10.35 6.62 1.31
N CYS A 21 10.20 5.88 0.22
CA CYS A 21 8.89 5.73 -0.40
C CYS A 21 7.96 4.96 0.51
N VAL A 22 8.52 3.99 1.25
CA VAL A 22 7.74 3.23 2.21
C VAL A 22 7.23 4.17 3.29
N LYS A 23 8.12 5.03 3.76
CA LYS A 23 7.78 6.00 4.78
C LYS A 23 6.71 6.97 4.29
N SER A 24 6.83 7.40 3.03
CA SER A 24 5.88 8.34 2.45
C SER A 24 4.46 7.75 2.40
N ILE A 25 4.35 6.51 1.94
CA ILE A 25 3.06 5.87 1.84
C ILE A 25 2.55 5.45 3.22
N GLU A 26 3.47 5.04 4.09
CA GLU A 26 3.15 4.56 5.43
C GLU A 26 2.46 5.64 6.26
N ASP A 27 2.99 6.86 6.20
CA ASP A 27 2.44 7.94 7.02
C ASP A 27 0.99 8.21 6.68
N ARG A 28 0.71 8.39 5.39
CA ARG A 28 -0.65 8.66 4.94
C ARG A 28 -1.59 7.48 5.20
N ILE A 29 -1.15 6.27 4.85
CA ILE A 29 -2.00 5.10 5.01
C ILE A 29 -2.29 4.80 6.49
N SER A 30 -1.33 5.09 7.36
CA SER A 30 -1.53 4.89 8.79
C SER A 30 -2.62 5.84 9.32
N ASN A 31 -2.58 7.09 8.85
CA ASN A 31 -3.57 8.07 9.24
C ASN A 31 -4.93 7.76 8.64
N LEU A 32 -4.92 7.10 7.49
CA LEU A 32 -6.14 6.72 6.83
C LEU A 32 -6.69 5.45 7.46
N LYS A 33 -7.85 5.55 8.04
CA LYS A 33 -8.48 4.42 8.67
C LYS A 33 -9.28 3.61 7.68
N GLY A 34 -9.47 2.34 7.97
CA GLY A 34 -10.15 1.45 7.07
C GLY A 34 -9.25 0.34 6.59
N ILE A 35 -7.99 0.42 6.97
CA ILE A 35 -7.03 -0.63 6.67
C ILE A 35 -6.82 -1.44 7.94
N ILE A 36 -7.26 -2.68 7.94
CA ILE A 36 -7.18 -3.51 9.11
C ILE A 36 -5.75 -3.95 9.42
N SER A 37 -4.97 -4.24 8.40
CA SER A 37 -3.59 -4.67 8.60
C SER A 37 -2.71 -4.30 7.41
N MET A 38 -1.45 -3.97 7.69
CA MET A 38 -0.49 -3.65 6.65
C MET A 38 0.89 -4.12 7.07
N LYS A 39 1.53 -4.88 6.21
CA LYS A 39 2.87 -5.39 6.48
C LYS A 39 3.74 -5.21 5.25
N VAL A 40 5.00 -4.92 5.44
CA VAL A 40 5.89 -4.75 4.31
C VAL A 40 7.07 -5.73 4.36
N SER A 41 7.27 -6.42 3.26
CA SER A 41 8.37 -7.35 3.15
C SER A 41 9.52 -6.71 2.39
N LEU A 42 10.48 -6.21 3.13
CA LEU A 42 11.62 -5.51 2.55
C LEU A 42 12.46 -6.44 1.68
N GLU A 43 12.62 -7.67 2.13
CA GLU A 43 13.38 -8.67 1.39
C GLU A 43 12.70 -9.00 0.05
N GLN A 44 11.40 -8.78 0.00
CA GLN A 44 10.62 -9.07 -1.19
C GLN A 44 10.60 -7.86 -2.14
N GLY A 45 10.73 -6.66 -1.56
CA GLY A 45 10.65 -5.45 -2.36
C GLY A 45 9.21 -5.09 -2.66
N SER A 46 8.32 -5.63 -1.86
CA SER A 46 6.89 -5.44 -2.04
C SER A 46 6.21 -5.38 -0.67
N ALA A 47 5.07 -4.73 -0.61
CA ALA A 47 4.32 -4.59 0.63
C ALA A 47 2.95 -5.24 0.51
N THR A 48 2.44 -5.74 1.61
CA THR A 48 1.15 -6.40 1.64
C THR A 48 0.17 -5.56 2.44
N VAL A 49 -0.97 -5.25 1.85
CA VAL A 49 -1.96 -4.44 2.54
C VAL A 49 -3.30 -5.17 2.59
N LYS A 50 -3.95 -5.10 3.75
CA LYS A 50 -5.22 -5.73 3.97
C LYS A 50 -6.22 -4.68 4.44
N TYR A 51 -7.26 -4.46 3.67
CA TYR A 51 -8.22 -3.40 3.96
C TYR A 51 -9.59 -3.75 3.43
N VAL A 52 -10.60 -3.03 3.87
CA VAL A 52 -11.95 -3.21 3.34
C VAL A 52 -12.03 -2.52 1.97
N PRO A 53 -12.37 -3.27 0.91
CA PRO A 53 -12.35 -2.74 -0.46
C PRO A 53 -13.27 -1.55 -0.69
N SER A 54 -14.34 -1.47 0.07
CA SER A 54 -15.30 -0.40 -0.08
C SER A 54 -14.88 0.86 0.70
N VAL A 55 -13.86 0.72 1.54
CA VAL A 55 -13.39 1.84 2.35
C VAL A 55 -12.17 2.52 1.72
N VAL A 56 -11.25 1.72 1.22
CA VAL A 56 -10.01 2.22 0.65
C VAL A 56 -9.81 1.71 -0.78
N CYS A 57 -9.38 2.59 -1.67
CA CYS A 57 -9.13 2.19 -3.04
C CYS A 57 -7.62 2.10 -3.32
N LEU A 58 -7.26 1.31 -4.32
CA LEU A 58 -5.86 1.09 -4.69
C LEU A 58 -5.19 2.37 -5.18
N GLN A 59 -5.92 3.16 -5.95
CA GLN A 59 -5.38 4.39 -6.51
C GLN A 59 -4.98 5.40 -5.45
N GLN A 60 -5.76 5.49 -4.37
CA GLN A 60 -5.50 6.47 -3.34
C GLN A 60 -4.09 6.29 -2.74
N VAL A 61 -3.73 5.04 -2.44
CA VAL A 61 -2.42 4.76 -1.88
C VAL A 61 -1.33 4.85 -2.95
N CYS A 62 -1.67 4.48 -4.18
CA CYS A 62 -0.74 4.56 -5.30
C CYS A 62 -0.35 6.01 -5.57
N HIS A 63 -1.34 6.89 -5.46
CA HIS A 63 -1.12 8.32 -5.68
C HIS A 63 -0.16 8.88 -4.64
N GLN A 64 -0.29 8.40 -3.40
CA GLN A 64 0.54 8.91 -2.30
C GLN A 64 2.03 8.63 -2.55
N ILE A 65 2.33 7.44 -3.02
CA ILE A 65 3.71 7.08 -3.28
C ILE A 65 4.18 7.57 -4.66
N GLY A 66 3.29 7.45 -5.65
CA GLY A 66 3.61 7.85 -7.01
C GLY A 66 3.91 9.34 -7.14
N ASP A 67 3.12 10.16 -6.44
CA ASP A 67 3.27 11.62 -6.51
C ASP A 67 4.64 12.05 -6.03
N MET A 68 5.15 11.35 -5.04
CA MET A 68 6.46 11.66 -4.45
C MET A 68 7.61 11.38 -5.43
N GLY A 69 7.29 10.76 -6.56
CA GLY A 69 8.30 10.48 -7.55
C GLY A 69 8.77 9.04 -7.52
N PHE A 70 8.05 8.21 -6.79
CA PHE A 70 8.40 6.81 -6.67
C PHE A 70 7.39 5.97 -7.45
N GLU A 71 7.85 4.88 -8.03
CA GLU A 71 6.98 4.03 -8.81
C GLU A 71 6.58 2.79 -8.02
N ALA A 72 5.30 2.49 -8.00
CA ALA A 72 4.80 1.34 -7.29
C ALA A 72 3.65 0.72 -8.08
N SER A 73 3.54 -0.59 -8.06
CA SER A 73 2.48 -1.25 -8.79
C SER A 73 1.77 -2.30 -7.97
N ILE A 74 0.52 -2.54 -8.32
CA ILE A 74 -0.36 -3.43 -7.59
C ILE A 74 -0.38 -4.83 -8.17
N ALA A 75 -0.20 -5.81 -7.32
CA ALA A 75 -0.26 -7.20 -7.68
C ALA A 75 -1.10 -7.96 -6.67
N GLU A 76 -1.74 -9.01 -7.09
CA GLU A 76 -2.59 -9.79 -6.21
C GLU A 76 -1.79 -10.90 -5.54
N ALA A 1 -18.60 -9.22 13.65
CA ALA A 1 -17.62 -8.15 13.93
C ALA A 1 -16.53 -8.12 12.85
N GLY A 2 -16.72 -8.87 11.78
CA GLY A 2 -15.72 -8.91 10.72
C GLY A 2 -16.35 -8.84 9.36
N HIS A 3 -15.65 -8.23 8.42
CA HIS A 3 -16.16 -8.09 7.06
C HIS A 3 -15.79 -9.29 6.22
N MET A 4 -16.78 -9.84 5.55
CA MET A 4 -16.57 -10.99 4.68
C MET A 4 -15.74 -10.60 3.46
N GLN A 5 -16.00 -9.41 2.95
CA GLN A 5 -15.28 -8.93 1.79
C GLN A 5 -14.16 -7.98 2.16
N VAL A 6 -12.96 -8.49 2.06
CA VAL A 6 -11.75 -7.74 2.31
C VAL A 6 -10.79 -8.01 1.17
N ALA A 7 -9.95 -7.06 0.86
CA ALA A 7 -9.03 -7.23 -0.24
C ALA A 7 -7.59 -7.22 0.23
N THR A 8 -6.83 -8.17 -0.27
CA THR A 8 -5.42 -8.24 0.00
C THR A 8 -4.68 -8.08 -1.29
N SER A 9 -3.53 -7.48 -1.25
CA SER A 9 -2.74 -7.32 -2.45
C SER A 9 -1.29 -7.09 -2.12
N THR A 10 -0.44 -7.37 -3.07
CA THR A 10 0.96 -7.10 -2.95
C THR A 10 1.34 -6.06 -3.99
N VAL A 11 1.73 -4.91 -3.53
CA VAL A 11 2.04 -3.83 -4.44
C VAL A 11 3.53 -3.61 -4.50
N ARG A 12 4.08 -3.67 -5.69
CA ARG A 12 5.51 -3.52 -5.88
C ARG A 12 5.85 -2.08 -6.14
N ILE A 13 6.96 -1.66 -5.62
CA ILE A 13 7.38 -0.27 -5.73
C ILE A 13 8.71 -0.15 -6.45
N LEU A 14 8.76 0.73 -7.42
CA LEU A 14 9.99 1.01 -8.14
C LEU A 14 10.42 2.44 -7.80
N GLY A 15 11.60 2.58 -7.25
CA GLY A 15 12.07 3.88 -6.86
C GLY A 15 13.55 3.88 -6.55
N MET A 16 14.07 5.05 -6.20
CA MET A 16 15.49 5.21 -5.90
C MET A 16 15.88 4.38 -4.68
N THR A 17 15.04 4.39 -3.66
CA THR A 17 15.28 3.61 -2.47
C THR A 17 13.97 3.22 -1.80
N CYS A 18 13.99 2.09 -1.12
CA CYS A 18 12.83 1.55 -0.45
C CYS A 18 12.35 2.47 0.68
N GLN A 19 13.30 3.05 1.39
CA GLN A 19 13.00 3.83 2.60
C GLN A 19 12.07 5.01 2.32
N SER A 20 12.38 5.78 1.28
CA SER A 20 11.59 6.96 0.97
C SER A 20 10.20 6.60 0.43
N CYS A 21 10.13 5.59 -0.42
CA CYS A 21 8.87 5.21 -1.02
C CYS A 21 7.94 4.53 -0.02
N VAL A 22 8.49 3.63 0.79
CA VAL A 22 7.71 2.91 1.77
C VAL A 22 7.14 3.86 2.81
N LYS A 23 7.96 4.77 3.31
CA LYS A 23 7.49 5.72 4.30
C LYS A 23 6.42 6.63 3.77
N SER A 24 6.59 7.06 2.53
CA SER A 24 5.62 7.93 1.90
C SER A 24 4.25 7.24 1.78
N ILE A 25 4.24 5.97 1.37
CA ILE A 25 2.99 5.24 1.24
C ILE A 25 2.41 4.88 2.62
N GLU A 26 3.28 4.53 3.58
CA GLU A 26 2.82 4.15 4.92
C GLU A 26 2.09 5.29 5.59
N ASP A 27 2.62 6.49 5.46
CA ASP A 27 2.05 7.65 6.13
C ASP A 27 0.61 7.92 5.70
N ARG A 28 0.39 7.96 4.39
CA ARG A 28 -0.94 8.27 3.87
C ARG A 28 -1.96 7.17 4.20
N ILE A 29 -1.57 5.91 4.03
CA ILE A 29 -2.48 4.80 4.28
C ILE A 29 -2.72 4.60 5.77
N SER A 30 -1.71 4.90 6.58
CA SER A 30 -1.82 4.80 8.02
C SER A 30 -2.87 5.79 8.53
N ASN A 31 -2.88 6.98 7.94
CA ASN A 31 -3.83 8.03 8.30
C ASN A 31 -5.25 7.65 7.89
N LEU A 32 -5.36 6.83 6.85
CA LEU A 32 -6.68 6.35 6.44
C LEU A 32 -7.10 5.15 7.26
N LYS A 33 -8.18 5.29 7.99
CA LYS A 33 -8.69 4.20 8.79
C LYS A 33 -9.59 3.29 7.97
N GLY A 34 -9.68 2.05 8.37
CA GLY A 34 -10.44 1.07 7.62
C GLY A 34 -9.56 -0.03 7.07
N ILE A 35 -8.31 -0.02 7.49
CA ILE A 35 -7.35 -1.03 7.07
C ILE A 35 -7.16 -2.03 8.20
N ILE A 36 -7.07 -3.30 7.87
CA ILE A 36 -6.93 -4.33 8.87
C ILE A 36 -5.48 -4.51 9.28
N SER A 37 -4.63 -4.79 8.31
CA SER A 37 -3.22 -5.02 8.59
C SER A 37 -2.38 -4.72 7.37
N MET A 38 -1.10 -4.44 7.61
CA MET A 38 -0.16 -4.17 6.53
C MET A 38 1.16 -4.86 6.81
N LYS A 39 1.78 -5.36 5.76
CA LYS A 39 3.09 -5.97 5.84
C LYS A 39 3.97 -5.40 4.75
N VAL A 40 5.25 -5.31 5.00
CA VAL A 40 6.16 -4.77 4.00
C VAL A 40 7.44 -5.58 3.92
N SER A 41 7.83 -5.92 2.71
CA SER A 41 9.05 -6.64 2.48
C SER A 41 10.00 -5.77 1.67
N LEU A 42 11.00 -5.21 2.34
CA LEU A 42 11.94 -4.29 1.70
C LEU A 42 12.74 -4.99 0.61
N GLU A 43 13.17 -6.21 0.89
CA GLU A 43 13.95 -6.99 -0.06
C GLU A 43 13.14 -7.30 -1.31
N GLN A 44 11.87 -7.61 -1.10
CA GLN A 44 10.98 -7.95 -2.21
C GLN A 44 10.63 -6.70 -3.01
N GLY A 45 10.60 -5.57 -2.32
CA GLY A 45 10.26 -4.33 -2.98
C GLY A 45 8.77 -4.16 -3.14
N SER A 46 8.03 -4.94 -2.37
CA SER A 46 6.58 -4.89 -2.42
C SER A 46 6.00 -5.05 -1.03
N ALA A 47 4.77 -4.59 -0.86
CA ALA A 47 4.10 -4.67 0.42
C ALA A 47 2.77 -5.40 0.30
N THR A 48 2.43 -6.15 1.31
CA THR A 48 1.17 -6.89 1.35
C THR A 48 0.20 -6.15 2.26
N VAL A 49 -0.95 -5.79 1.75
CA VAL A 49 -1.92 -5.05 2.53
C VAL A 49 -3.27 -5.72 2.52
N LYS A 50 -4.02 -5.54 3.61
CA LYS A 50 -5.35 -6.12 3.75
C LYS A 50 -6.32 -5.10 4.31
N TYR A 51 -7.31 -4.73 3.51
CA TYR A 51 -8.30 -3.74 3.91
C TYR A 51 -9.53 -3.81 3.02
N VAL A 52 -10.57 -3.10 3.40
CA VAL A 52 -11.79 -3.04 2.61
C VAL A 52 -11.63 -2.00 1.50
N PRO A 53 -11.66 -2.44 0.22
CA PRO A 53 -11.44 -1.55 -0.92
C PRO A 53 -12.51 -0.47 -1.08
N SER A 54 -13.70 -0.71 -0.55
CA SER A 54 -14.75 0.30 -0.60
C SER A 54 -14.34 1.53 0.21
N VAL A 55 -13.77 1.29 1.40
CA VAL A 55 -13.34 2.38 2.27
C VAL A 55 -12.17 3.12 1.64
N VAL A 56 -11.17 2.37 1.21
CA VAL A 56 -10.02 2.91 0.53
C VAL A 56 -9.81 2.16 -0.76
N CYS A 57 -9.87 2.83 -1.89
CA CYS A 57 -9.73 2.17 -3.15
C CYS A 57 -8.26 1.96 -3.51
N LEU A 58 -8.00 0.95 -4.32
CA LEU A 58 -6.65 0.60 -4.74
C LEU A 58 -6.03 1.74 -5.53
N GLN A 59 -6.84 2.38 -6.35
CA GLN A 59 -6.40 3.48 -7.18
C GLN A 59 -5.92 4.66 -6.33
N GLN A 60 -6.61 4.93 -5.23
CA GLN A 60 -6.26 6.04 -4.35
C GLN A 60 -4.88 5.77 -3.72
N VAL A 61 -4.65 4.51 -3.37
CA VAL A 61 -3.36 4.09 -2.80
C VAL A 61 -2.23 4.33 -3.80
N CYS A 62 -2.48 3.98 -5.05
CA CYS A 62 -1.54 4.20 -6.13
C CYS A 62 -1.28 5.70 -6.27
N HIS A 63 -2.34 6.48 -6.12
CA HIS A 63 -2.30 7.93 -6.16
C HIS A 63 -1.38 8.49 -5.06
N GLN A 64 -1.45 7.86 -3.88
CA GLN A 64 -0.67 8.32 -2.72
C GLN A 64 0.83 8.27 -3.00
N ILE A 65 1.28 7.17 -3.58
CA ILE A 65 2.70 7.01 -3.85
C ILE A 65 3.13 7.71 -5.15
N GLY A 66 2.22 7.73 -6.13
CA GLY A 66 2.53 8.35 -7.41
C GLY A 66 2.84 9.82 -7.28
N ASP A 67 2.10 10.51 -6.42
CA ASP A 67 2.33 11.94 -6.17
C ASP A 67 3.72 12.19 -5.63
N MET A 68 4.16 11.29 -4.76
CA MET A 68 5.48 11.39 -4.15
C MET A 68 6.58 11.33 -5.21
N GLY A 69 6.31 10.62 -6.30
CA GLY A 69 7.29 10.50 -7.36
C GLY A 69 7.78 9.09 -7.54
N PHE A 70 7.18 8.16 -6.83
CA PHE A 70 7.56 6.77 -6.94
C PHE A 70 6.45 5.98 -7.58
N GLU A 71 6.80 5.10 -8.48
CA GLU A 71 5.81 4.31 -9.18
C GLU A 71 5.64 2.95 -8.52
N ALA A 72 4.42 2.46 -8.52
CA ALA A 72 4.11 1.18 -7.93
C ALA A 72 2.99 0.50 -8.68
N SER A 73 2.96 -0.83 -8.65
CA SER A 73 1.89 -1.55 -9.31
C SER A 73 1.32 -2.60 -8.38
N ILE A 74 0.05 -2.88 -8.54
CA ILE A 74 -0.64 -3.79 -7.66
C ILE A 74 -0.65 -5.19 -8.24
N ALA A 75 -0.17 -6.14 -7.46
CA ALA A 75 -0.12 -7.53 -7.88
C ALA A 75 -0.81 -8.43 -6.86
N GLU A 76 -1.38 -9.53 -7.35
CA GLU A 76 -2.08 -10.52 -6.51
C GLU A 76 -3.20 -9.86 -5.70
N ALA A 1 -18.06 -22.11 9.90
CA ALA A 1 -17.11 -21.19 9.27
C ALA A 1 -17.65 -19.76 9.32
N GLY A 2 -16.75 -18.78 9.43
CA GLY A 2 -17.17 -17.41 9.50
C GLY A 2 -16.73 -16.59 8.30
N HIS A 3 -17.62 -15.76 7.79
CA HIS A 3 -17.31 -14.92 6.64
C HIS A 3 -16.76 -13.57 7.07
N MET A 4 -15.62 -13.22 6.51
CA MET A 4 -14.99 -11.94 6.78
C MET A 4 -14.39 -11.40 5.49
N GLN A 5 -14.71 -10.16 5.16
CA GLN A 5 -14.20 -9.57 3.93
C GLN A 5 -12.89 -8.85 4.19
N VAL A 6 -11.82 -9.49 3.79
CA VAL A 6 -10.49 -8.92 3.89
C VAL A 6 -9.76 -9.12 2.59
N ALA A 7 -8.86 -8.22 2.28
CA ALA A 7 -8.10 -8.32 1.07
C ALA A 7 -6.66 -7.95 1.31
N THR A 8 -5.79 -8.56 0.56
CA THR A 8 -4.39 -8.29 0.64
C THR A 8 -3.89 -7.92 -0.72
N SER A 9 -2.80 -7.21 -0.76
CA SER A 9 -2.19 -6.85 -2.01
C SER A 9 -0.73 -6.56 -1.80
N THR A 10 0.03 -6.64 -2.87
CA THR A 10 1.43 -6.33 -2.83
C THR A 10 1.71 -5.16 -3.73
N VAL A 11 2.54 -4.27 -3.29
CA VAL A 11 2.88 -3.10 -4.07
C VAL A 11 4.38 -2.92 -4.10
N ARG A 12 4.94 -2.86 -5.29
CA ARG A 12 6.36 -2.65 -5.42
C ARG A 12 6.68 -1.20 -5.20
N ILE A 13 7.80 -0.94 -4.57
CA ILE A 13 8.23 0.41 -4.32
C ILE A 13 9.53 0.67 -5.07
N LEU A 14 9.52 1.68 -5.91
CA LEU A 14 10.68 1.98 -6.72
C LEU A 14 11.18 3.39 -6.49
N GLY A 15 12.41 3.50 -6.04
CA GLY A 15 13.02 4.77 -5.82
C GLY A 15 14.42 4.61 -5.28
N MET A 16 15.19 5.68 -5.26
CA MET A 16 16.56 5.65 -4.77
C MET A 16 16.60 5.31 -3.28
N THR A 17 15.66 5.86 -2.53
CA THR A 17 15.58 5.62 -1.11
C THR A 17 14.37 4.75 -0.76
N CYS A 18 14.64 3.54 -0.28
CA CYS A 18 13.60 2.58 0.04
C CYS A 18 12.84 3.00 1.30
N GLN A 19 13.55 3.42 2.32
CA GLN A 19 12.90 3.81 3.57
C GLN A 19 12.02 5.03 3.38
N SER A 20 12.48 5.97 2.56
CA SER A 20 11.74 7.19 2.32
C SER A 20 10.35 6.90 1.72
N CYS A 21 10.30 6.01 0.72
CA CYS A 21 9.01 5.66 0.13
C CYS A 21 8.16 4.85 1.10
N VAL A 22 8.82 4.04 1.95
CA VAL A 22 8.13 3.28 2.98
C VAL A 22 7.47 4.24 3.97
N LYS A 23 8.21 5.27 4.34
CA LYS A 23 7.72 6.28 5.26
C LYS A 23 6.52 6.99 4.64
N SER A 24 6.61 7.23 3.35
CA SER A 24 5.56 7.91 2.61
C SER A 24 4.26 7.12 2.63
N ILE A 25 4.36 5.82 2.43
CA ILE A 25 3.16 5.00 2.41
C ILE A 25 2.69 4.64 3.81
N GLU A 26 3.60 4.36 4.72
CA GLU A 26 3.21 3.91 6.06
C GLU A 26 2.42 5.00 6.78
N ASP A 27 2.92 6.22 6.69
CA ASP A 27 2.26 7.35 7.35
C ASP A 27 0.85 7.57 6.81
N ARG A 28 0.75 7.65 5.50
CA ARG A 28 -0.52 7.93 4.86
C ARG A 28 -1.49 6.75 4.97
N ILE A 29 -0.99 5.53 4.79
CA ILE A 29 -1.82 4.33 4.89
C ILE A 29 -2.38 4.16 6.30
N SER A 30 -1.53 4.36 7.30
CA SER A 30 -1.95 4.23 8.69
C SER A 30 -3.03 5.26 9.03
N ASN A 31 -2.94 6.44 8.43
CA ASN A 31 -3.94 7.48 8.62
C ASN A 31 -5.26 7.11 7.93
N LEU A 32 -5.19 6.29 6.90
CA LEU A 32 -6.38 5.86 6.17
C LEU A 32 -7.22 4.91 7.00
N LYS A 33 -8.52 4.98 6.81
CA LYS A 33 -9.46 4.13 7.52
C LYS A 33 -9.63 2.81 6.76
N GLY A 34 -9.53 1.70 7.47
CA GLY A 34 -9.68 0.40 6.84
C GLY A 34 -8.39 -0.37 6.76
N ILE A 35 -7.35 0.14 7.41
CA ILE A 35 -6.05 -0.53 7.41
C ILE A 35 -6.00 -1.57 8.52
N ILE A 36 -5.72 -2.81 8.15
CA ILE A 36 -5.61 -3.87 9.12
C ILE A 36 -4.16 -4.04 9.55
N SER A 37 -3.29 -4.35 8.59
CA SER A 37 -1.86 -4.52 8.85
C SER A 37 -1.07 -4.42 7.56
N MET A 38 0.25 -4.23 7.67
CA MET A 38 1.11 -4.14 6.51
C MET A 38 2.52 -4.63 6.83
N LYS A 39 3.24 -5.06 5.81
CA LYS A 39 4.59 -5.54 5.95
C LYS A 39 5.41 -5.13 4.74
N VAL A 40 6.63 -4.71 4.96
CA VAL A 40 7.49 -4.29 3.87
C VAL A 40 8.58 -5.33 3.62
N SER A 41 8.66 -5.79 2.40
CA SER A 41 9.66 -6.75 2.02
C SER A 41 10.80 -6.06 1.33
N LEU A 42 11.92 -5.98 2.01
CA LEU A 42 13.13 -5.40 1.45
C LEU A 42 13.67 -6.32 0.36
N GLU A 43 13.47 -7.62 0.57
CA GLU A 43 13.95 -8.63 -0.35
C GLU A 43 13.31 -8.48 -1.73
N GLN A 44 12.01 -8.27 -1.77
CA GLN A 44 11.31 -8.13 -3.05
C GLN A 44 11.20 -6.67 -3.47
N GLY A 45 11.50 -5.77 -2.55
CA GLY A 45 11.35 -4.35 -2.83
C GLY A 45 9.89 -3.99 -2.96
N SER A 46 9.05 -4.75 -2.29
CA SER A 46 7.62 -4.58 -2.34
C SER A 46 7.02 -4.66 -0.95
N ALA A 47 5.86 -4.10 -0.78
CA ALA A 47 5.18 -4.13 0.49
C ALA A 47 3.85 -4.84 0.36
N THR A 48 3.49 -5.57 1.39
CA THR A 48 2.24 -6.27 1.41
C THR A 48 1.32 -5.61 2.41
N VAL A 49 0.13 -5.30 1.99
CA VAL A 49 -0.81 -4.63 2.86
C VAL A 49 -2.14 -5.36 2.89
N LYS A 50 -2.66 -5.53 4.09
CA LYS A 50 -3.96 -6.11 4.28
C LYS A 50 -4.91 -4.99 4.62
N TYR A 51 -5.86 -4.76 3.74
CA TYR A 51 -6.71 -3.59 3.83
C TYR A 51 -8.12 -3.96 3.41
N VAL A 52 -9.08 -3.11 3.72
CA VAL A 52 -10.44 -3.33 3.29
C VAL A 52 -10.78 -2.36 2.16
N PRO A 53 -10.70 -2.82 0.90
CA PRO A 53 -11.00 -2.00 -0.29
C PRO A 53 -12.43 -1.50 -0.28
N SER A 54 -13.29 -2.23 0.40
CA SER A 54 -14.69 -1.87 0.50
C SER A 54 -14.86 -0.52 1.19
N VAL A 55 -14.07 -0.28 2.25
CA VAL A 55 -14.13 0.99 2.96
C VAL A 55 -13.63 2.11 2.04
N VAL A 56 -12.49 1.88 1.43
CA VAL A 56 -11.90 2.81 0.48
C VAL A 56 -10.96 2.07 -0.47
N CYS A 57 -10.88 2.53 -1.70
CA CYS A 57 -10.09 1.87 -2.72
C CYS A 57 -8.58 1.97 -2.47
N LEU A 58 -7.85 1.03 -3.03
CA LEU A 58 -6.39 0.96 -2.92
C LEU A 58 -5.73 1.98 -3.82
N GLN A 59 -6.54 2.54 -4.72
CA GLN A 59 -6.07 3.53 -5.70
C GLN A 59 -5.47 4.72 -4.97
N GLN A 60 -6.09 5.09 -3.86
CA GLN A 60 -5.63 6.23 -3.06
C GLN A 60 -4.22 5.97 -2.56
N VAL A 61 -3.96 4.73 -2.15
CA VAL A 61 -2.65 4.32 -1.65
C VAL A 61 -1.57 4.49 -2.72
N CYS A 62 -1.89 4.06 -3.93
CA CYS A 62 -0.98 4.18 -5.06
C CYS A 62 -0.68 5.67 -5.32
N HIS A 63 -1.71 6.48 -5.21
CA HIS A 63 -1.59 7.92 -5.42
C HIS A 63 -0.69 8.54 -4.35
N GLN A 64 -0.79 8.04 -3.13
CA GLN A 64 -0.02 8.56 -2.01
C GLN A 64 1.48 8.45 -2.23
N ILE A 65 1.93 7.31 -2.72
CA ILE A 65 3.34 7.11 -2.96
C ILE A 65 3.80 7.84 -4.24
N GLY A 66 2.95 7.83 -5.27
CA GLY A 66 3.27 8.53 -6.51
C GLY A 66 3.40 10.02 -6.28
N ASP A 67 2.56 10.54 -5.41
CA ASP A 67 2.58 11.96 -5.02
C ASP A 67 3.93 12.37 -4.45
N MET A 68 4.53 11.46 -3.71
CA MET A 68 5.82 11.69 -3.08
C MET A 68 6.98 11.50 -4.07
N GLY A 69 6.64 11.19 -5.32
CA GLY A 69 7.65 11.06 -6.36
C GLY A 69 8.27 9.68 -6.42
N PHE A 70 7.61 8.70 -5.86
CA PHE A 70 8.10 7.33 -5.91
C PHE A 70 7.15 6.47 -6.73
N GLU A 71 7.68 5.65 -7.61
CA GLU A 71 6.86 4.79 -8.45
C GLU A 71 6.45 3.54 -7.70
N ALA A 72 5.22 3.12 -7.89
CA ALA A 72 4.72 1.93 -7.24
C ALA A 72 3.69 1.23 -8.09
N SER A 73 3.62 -0.07 -7.96
CA SER A 73 2.63 -0.86 -8.68
C SER A 73 1.96 -1.86 -7.76
N ILE A 74 0.65 -1.93 -7.82
CA ILE A 74 -0.11 -2.83 -6.97
C ILE A 74 -0.50 -4.08 -7.73
N ALA A 75 -0.16 -5.22 -7.17
CA ALA A 75 -0.46 -6.49 -7.79
C ALA A 75 -0.92 -7.49 -6.75
N GLU A 76 -1.79 -8.39 -7.16
CA GLU A 76 -2.32 -9.42 -6.29
C GLU A 76 -3.01 -10.49 -7.12
N ALA A 1 -17.40 -10.56 -4.35
CA ALA A 1 -18.13 -11.67 -3.71
C ALA A 1 -17.17 -12.65 -3.04
N GLY A 2 -16.02 -12.91 -3.67
CA GLY A 2 -15.05 -13.84 -3.12
C GLY A 2 -14.51 -13.42 -1.77
N HIS A 3 -14.15 -12.15 -1.64
CA HIS A 3 -13.64 -11.64 -0.37
C HIS A 3 -14.77 -11.13 0.50
N MET A 4 -14.51 -10.93 1.78
CA MET A 4 -15.50 -10.39 2.68
C MET A 4 -15.00 -9.10 3.35
N GLN A 5 -15.29 -7.97 2.70
CA GLN A 5 -14.91 -6.63 3.19
C GLN A 5 -13.41 -6.51 3.49
N VAL A 6 -12.60 -7.27 2.80
CA VAL A 6 -11.17 -7.23 2.98
C VAL A 6 -10.47 -7.48 1.65
N ALA A 7 -9.46 -6.70 1.35
CA ALA A 7 -8.73 -6.85 0.11
C ALA A 7 -7.23 -6.92 0.36
N THR A 8 -6.60 -7.94 -0.18
CA THR A 8 -5.17 -8.08 -0.07
C THR A 8 -4.55 -8.25 -1.44
N SER A 9 -3.45 -7.58 -1.67
CA SER A 9 -2.76 -7.66 -2.93
C SER A 9 -1.32 -7.20 -2.72
N THR A 10 -0.45 -7.52 -3.65
CA THR A 10 0.94 -7.15 -3.51
C THR A 10 1.28 -6.00 -4.44
N VAL A 11 2.01 -5.05 -3.93
CA VAL A 11 2.45 -3.94 -4.71
C VAL A 11 3.96 -3.88 -4.70
N ARG A 12 4.56 -3.90 -5.87
CA ARG A 12 6.00 -3.88 -5.96
C ARG A 12 6.48 -2.46 -5.80
N ILE A 13 7.58 -2.28 -5.11
CA ILE A 13 8.08 -0.96 -4.87
C ILE A 13 9.36 -0.70 -5.66
N LEU A 14 9.36 0.37 -6.39
CA LEU A 14 10.51 0.78 -7.15
C LEU A 14 10.84 2.22 -6.80
N GLY A 15 12.00 2.42 -6.25
CA GLY A 15 12.40 3.73 -5.88
C GLY A 15 13.85 3.81 -5.61
N MET A 16 14.39 5.00 -5.64
CA MET A 16 15.79 5.21 -5.35
C MET A 16 16.06 4.86 -3.90
N THR A 17 15.13 5.24 -3.05
CA THR A 17 15.18 4.91 -1.65
C THR A 17 13.92 4.13 -1.25
N CYS A 18 14.08 2.83 -1.04
CA CYS A 18 12.96 1.96 -0.71
C CYS A 18 12.32 2.35 0.63
N GLN A 19 13.14 2.68 1.59
CA GLN A 19 12.64 3.05 2.91
C GLN A 19 11.78 4.31 2.82
N SER A 20 12.21 5.27 2.02
CA SER A 20 11.49 6.52 1.85
C SER A 20 10.10 6.30 1.25
N CYS A 21 10.00 5.45 0.21
CA CYS A 21 8.71 5.22 -0.42
C CYS A 21 7.77 4.48 0.51
N VAL A 22 8.30 3.54 1.28
CA VAL A 22 7.52 2.80 2.24
C VAL A 22 7.01 3.75 3.32
N LYS A 23 7.90 4.60 3.80
CA LYS A 23 7.54 5.56 4.84
C LYS A 23 6.49 6.54 4.34
N SER A 24 6.68 7.01 3.11
CA SER A 24 5.77 7.98 2.52
C SER A 24 4.35 7.41 2.37
N ILE A 25 4.25 6.15 1.92
CA ILE A 25 2.94 5.53 1.77
C ILE A 25 2.36 5.18 3.15
N GLU A 26 3.23 4.75 4.08
CA GLU A 26 2.81 4.42 5.44
C GLU A 26 2.23 5.65 6.12
N ASP A 27 2.92 6.77 5.97
CA ASP A 27 2.50 8.04 6.55
C ASP A 27 1.16 8.48 6.01
N ARG A 28 1.02 8.44 4.69
CA ARG A 28 -0.20 8.87 4.03
C ARG A 28 -1.37 7.94 4.37
N ILE A 29 -1.12 6.63 4.36
CA ILE A 29 -2.14 5.65 4.72
C ILE A 29 -2.56 5.80 6.17
N SER A 30 -1.59 6.07 7.04
CA SER A 30 -1.87 6.28 8.46
C SER A 30 -2.82 7.46 8.64
N ASN A 31 -2.64 8.49 7.81
CA ASN A 31 -3.49 9.67 7.86
C ASN A 31 -4.91 9.34 7.39
N LEU A 32 -5.03 8.32 6.55
CA LEU A 32 -6.34 7.89 6.03
C LEU A 32 -6.91 6.70 6.83
N LYS A 33 -8.23 6.63 6.89
CA LYS A 33 -8.91 5.52 7.58
C LYS A 33 -8.87 4.25 6.73
N GLY A 34 -8.96 3.11 7.39
CA GLY A 34 -8.99 1.85 6.67
C GLY A 34 -7.68 1.10 6.74
N ILE A 35 -6.73 1.66 7.46
CA ILE A 35 -5.43 1.03 7.62
C ILE A 35 -5.53 -0.19 8.55
N ILE A 36 -5.42 -1.38 7.98
CA ILE A 36 -5.51 -2.59 8.77
C ILE A 36 -4.13 -3.17 9.02
N SER A 37 -3.52 -3.72 7.98
CA SER A 37 -2.19 -4.32 8.08
C SER A 37 -1.47 -4.34 6.75
N MET A 38 -0.15 -4.42 6.79
CA MET A 38 0.63 -4.52 5.58
C MET A 38 1.89 -5.35 5.85
N LYS A 39 2.34 -6.04 4.84
CA LYS A 39 3.56 -6.81 4.91
C LYS A 39 4.55 -6.28 3.90
N VAL A 40 5.60 -5.70 4.38
CA VAL A 40 6.62 -5.17 3.50
C VAL A 40 7.93 -5.87 3.74
N SER A 41 8.37 -6.60 2.74
CA SER A 41 9.61 -7.33 2.86
C SER A 41 10.56 -6.98 1.72
N LEU A 42 11.78 -6.59 2.08
CA LEU A 42 12.81 -6.20 1.11
C LEU A 42 13.18 -7.35 0.21
N GLU A 43 13.25 -8.55 0.80
CA GLU A 43 13.58 -9.75 0.05
C GLU A 43 12.53 -10.01 -1.02
N GLN A 44 11.29 -9.77 -0.66
CA GLN A 44 10.16 -10.00 -1.55
C GLN A 44 10.13 -8.94 -2.66
N GLY A 45 10.62 -7.75 -2.35
CA GLY A 45 10.67 -6.67 -3.32
C GLY A 45 9.29 -6.08 -3.57
N SER A 46 8.37 -6.38 -2.69
CA SER A 46 7.02 -5.90 -2.79
C SER A 46 6.37 -5.89 -1.42
N ALA A 47 5.27 -5.19 -1.32
CA ALA A 47 4.54 -5.12 -0.08
C ALA A 47 3.15 -5.67 -0.26
N THR A 48 2.72 -6.48 0.66
CA THR A 48 1.40 -7.03 0.61
C THR A 48 0.50 -6.15 1.45
N VAL A 49 -0.55 -5.64 0.88
CA VAL A 49 -1.42 -4.74 1.58
C VAL A 49 -2.73 -5.40 1.94
N LYS A 50 -3.22 -5.09 3.12
CA LYS A 50 -4.48 -5.61 3.60
C LYS A 50 -5.32 -4.47 4.14
N TYR A 51 -6.31 -4.06 3.38
CA TYR A 51 -7.16 -2.94 3.74
C TYR A 51 -8.60 -3.22 3.41
N VAL A 52 -9.50 -2.48 4.04
CA VAL A 52 -10.92 -2.61 3.78
C VAL A 52 -11.28 -1.84 2.50
N PRO A 53 -11.75 -2.55 1.45
CA PRO A 53 -12.06 -1.95 0.14
C PRO A 53 -13.17 -0.90 0.21
N SER A 54 -14.03 -1.03 1.20
CA SER A 54 -15.11 -0.08 1.39
C SER A 54 -14.53 1.31 1.69
N VAL A 55 -13.50 1.35 2.52
CA VAL A 55 -12.90 2.60 2.94
C VAL A 55 -11.81 3.06 1.94
N VAL A 56 -10.91 2.15 1.61
CA VAL A 56 -9.82 2.45 0.68
C VAL A 56 -9.70 1.35 -0.36
N CYS A 57 -9.03 1.63 -1.46
CA CYS A 57 -8.89 0.67 -2.53
C CYS A 57 -7.46 0.61 -3.02
N LEU A 58 -7.17 -0.39 -3.85
CA LEU A 58 -5.82 -0.61 -4.38
C LEU A 58 -5.35 0.55 -5.22
N GLN A 59 -6.25 1.12 -6.00
CA GLN A 59 -5.94 2.26 -6.86
C GLN A 59 -5.45 3.43 -6.03
N GLN A 60 -6.14 3.71 -4.92
CA GLN A 60 -5.77 4.79 -4.03
C GLN A 60 -4.43 4.52 -3.38
N VAL A 61 -4.20 3.27 -2.99
CA VAL A 61 -2.93 2.87 -2.37
C VAL A 61 -1.78 3.08 -3.35
N CYS A 62 -1.98 2.65 -4.58
CA CYS A 62 -0.98 2.80 -5.62
C CYS A 62 -0.73 4.28 -5.89
N HIS A 63 -1.80 5.06 -5.86
CA HIS A 63 -1.72 6.49 -6.09
C HIS A 63 -0.88 7.16 -5.02
N GLN A 64 -1.07 6.75 -3.78
CA GLN A 64 -0.39 7.39 -2.65
C GLN A 64 1.12 7.31 -2.77
N ILE A 65 1.63 6.16 -3.16
CA ILE A 65 3.07 6.01 -3.33
C ILE A 65 3.56 6.66 -4.64
N GLY A 66 2.79 6.49 -5.71
CA GLY A 66 3.14 7.10 -7.00
C GLY A 66 3.14 8.62 -6.94
N ASP A 67 2.19 9.15 -6.20
CA ASP A 67 2.01 10.59 -6.03
C ASP A 67 3.25 11.21 -5.40
N MET A 68 3.92 10.44 -4.56
CA MET A 68 5.11 10.90 -3.87
C MET A 68 6.35 10.85 -4.76
N GLY A 69 6.19 10.39 -6.00
CA GLY A 69 7.30 10.35 -6.92
C GLY A 69 8.01 9.00 -6.96
N PHE A 70 7.37 7.99 -6.43
CA PHE A 70 7.95 6.65 -6.44
C PHE A 70 7.13 5.72 -7.33
N GLU A 71 7.79 4.80 -7.98
CA GLU A 71 7.12 3.90 -8.88
C GLU A 71 6.63 2.66 -8.14
N ALA A 72 5.38 2.31 -8.35
CA ALA A 72 4.82 1.13 -7.74
C ALA A 72 3.77 0.50 -8.64
N SER A 73 3.77 -0.81 -8.69
CA SER A 73 2.81 -1.54 -9.51
C SER A 73 2.09 -2.58 -8.67
N ILE A 74 0.81 -2.74 -8.93
CA ILE A 74 -0.01 -3.66 -8.17
C ILE A 74 -0.16 -4.98 -8.91
N ALA A 75 -0.03 -6.08 -8.18
CA ALA A 75 -0.14 -7.42 -8.76
C ALA A 75 -0.57 -8.41 -7.69
N GLU A 76 -1.11 -9.53 -8.11
CA GLU A 76 -1.54 -10.54 -7.18
C GLU A 76 -0.95 -11.90 -7.54
N ALA A 1 -18.77 -10.18 -3.32
CA ALA A 1 -19.12 -9.60 -2.01
C ALA A 1 -19.17 -10.69 -0.96
N GLY A 2 -18.77 -10.35 0.25
CA GLY A 2 -18.77 -11.33 1.32
C GLY A 2 -18.81 -10.67 2.68
N HIS A 3 -18.92 -11.49 3.71
CA HIS A 3 -18.98 -10.97 5.07
C HIS A 3 -17.57 -10.73 5.57
N MET A 4 -17.34 -9.53 6.11
CA MET A 4 -16.01 -9.12 6.56
C MET A 4 -15.02 -9.28 5.41
N GLN A 5 -15.41 -8.76 4.26
CA GLN A 5 -14.62 -8.89 3.06
C GLN A 5 -13.38 -8.04 3.15
N VAL A 6 -12.24 -8.67 2.98
CA VAL A 6 -10.97 -7.99 3.04
C VAL A 6 -10.16 -8.28 1.79
N ALA A 7 -9.67 -7.24 1.16
CA ALA A 7 -8.89 -7.38 -0.04
C ALA A 7 -7.42 -7.24 0.27
N THR A 8 -6.63 -8.15 -0.27
CA THR A 8 -5.20 -8.10 -0.07
C THR A 8 -4.49 -8.04 -1.40
N SER A 9 -3.49 -7.22 -1.48
CA SER A 9 -2.70 -7.10 -2.69
C SER A 9 -1.26 -6.78 -2.35
N THR A 10 -0.39 -7.09 -3.26
CA THR A 10 1.00 -6.80 -3.09
C THR A 10 1.40 -5.70 -4.05
N VAL A 11 2.20 -4.78 -3.59
CA VAL A 11 2.62 -3.69 -4.41
C VAL A 11 4.14 -3.55 -4.35
N ARG A 12 4.78 -3.67 -5.49
CA ARG A 12 6.22 -3.57 -5.54
C ARG A 12 6.62 -2.12 -5.58
N ILE A 13 7.76 -1.80 -5.02
CA ILE A 13 8.22 -0.44 -4.97
C ILE A 13 9.46 -0.25 -5.83
N LEU A 14 9.52 0.90 -6.48
CA LEU A 14 10.63 1.24 -7.32
C LEU A 14 11.08 2.65 -6.99
N GLY A 15 12.32 2.81 -6.57
CA GLY A 15 12.79 4.12 -6.23
C GLY A 15 14.20 4.16 -5.73
N MET A 16 14.70 5.37 -5.52
CA MET A 16 16.06 5.60 -5.03
C MET A 16 16.24 5.00 -3.63
N THR A 17 15.31 5.29 -2.75
CA THR A 17 15.37 4.78 -1.39
C THR A 17 14.07 4.10 -0.99
N CYS A 18 14.17 2.83 -0.66
CA CYS A 18 13.02 2.04 -0.25
C CYS A 18 12.44 2.55 1.07
N GLN A 19 13.31 2.94 1.98
CA GLN A 19 12.90 3.39 3.30
C GLN A 19 12.05 4.65 3.21
N SER A 20 12.44 5.55 2.32
CA SER A 20 11.73 6.81 2.18
C SER A 20 10.27 6.60 1.74
N CYS A 21 10.06 5.70 0.76
CA CYS A 21 8.73 5.46 0.26
C CYS A 21 7.85 4.71 1.25
N VAL A 22 8.42 3.73 1.96
CA VAL A 22 7.63 2.94 2.90
C VAL A 22 7.24 3.78 4.10
N LYS A 23 8.09 4.69 4.49
CA LYS A 23 7.80 5.59 5.60
C LYS A 23 6.72 6.60 5.21
N SER A 24 6.83 7.13 3.99
CA SER A 24 5.88 8.11 3.50
C SER A 24 4.48 7.51 3.39
N ILE A 25 4.40 6.29 2.87
CA ILE A 25 3.12 5.61 2.74
C ILE A 25 2.60 5.18 4.11
N GLU A 26 3.53 4.91 5.03
CA GLU A 26 3.18 4.45 6.38
C GLU A 26 2.31 5.47 7.09
N ASP A 27 2.69 6.74 6.99
CA ASP A 27 1.92 7.81 7.64
C ASP A 27 0.51 7.89 7.08
N ARG A 28 0.39 7.95 5.76
CA ARG A 28 -0.91 8.09 5.12
C ARG A 28 -1.80 6.86 5.34
N ILE A 29 -1.20 5.68 5.29
CA ILE A 29 -1.91 4.43 5.57
C ILE A 29 -2.44 4.44 6.99
N SER A 30 -1.61 4.87 7.92
CA SER A 30 -2.00 4.96 9.31
C SER A 30 -3.14 5.97 9.48
N ASN A 31 -3.05 7.08 8.75
CA ASN A 31 -4.04 8.15 8.84
C ASN A 31 -5.39 7.73 8.28
N LEU A 32 -5.38 6.81 7.33
CA LEU A 32 -6.62 6.39 6.68
C LEU A 32 -7.12 5.07 7.24
N LYS A 33 -8.30 5.11 7.82
CA LYS A 33 -8.91 3.92 8.37
C LYS A 33 -9.62 3.15 7.27
N GLY A 34 -9.74 1.84 7.44
CA GLY A 34 -10.32 0.99 6.43
C GLY A 34 -9.34 -0.02 5.94
N ILE A 35 -8.09 0.18 6.32
CA ILE A 35 -7.07 -0.78 6.04
C ILE A 35 -6.67 -1.47 7.34
N ILE A 36 -7.02 -2.72 7.45
CA ILE A 36 -6.82 -3.48 8.66
C ILE A 36 -5.34 -3.58 9.02
N SER A 37 -4.51 -3.92 8.06
CA SER A 37 -3.10 -4.06 8.31
C SER A 37 -2.29 -3.94 7.04
N MET A 38 -1.02 -3.64 7.18
CA MET A 38 -0.12 -3.54 6.06
C MET A 38 1.26 -4.01 6.48
N LYS A 39 1.83 -4.90 5.70
CA LYS A 39 3.16 -5.41 5.99
C LYS A 39 4.08 -5.12 4.82
N VAL A 40 5.30 -4.73 5.10
CA VAL A 40 6.24 -4.41 4.05
C VAL A 40 7.42 -5.37 4.07
N SER A 41 7.86 -5.77 2.89
CA SER A 41 9.00 -6.65 2.77
C SER A 41 10.09 -5.96 1.98
N LEU A 42 11.13 -5.55 2.67
CA LEU A 42 12.27 -4.90 2.04
C LEU A 42 12.98 -5.86 1.10
N GLU A 43 13.07 -7.12 1.54
CA GLU A 43 13.72 -8.17 0.77
C GLU A 43 13.00 -8.42 -0.55
N GLN A 44 11.68 -8.49 -0.50
CA GLN A 44 10.88 -8.72 -1.69
C GLN A 44 10.80 -7.46 -2.54
N GLY A 45 10.88 -6.30 -1.89
CA GLY A 45 10.73 -5.05 -2.59
C GLY A 45 9.27 -4.79 -2.89
N SER A 46 8.42 -5.39 -2.06
CA SER A 46 6.99 -5.31 -2.24
C SER A 46 6.30 -5.27 -0.89
N ALA A 47 5.15 -4.64 -0.83
CA ALA A 47 4.40 -4.53 0.39
C ALA A 47 3.04 -5.18 0.22
N THR A 48 2.55 -5.76 1.29
CA THR A 48 1.27 -6.41 1.28
C THR A 48 0.26 -5.56 2.02
N VAL A 49 -0.84 -5.24 1.38
CA VAL A 49 -1.87 -4.44 2.00
C VAL A 49 -3.10 -5.29 2.26
N LYS A 50 -3.69 -5.08 3.42
CA LYS A 50 -4.87 -5.81 3.82
C LYS A 50 -5.91 -4.80 4.26
N TYR A 51 -6.95 -4.64 3.45
CA TYR A 51 -7.91 -3.57 3.67
C TYR A 51 -9.30 -3.96 3.20
N VAL A 52 -10.29 -3.18 3.60
CA VAL A 52 -11.64 -3.35 3.12
C VAL A 52 -11.74 -2.71 1.74
N PRO A 53 -12.07 -3.49 0.70
CA PRO A 53 -12.09 -3.00 -0.69
C PRO A 53 -13.05 -1.84 -0.92
N SER A 54 -14.14 -1.84 -0.20
CA SER A 54 -15.11 -0.77 -0.29
C SER A 54 -14.52 0.56 0.18
N VAL A 55 -13.76 0.50 1.27
CA VAL A 55 -13.21 1.70 1.89
C VAL A 55 -11.93 2.20 1.20
N VAL A 56 -11.01 1.29 0.92
CA VAL A 56 -9.70 1.66 0.39
C VAL A 56 -9.48 1.16 -1.04
N CYS A 57 -8.97 2.03 -1.90
CA CYS A 57 -8.66 1.66 -3.27
C CYS A 57 -7.14 1.63 -3.47
N LEU A 58 -6.68 0.75 -4.35
CA LEU A 58 -5.25 0.54 -4.61
C LEU A 58 -4.57 1.76 -5.21
N GLN A 59 -5.25 2.44 -6.14
CA GLN A 59 -4.65 3.58 -6.83
C GLN A 59 -4.34 4.72 -5.86
N GLN A 60 -5.22 4.95 -4.91
CA GLN A 60 -5.00 5.99 -3.91
C GLN A 60 -3.73 5.68 -3.10
N VAL A 61 -3.58 4.40 -2.75
CA VAL A 61 -2.40 3.94 -2.01
C VAL A 61 -1.12 4.14 -2.85
N CYS A 62 -1.21 3.78 -4.12
CA CYS A 62 -0.11 3.93 -5.05
C CYS A 62 0.28 5.40 -5.18
N HIS A 63 -0.72 6.26 -5.19
CA HIS A 63 -0.50 7.69 -5.30
C HIS A 63 0.20 8.24 -4.08
N GLN A 64 0.03 7.56 -2.94
CA GLN A 64 0.66 8.02 -1.69
C GLN A 64 2.17 8.03 -1.84
N ILE A 65 2.71 6.98 -2.44
CA ILE A 65 4.15 6.94 -2.69
C ILE A 65 4.50 7.60 -4.02
N GLY A 66 3.54 7.60 -4.93
CA GLY A 66 3.72 8.22 -6.24
C GLY A 66 4.00 9.71 -6.13
N ASP A 67 3.36 10.36 -5.18
CA ASP A 67 3.54 11.80 -4.95
C ASP A 67 5.00 12.13 -4.65
N MET A 68 5.65 11.24 -3.93
CA MET A 68 7.05 11.43 -3.55
C MET A 68 8.00 11.08 -4.68
N GLY A 69 7.44 10.69 -5.83
CA GLY A 69 8.26 10.38 -6.98
C GLY A 69 8.63 8.92 -7.06
N PHE A 70 8.00 8.10 -6.25
CA PHE A 70 8.28 6.68 -6.25
C PHE A 70 7.22 5.95 -7.06
N GLU A 71 7.65 4.98 -7.83
CA GLU A 71 6.75 4.22 -8.69
C GLU A 71 6.43 2.87 -8.04
N ALA A 72 5.25 2.35 -8.34
CA ALA A 72 4.83 1.08 -7.79
C ALA A 72 4.00 0.29 -8.78
N SER A 73 3.95 -1.02 -8.60
CA SER A 73 3.14 -1.87 -9.44
C SER A 73 2.28 -2.78 -8.57
N ILE A 74 1.10 -3.10 -9.06
CA ILE A 74 0.13 -3.87 -8.28
C ILE A 74 0.09 -5.33 -8.71
N ALA A 75 0.24 -6.20 -7.74
CA ALA A 75 0.17 -7.63 -7.95
C ALA A 75 -0.82 -8.24 -6.95
N GLU A 76 -1.36 -9.40 -7.28
CA GLU A 76 -2.37 -10.08 -6.47
C GLU A 76 -3.69 -9.32 -6.51
N ALA A 1 -24.64 -8.31 10.39
CA ALA A 1 -24.37 -7.61 9.13
C ALA A 1 -23.54 -8.50 8.22
N GLY A 2 -23.44 -8.12 6.95
CA GLY A 2 -22.63 -8.88 6.03
C GLY A 2 -21.16 -8.72 6.36
N HIS A 3 -20.42 -9.82 6.31
CA HIS A 3 -19.02 -9.78 6.65
C HIS A 3 -18.16 -9.54 5.42
N MET A 4 -17.35 -8.51 5.48
CA MET A 4 -16.49 -8.14 4.38
C MET A 4 -15.16 -8.85 4.48
N GLN A 5 -14.67 -9.33 3.38
CA GLN A 5 -13.38 -9.99 3.38
C GLN A 5 -12.27 -8.98 3.23
N VAL A 6 -11.23 -9.16 4.00
CA VAL A 6 -10.12 -8.26 3.96
C VAL A 6 -9.07 -8.83 3.04
N ALA A 7 -8.74 -8.08 2.01
CA ALA A 7 -7.83 -8.54 1.00
C ALA A 7 -6.44 -7.98 1.19
N THR A 8 -5.46 -8.75 0.81
CA THR A 8 -4.09 -8.34 0.86
C THR A 8 -3.64 -7.92 -0.53
N SER A 9 -2.95 -6.82 -0.62
CA SER A 9 -2.49 -6.33 -1.89
C SER A 9 -1.00 -6.09 -1.84
N THR A 10 -0.34 -6.32 -2.95
CA THR A 10 1.08 -6.11 -3.03
C THR A 10 1.39 -5.04 -4.05
N VAL A 11 2.35 -4.21 -3.72
CA VAL A 11 2.77 -3.15 -4.62
C VAL A 11 4.29 -3.05 -4.66
N ARG A 12 4.87 -3.10 -5.84
CA ARG A 12 6.31 -2.98 -5.98
C ARG A 12 6.70 -1.52 -5.98
N ILE A 13 7.87 -1.24 -5.49
CA ILE A 13 8.33 0.13 -5.36
C ILE A 13 9.65 0.37 -6.09
N LEU A 14 9.68 1.43 -6.90
CA LEU A 14 10.89 1.86 -7.57
C LEU A 14 11.06 3.37 -7.36
N GLY A 15 12.16 3.75 -6.74
CA GLY A 15 12.39 5.15 -6.50
C GLY A 15 13.76 5.42 -5.92
N MET A 16 14.04 6.68 -5.62
CA MET A 16 15.33 7.07 -5.06
C MET A 16 15.58 6.45 -3.70
N THR A 17 14.57 6.45 -2.84
CA THR A 17 14.72 5.88 -1.52
C THR A 17 13.49 5.04 -1.16
N CYS A 18 13.71 3.75 -0.95
CA CYS A 18 12.64 2.83 -0.62
C CYS A 18 12.03 3.14 0.76
N GLN A 19 12.89 3.48 1.72
CA GLN A 19 12.42 3.74 3.08
C GLN A 19 11.48 4.94 3.14
N SER A 20 11.80 5.99 2.38
CA SER A 20 11.01 7.21 2.40
C SER A 20 9.57 6.97 1.91
N CYS A 21 9.42 6.22 0.82
CA CYS A 21 8.10 5.95 0.28
C CYS A 21 7.31 5.00 1.18
N VAL A 22 8.01 4.04 1.78
CA VAL A 22 7.36 3.11 2.70
C VAL A 22 6.82 3.88 3.89
N LYS A 23 7.62 4.80 4.39
CA LYS A 23 7.23 5.65 5.49
C LYS A 23 6.05 6.53 5.07
N SER A 24 6.09 7.02 3.84
CA SER A 24 5.05 7.88 3.30
C SER A 24 3.69 7.17 3.28
N ILE A 25 3.67 5.94 2.77
CA ILE A 25 2.43 5.17 2.71
C ILE A 25 2.03 4.67 4.08
N GLU A 26 3.01 4.43 4.93
CA GLU A 26 2.77 4.01 6.31
C GLU A 26 1.95 5.06 7.02
N ASP A 27 2.37 6.31 6.89
CA ASP A 27 1.69 7.43 7.50
C ASP A 27 0.30 7.65 6.91
N ARG A 28 0.23 7.73 5.59
CA ARG A 28 -1.02 8.05 4.89
C ARG A 28 -2.10 6.99 5.16
N ILE A 29 -1.75 5.73 4.95
CA ILE A 29 -2.66 4.62 5.18
C ILE A 29 -3.09 4.52 6.64
N SER A 30 -2.15 4.71 7.58
CA SER A 30 -2.47 4.62 9.01
C SER A 30 -3.52 5.64 9.43
N ASN A 31 -3.45 6.85 8.89
CA ASN A 31 -4.44 7.87 9.20
C ASN A 31 -5.80 7.51 8.63
N LEU A 32 -5.79 6.74 7.55
CA LEU A 32 -7.05 6.30 6.95
C LEU A 32 -7.52 4.99 7.60
N LYS A 33 -8.77 4.96 8.00
CA LYS A 33 -9.37 3.77 8.60
C LYS A 33 -9.56 2.69 7.52
N GLY A 34 -9.53 1.43 7.93
CA GLY A 34 -9.73 0.35 6.99
C GLY A 34 -8.52 -0.55 6.88
N ILE A 35 -7.43 -0.18 7.55
CA ILE A 35 -6.22 -0.98 7.54
C ILE A 35 -6.16 -1.88 8.77
N ILE A 36 -5.73 -3.12 8.57
CA ILE A 36 -5.55 -4.04 9.68
C ILE A 36 -4.08 -4.37 9.87
N SER A 37 -3.42 -4.81 8.81
CA SER A 37 -2.02 -5.20 8.89
C SER A 37 -1.21 -4.68 7.70
N MET A 38 0.08 -4.47 7.93
CA MET A 38 0.98 -4.03 6.87
C MET A 38 2.31 -4.76 6.99
N LYS A 39 2.78 -5.29 5.89
CA LYS A 39 4.05 -5.98 5.82
C LYS A 39 4.87 -5.42 4.68
N VAL A 40 6.06 -4.96 4.96
CA VAL A 40 6.89 -4.39 3.92
C VAL A 40 8.25 -5.04 3.89
N SER A 41 8.75 -5.28 2.69
CA SER A 41 10.04 -5.83 2.51
C SER A 41 10.79 -5.07 1.44
N LEU A 42 11.78 -4.30 1.84
CA LEU A 42 12.61 -3.56 0.92
C LEU A 42 13.42 -4.52 0.07
N GLU A 43 13.78 -5.64 0.67
CA GLU A 43 14.54 -6.68 0.01
C GLU A 43 13.76 -7.23 -1.19
N GLN A 44 12.45 -7.39 -1.00
CA GLN A 44 11.58 -7.84 -2.09
C GLN A 44 11.33 -6.70 -3.05
N GLY A 45 11.41 -5.48 -2.53
CA GLY A 45 11.13 -4.31 -3.33
C GLY A 45 9.65 -4.12 -3.50
N SER A 46 8.89 -4.81 -2.66
CA SER A 46 7.45 -4.77 -2.70
C SER A 46 6.88 -4.62 -1.31
N ALA A 47 5.70 -4.04 -1.23
CA ALA A 47 5.01 -3.86 0.02
C ALA A 47 3.71 -4.62 -0.01
N THR A 48 3.38 -5.25 1.09
CA THR A 48 2.16 -6.00 1.20
C THR A 48 1.27 -5.35 2.24
N VAL A 49 0.05 -5.04 1.87
CA VAL A 49 -0.86 -4.40 2.80
C VAL A 49 -2.15 -5.18 2.91
N LYS A 50 -2.76 -5.14 4.09
CA LYS A 50 -4.02 -5.82 4.29
C LYS A 50 -5.04 -4.81 4.79
N TYR A 51 -6.07 -4.60 4.00
CA TYR A 51 -7.08 -3.59 4.26
C TYR A 51 -8.41 -3.98 3.65
N VAL A 52 -9.47 -3.30 4.05
CA VAL A 52 -10.77 -3.52 3.47
C VAL A 52 -10.83 -2.83 2.11
N PRO A 53 -11.03 -3.61 1.02
CA PRO A 53 -11.00 -3.09 -0.36
C PRO A 53 -12.08 -2.05 -0.63
N SER A 54 -13.21 -2.17 0.04
CA SER A 54 -14.28 -1.20 -0.13
C SER A 54 -13.84 0.19 0.35
N VAL A 55 -13.19 0.23 1.52
CA VAL A 55 -12.76 1.48 2.12
C VAL A 55 -11.58 2.09 1.36
N VAL A 56 -10.58 1.28 1.08
CA VAL A 56 -9.38 1.74 0.42
C VAL A 56 -9.28 1.14 -0.98
N CYS A 57 -9.12 1.99 -1.97
CA CYS A 57 -9.05 1.54 -3.34
C CYS A 57 -7.60 1.48 -3.84
N LEU A 58 -7.39 0.69 -4.87
CA LEU A 58 -6.06 0.49 -5.46
C LEU A 58 -5.52 1.78 -6.06
N GLN A 59 -6.40 2.55 -6.69
CA GLN A 59 -6.01 3.82 -7.30
C GLN A 59 -5.50 4.78 -6.23
N GLN A 60 -6.16 4.78 -5.09
CA GLN A 60 -5.78 5.63 -3.98
C GLN A 60 -4.37 5.31 -3.52
N VAL A 61 -4.10 4.01 -3.36
CA VAL A 61 -2.79 3.56 -2.89
C VAL A 61 -1.70 3.96 -3.89
N CYS A 62 -1.99 3.76 -5.16
CA CYS A 62 -1.05 4.11 -6.21
C CYS A 62 -0.77 5.60 -6.19
N HIS A 63 -1.81 6.39 -5.99
CA HIS A 63 -1.68 7.83 -5.95
C HIS A 63 -0.86 8.30 -4.75
N GLN A 64 -1.08 7.67 -3.60
CA GLN A 64 -0.42 8.09 -2.35
C GLN A 64 1.09 7.99 -2.47
N ILE A 65 1.56 6.91 -3.07
CA ILE A 65 3.00 6.72 -3.26
C ILE A 65 3.50 7.44 -4.53
N GLY A 66 2.72 7.35 -5.61
CA GLY A 66 3.11 7.96 -6.88
C GLY A 66 3.24 9.48 -6.82
N ASP A 67 2.32 10.12 -6.10
CA ASP A 67 2.32 11.58 -5.98
C ASP A 67 3.60 12.06 -5.33
N MET A 68 4.10 11.27 -4.39
CA MET A 68 5.32 11.60 -3.65
C MET A 68 6.56 11.52 -4.55
N GLY A 69 6.40 10.94 -5.74
CA GLY A 69 7.51 10.84 -6.66
C GLY A 69 8.13 9.47 -6.72
N PHE A 70 7.46 8.51 -6.14
CA PHE A 70 7.96 7.14 -6.15
C PHE A 70 7.09 6.28 -7.05
N GLU A 71 7.71 5.61 -8.00
CA GLU A 71 7.00 4.78 -8.96
C GLU A 71 6.60 3.44 -8.31
N ALA A 72 5.40 3.00 -8.61
CA ALA A 72 4.90 1.78 -8.02
C ALA A 72 3.98 1.02 -8.98
N SER A 73 3.88 -0.27 -8.77
CA SER A 73 3.01 -1.12 -9.58
C SER A 73 2.30 -2.09 -8.66
N ILE A 74 1.03 -2.34 -8.92
CA ILE A 74 0.21 -3.15 -8.02
C ILE A 74 -0.07 -4.55 -8.56
N ALA A 75 -0.25 -5.46 -7.62
CA ALA A 75 -0.55 -6.85 -7.89
C ALA A 75 -1.37 -7.41 -6.73
N GLU A 76 -2.07 -8.52 -6.97
CA GLU A 76 -2.94 -9.17 -5.95
C GLU A 76 -4.26 -8.40 -5.81
N ALA A 1 -18.35 -22.12 2.21
CA ALA A 1 -17.38 -21.02 2.27
C ALA A 1 -17.99 -19.76 1.68
N GLY A 2 -17.48 -18.62 2.11
CA GLY A 2 -17.98 -17.36 1.62
C GLY A 2 -16.87 -16.53 1.02
N HIS A 3 -17.24 -15.49 0.29
CA HIS A 3 -16.26 -14.61 -0.34
C HIS A 3 -15.50 -13.84 0.71
N MET A 4 -14.26 -13.51 0.40
CA MET A 4 -13.42 -12.79 1.35
C MET A 4 -13.96 -11.39 1.59
N GLN A 5 -14.34 -11.12 2.82
CA GLN A 5 -14.85 -9.82 3.23
C GLN A 5 -13.74 -8.80 3.12
N VAL A 6 -12.54 -9.22 3.47
CA VAL A 6 -11.39 -8.36 3.44
C VAL A 6 -10.50 -8.76 2.29
N ALA A 7 -9.77 -7.80 1.75
CA ALA A 7 -8.94 -8.05 0.59
C ALA A 7 -7.47 -7.85 0.88
N THR A 8 -6.65 -8.63 0.22
CA THR A 8 -5.21 -8.51 0.35
C THR A 8 -4.61 -8.18 -1.00
N SER A 9 -3.52 -7.48 -0.99
CA SER A 9 -2.87 -7.11 -2.21
C SER A 9 -1.41 -6.86 -1.95
N THR A 10 -0.63 -6.91 -3.00
CA THR A 10 0.76 -6.63 -2.90
C THR A 10 1.12 -5.59 -3.94
N VAL A 11 2.06 -4.75 -3.62
CA VAL A 11 2.50 -3.76 -4.56
C VAL A 11 4.00 -3.81 -4.65
N ARG A 12 4.52 -3.55 -5.81
CA ARG A 12 5.95 -3.57 -6.00
C ARG A 12 6.47 -2.16 -6.14
N ILE A 13 7.61 -1.91 -5.55
CA ILE A 13 8.12 -0.56 -5.49
C ILE A 13 9.49 -0.43 -6.18
N LEU A 14 9.59 0.58 -7.02
CA LEU A 14 10.80 0.91 -7.71
C LEU A 14 11.13 2.38 -7.41
N GLY A 15 12.27 2.61 -6.79
CA GLY A 15 12.64 3.97 -6.45
C GLY A 15 14.06 4.08 -5.97
N MET A 16 14.55 5.32 -5.85
CA MET A 16 15.92 5.56 -5.42
C MET A 16 16.14 5.07 -3.99
N THR A 17 15.18 5.35 -3.12
CA THR A 17 15.29 4.94 -1.72
C THR A 17 13.99 4.29 -1.25
N CYS A 18 14.12 3.06 -0.78
CA CYS A 18 13.00 2.29 -0.27
C CYS A 18 12.40 2.95 0.96
N GLN A 19 13.25 3.44 1.84
CA GLN A 19 12.81 4.02 3.10
C GLN A 19 11.92 5.25 2.86
N SER A 20 12.29 6.06 1.89
CA SER A 20 11.56 7.28 1.59
C SER A 20 10.12 7.01 1.15
N CYS A 21 9.93 6.04 0.25
CA CYS A 21 8.59 5.72 -0.23
C CYS A 21 7.75 5.08 0.86
N VAL A 22 8.38 4.28 1.72
CA VAL A 22 7.70 3.65 2.82
C VAL A 22 7.17 4.69 3.78
N LYS A 23 8.01 5.69 4.06
CA LYS A 23 7.62 6.76 4.96
C LYS A 23 6.48 7.59 4.35
N SER A 24 6.56 7.84 3.05
CA SER A 24 5.55 8.61 2.36
C SER A 24 4.19 7.91 2.42
N ILE A 25 4.16 6.61 2.13
CA ILE A 25 2.91 5.86 2.17
C ILE A 25 2.42 5.69 3.59
N GLU A 26 3.36 5.61 4.52
CA GLU A 26 3.05 5.43 5.92
C GLU A 26 2.17 6.55 6.42
N ASP A 27 2.50 7.78 6.03
CA ASP A 27 1.74 8.94 6.48
C ASP A 27 0.26 8.85 6.08
N ARG A 28 -0.02 8.65 4.80
CA ARG A 28 -1.40 8.60 4.34
C ARG A 28 -2.15 7.39 4.89
N ILE A 29 -1.52 6.22 4.79
CA ILE A 29 -2.18 4.99 5.20
C ILE A 29 -2.46 4.96 6.70
N SER A 30 -1.50 5.41 7.52
CA SER A 30 -1.70 5.43 8.96
C SER A 30 -2.78 6.43 9.34
N ASN A 31 -2.91 7.48 8.53
CA ASN A 31 -3.95 8.47 8.76
C ASN A 31 -5.33 7.90 8.43
N LEU A 32 -5.37 6.92 7.54
CA LEU A 32 -6.63 6.31 7.12
C LEU A 32 -6.98 5.09 7.99
N LYS A 33 -8.24 4.99 8.35
CA LYS A 33 -8.74 3.86 9.12
C LYS A 33 -9.14 2.72 8.17
N GLY A 34 -9.05 1.49 8.66
CA GLY A 34 -9.41 0.36 7.83
C GLY A 34 -8.23 -0.57 7.56
N ILE A 35 -7.13 -0.31 8.24
CA ILE A 35 -5.93 -1.12 8.10
C ILE A 35 -6.06 -2.37 8.95
N ILE A 36 -5.96 -3.53 8.32
CA ILE A 36 -6.00 -4.77 9.06
C ILE A 36 -4.58 -5.22 9.37
N SER A 37 -3.78 -5.33 8.33
CA SER A 37 -2.41 -5.72 8.47
C SER A 37 -1.57 -5.07 7.39
N MET A 38 -0.54 -4.34 7.79
CA MET A 38 0.35 -3.71 6.84
C MET A 38 1.77 -4.19 7.07
N LYS A 39 2.30 -4.90 6.10
CA LYS A 39 3.65 -5.41 6.17
C LYS A 39 4.38 -5.14 4.88
N VAL A 40 5.65 -4.87 4.96
CA VAL A 40 6.44 -4.63 3.78
C VAL A 40 7.52 -5.68 3.65
N SER A 41 7.57 -6.31 2.50
CA SER A 41 8.52 -7.34 2.25
C SER A 41 9.76 -6.76 1.58
N LEU A 42 10.73 -6.37 2.38
CA LEU A 42 11.98 -5.84 1.86
C LEU A 42 12.68 -6.90 1.05
N GLU A 43 12.55 -8.13 1.52
CA GLU A 43 13.16 -9.30 0.88
C GLU A 43 12.60 -9.50 -0.52
N GLN A 44 11.29 -9.30 -0.67
CA GLN A 44 10.60 -9.52 -1.95
C GLN A 44 10.58 -8.26 -2.80
N GLY A 45 10.93 -7.12 -2.21
CA GLY A 45 10.87 -5.87 -2.95
C GLY A 45 9.44 -5.43 -3.22
N SER A 46 8.55 -5.81 -2.32
CA SER A 46 7.14 -5.52 -2.47
C SER A 46 6.47 -5.40 -1.10
N ALA A 47 5.29 -4.82 -1.06
CA ALA A 47 4.58 -4.65 0.19
C ALA A 47 3.24 -5.38 0.16
N THR A 48 2.83 -5.90 1.30
CA THR A 48 1.57 -6.62 1.40
C THR A 48 0.62 -5.84 2.28
N VAL A 49 -0.52 -5.49 1.74
CA VAL A 49 -1.50 -4.74 2.49
C VAL A 49 -2.80 -5.51 2.59
N LYS A 50 -3.24 -5.74 3.81
CA LYS A 50 -4.50 -6.39 4.06
C LYS A 50 -5.45 -5.35 4.62
N TYR A 51 -6.54 -5.12 3.92
CA TYR A 51 -7.43 -4.02 4.23
C TYR A 51 -8.86 -4.33 3.85
N VAL A 52 -9.77 -3.50 4.33
CA VAL A 52 -11.16 -3.60 3.94
C VAL A 52 -11.38 -2.67 2.76
N PRO A 53 -11.62 -3.23 1.56
CA PRO A 53 -11.76 -2.45 0.31
C PRO A 53 -12.95 -1.49 0.32
N SER A 54 -13.93 -1.79 1.15
CA SER A 54 -15.10 -0.95 1.26
C SER A 54 -14.74 0.46 1.77
N VAL A 55 -13.88 0.52 2.79
CA VAL A 55 -13.51 1.80 3.40
C VAL A 55 -12.23 2.41 2.82
N VAL A 56 -11.28 1.57 2.46
CA VAL A 56 -10.00 2.04 1.94
C VAL A 56 -9.67 1.30 0.65
N CYS A 57 -8.95 1.96 -0.24
CA CYS A 57 -8.65 1.38 -1.52
C CYS A 57 -7.18 1.56 -1.89
N LEU A 58 -6.74 0.77 -2.86
CA LEU A 58 -5.38 0.81 -3.34
C LEU A 58 -5.08 2.08 -4.12
N GLN A 59 -6.13 2.70 -4.65
CA GLN A 59 -5.94 3.92 -5.43
C GLN A 59 -5.33 5.01 -4.58
N GLN A 60 -5.81 5.12 -3.35
CA GLN A 60 -5.34 6.12 -2.42
C GLN A 60 -3.87 5.92 -2.04
N VAL A 61 -3.48 4.67 -1.83
CA VAL A 61 -2.11 4.39 -1.43
C VAL A 61 -1.13 4.58 -2.60
N CYS A 62 -1.57 4.22 -3.80
CA CYS A 62 -0.76 4.37 -4.99
C CYS A 62 -0.47 5.84 -5.26
N HIS A 63 -1.47 6.68 -5.04
CA HIS A 63 -1.34 8.11 -5.28
C HIS A 63 -0.30 8.74 -4.35
N GLN A 64 -0.30 8.30 -3.09
CA GLN A 64 0.61 8.84 -2.08
C GLN A 64 2.07 8.63 -2.48
N ILE A 65 2.39 7.45 -2.95
CA ILE A 65 3.77 7.14 -3.32
C ILE A 65 4.10 7.53 -4.76
N GLY A 66 3.16 7.35 -5.68
CA GLY A 66 3.39 7.66 -7.08
C GLY A 66 3.66 9.14 -7.32
N ASP A 67 2.91 10.00 -6.64
CA ASP A 67 3.08 11.45 -6.78
C ASP A 67 4.39 11.93 -6.19
N MET A 68 5.02 11.10 -5.38
CA MET A 68 6.31 11.42 -4.78
C MET A 68 7.45 11.08 -5.74
N GLY A 69 7.10 10.60 -6.92
CA GLY A 69 8.11 10.26 -7.92
C GLY A 69 8.47 8.80 -7.87
N PHE A 70 8.00 8.12 -6.85
CA PHE A 70 8.27 6.71 -6.70
C PHE A 70 7.32 5.92 -7.59
N GLU A 71 7.81 4.85 -8.15
CA GLU A 71 7.03 4.04 -9.05
C GLU A 71 6.62 2.75 -8.38
N ALA A 72 5.34 2.45 -8.42
CA ALA A 72 4.82 1.23 -7.82
C ALA A 72 3.64 0.71 -8.60
N SER A 73 3.44 -0.59 -8.58
CA SER A 73 2.32 -1.17 -9.28
C SER A 73 1.64 -2.24 -8.42
N ILE A 74 0.36 -2.44 -8.68
CA ILE A 74 -0.47 -3.33 -7.90
C ILE A 74 -0.47 -4.75 -8.46
N ALA A 75 -0.27 -5.71 -7.58
CA ALA A 75 -0.34 -7.10 -7.93
C ALA A 75 -1.16 -7.85 -6.89
N GLU A 76 -2.16 -8.57 -7.33
CA GLU A 76 -2.98 -9.32 -6.40
C GLU A 76 -2.47 -10.73 -6.25
N ALA A 1 -8.64 -8.83 -5.82
CA ALA A 1 -7.52 -9.40 -5.07
C ALA A 1 -8.03 -10.00 -3.76
N GLY A 2 -7.76 -11.29 -3.57
CA GLY A 2 -8.24 -11.96 -2.38
C GLY A 2 -9.75 -11.96 -2.28
N HIS A 3 -10.28 -11.58 -1.14
CA HIS A 3 -11.73 -11.56 -0.92
C HIS A 3 -12.28 -10.19 -1.31
N MET A 4 -13.54 -10.17 -1.71
CA MET A 4 -14.21 -8.91 -2.01
C MET A 4 -14.47 -8.10 -0.73
N GLN A 5 -14.81 -8.80 0.34
CA GLN A 5 -15.05 -8.17 1.64
C GLN A 5 -13.76 -7.59 2.21
N VAL A 6 -12.68 -8.33 2.04
CA VAL A 6 -11.35 -7.91 2.50
C VAL A 6 -10.32 -8.29 1.45
N ALA A 7 -9.56 -7.32 1.01
CA ALA A 7 -8.63 -7.55 -0.07
C ALA A 7 -7.20 -7.57 0.39
N THR A 8 -6.47 -8.55 -0.09
CA THR A 8 -5.06 -8.65 0.16
C THR A 8 -4.33 -8.70 -1.15
N SER A 9 -3.21 -8.04 -1.23
CA SER A 9 -2.42 -8.02 -2.43
C SER A 9 -1.00 -7.66 -2.10
N THR A 10 -0.11 -7.86 -3.04
CA THR A 10 1.24 -7.45 -2.86
C THR A 10 1.53 -6.28 -3.76
N VAL A 11 2.39 -5.40 -3.35
CA VAL A 11 2.73 -4.25 -4.16
C VAL A 11 4.24 -4.11 -4.25
N ARG A 12 4.75 -4.02 -5.46
CA ARG A 12 6.18 -3.87 -5.65
C ARG A 12 6.50 -2.39 -5.63
N ILE A 13 7.65 -2.05 -5.10
CA ILE A 13 8.04 -0.66 -5.03
C ILE A 13 9.44 -0.46 -5.57
N LEU A 14 9.58 0.50 -6.45
CA LEU A 14 10.85 0.83 -7.03
C LEU A 14 11.09 2.33 -6.91
N GLY A 15 12.19 2.71 -6.31
CA GLY A 15 12.47 4.09 -6.12
C GLY A 15 13.89 4.34 -5.73
N MET A 16 14.28 5.60 -5.61
CA MET A 16 15.64 5.95 -5.22
C MET A 16 15.96 5.42 -3.83
N THR A 17 15.06 5.64 -2.88
CA THR A 17 15.24 5.15 -1.54
C THR A 17 13.98 4.42 -1.07
N CYS A 18 14.14 3.19 -0.64
CA CYS A 18 13.03 2.36 -0.18
C CYS A 18 12.37 2.96 1.07
N GLN A 19 13.17 3.42 2.00
CA GLN A 19 12.65 3.98 3.24
C GLN A 19 11.78 5.21 2.98
N SER A 20 12.20 6.04 2.02
CA SER A 20 11.49 7.26 1.71
C SER A 20 10.05 7.00 1.26
N CYS A 21 9.86 6.01 0.40
CA CYS A 21 8.52 5.68 -0.09
C CYS A 21 7.67 5.05 1.01
N VAL A 22 8.30 4.22 1.83
CA VAL A 22 7.61 3.57 2.93
C VAL A 22 7.11 4.63 3.91
N LYS A 23 7.96 5.58 4.22
CA LYS A 23 7.59 6.67 5.12
C LYS A 23 6.48 7.52 4.51
N SER A 24 6.58 7.76 3.20
CA SER A 24 5.60 8.58 2.50
C SER A 24 4.22 7.97 2.56
N ILE A 25 4.13 6.66 2.33
CA ILE A 25 2.84 5.99 2.37
C ILE A 25 2.33 5.89 3.81
N GLU A 26 3.26 5.73 4.74
CA GLU A 26 2.92 5.56 6.15
C GLU A 26 2.15 6.76 6.70
N ASP A 27 2.63 7.97 6.44
CA ASP A 27 1.98 9.17 6.96
C ASP A 27 0.56 9.31 6.43
N ARG A 28 0.40 9.13 5.13
CA ARG A 28 -0.90 9.30 4.50
C ARG A 28 -1.87 8.18 4.90
N ILE A 29 -1.37 6.96 4.93
CA ILE A 29 -2.22 5.83 5.23
C ILE A 29 -2.64 5.84 6.70
N SER A 30 -1.72 6.20 7.59
CA SER A 30 -2.03 6.26 9.01
C SER A 30 -3.05 7.36 9.29
N ASN A 31 -3.01 8.40 8.44
CA ASN A 31 -3.97 9.48 8.53
C ASN A 31 -5.37 8.97 8.15
N LEU A 32 -5.40 7.95 7.30
CA LEU A 32 -6.64 7.34 6.90
C LEU A 32 -7.05 6.24 7.88
N LYS A 33 -8.19 6.41 8.51
CA LYS A 33 -8.71 5.45 9.46
C LYS A 33 -9.34 4.27 8.70
N GLY A 34 -9.17 3.06 9.23
CA GLY A 34 -9.71 1.89 8.56
C GLY A 34 -8.64 0.92 8.12
N ILE A 35 -7.41 1.16 8.55
CA ILE A 35 -6.30 0.27 8.22
C ILE A 35 -6.43 -1.05 8.95
N ILE A 36 -6.43 -2.14 8.21
CA ILE A 36 -6.50 -3.45 8.83
C ILE A 36 -5.09 -3.93 9.16
N SER A 37 -4.27 -4.14 8.13
CA SER A 37 -2.90 -4.55 8.33
C SER A 37 -2.07 -4.28 7.08
N MET A 38 -0.85 -3.82 7.27
CA MET A 38 0.07 -3.61 6.18
C MET A 38 1.44 -4.11 6.58
N LYS A 39 2.00 -4.97 5.76
CA LYS A 39 3.32 -5.50 6.03
C LYS A 39 4.21 -5.25 4.84
N VAL A 40 5.24 -4.45 5.04
CA VAL A 40 6.16 -4.16 3.97
C VAL A 40 7.44 -4.95 4.15
N SER A 41 7.78 -5.73 3.15
CA SER A 41 8.98 -6.50 3.20
C SER A 41 10.08 -5.78 2.46
N LEU A 42 10.93 -5.12 3.23
CA LEU A 42 12.03 -4.34 2.69
C LEU A 42 13.00 -5.25 1.96
N GLU A 43 13.22 -6.43 2.52
CA GLU A 43 14.11 -7.42 1.94
C GLU A 43 13.59 -7.89 0.58
N GLN A 44 12.27 -8.09 0.49
CA GLN A 44 11.64 -8.54 -0.75
C GLN A 44 11.52 -7.40 -1.78
N GLY A 45 11.39 -6.19 -1.29
CA GLY A 45 11.16 -5.07 -2.19
C GLY A 45 9.71 -5.02 -2.62
N SER A 46 8.86 -5.68 -1.84
CA SER A 46 7.45 -5.80 -2.11
C SER A 46 6.69 -5.82 -0.77
N ALA A 47 5.48 -5.33 -0.77
CA ALA A 47 4.69 -5.27 0.45
C ALA A 47 3.40 -6.08 0.34
N THR A 48 2.96 -6.62 1.45
CA THR A 48 1.72 -7.37 1.53
C THR A 48 0.71 -6.54 2.28
N VAL A 49 -0.43 -6.29 1.67
CA VAL A 49 -1.42 -5.44 2.28
C VAL A 49 -2.72 -6.17 2.53
N LYS A 50 -3.42 -5.76 3.57
CA LYS A 50 -4.71 -6.32 3.92
C LYS A 50 -5.64 -5.21 4.36
N TYR A 51 -6.59 -4.87 3.52
CA TYR A 51 -7.52 -3.78 3.81
C TYR A 51 -8.92 -4.16 3.41
N VAL A 52 -9.89 -3.46 3.94
CA VAL A 52 -11.25 -3.63 3.50
C VAL A 52 -11.49 -2.70 2.33
N PRO A 53 -11.65 -3.26 1.11
CA PRO A 53 -11.80 -2.47 -0.11
C PRO A 53 -13.07 -1.64 -0.10
N SER A 54 -14.04 -2.07 0.68
CA SER A 54 -15.28 -1.34 0.82
C SER A 54 -15.00 0.04 1.43
N VAL A 55 -14.12 0.06 2.44
CA VAL A 55 -13.74 1.31 3.10
C VAL A 55 -12.78 2.11 2.22
N VAL A 56 -11.76 1.45 1.70
CA VAL A 56 -10.76 2.09 0.88
C VAL A 56 -10.24 1.14 -0.20
N CYS A 57 -10.04 1.67 -1.39
CA CYS A 57 -9.54 0.87 -2.49
C CYS A 57 -8.01 0.75 -2.45
N LEU A 58 -7.50 -0.32 -3.03
CA LEU A 58 -6.07 -0.58 -3.08
C LEU A 58 -5.36 0.45 -3.95
N GLN A 59 -6.03 0.84 -5.03
CA GLN A 59 -5.48 1.80 -5.98
C GLN A 59 -5.17 3.15 -5.32
N GLN A 60 -6.05 3.59 -4.43
CA GLN A 60 -5.84 4.85 -3.72
C GLN A 60 -4.59 4.76 -2.87
N VAL A 61 -4.41 3.61 -2.24
CA VAL A 61 -3.22 3.36 -1.41
C VAL A 61 -1.96 3.40 -2.27
N CYS A 62 -2.05 2.75 -3.43
CA CYS A 62 -0.96 2.70 -4.39
C CYS A 62 -0.60 4.11 -4.85
N HIS A 63 -1.63 4.92 -5.08
CA HIS A 63 -1.45 6.30 -5.53
C HIS A 63 -0.67 7.11 -4.50
N GLN A 64 -0.99 6.92 -3.22
CA GLN A 64 -0.35 7.69 -2.16
C GLN A 64 1.16 7.49 -2.13
N ILE A 65 1.60 6.25 -2.30
CA ILE A 65 3.03 5.97 -2.32
C ILE A 65 3.65 6.38 -3.67
N GLY A 66 2.90 6.15 -4.75
CA GLY A 66 3.35 6.48 -6.09
C GLY A 66 3.54 7.96 -6.32
N ASP A 67 2.65 8.76 -5.75
CA ASP A 67 2.62 10.22 -5.94
C ASP A 67 3.92 10.88 -5.51
N MET A 68 4.53 10.34 -4.46
CA MET A 68 5.77 10.88 -3.92
C MET A 68 6.89 10.90 -4.98
N GLY A 69 6.80 10.02 -5.96
CA GLY A 69 7.81 9.96 -6.99
C GLY A 69 8.43 8.62 -7.11
N PHE A 70 7.89 7.67 -6.37
CA PHE A 70 8.38 6.32 -6.40
C PHE A 70 7.34 5.45 -7.08
N GLU A 71 7.77 4.58 -7.96
CA GLU A 71 6.84 3.80 -8.74
C GLU A 71 6.47 2.50 -8.05
N ALA A 72 5.18 2.34 -7.81
CA ALA A 72 4.67 1.15 -7.17
C ALA A 72 3.62 0.48 -8.04
N SER A 73 3.70 -0.82 -8.16
CA SER A 73 2.74 -1.56 -8.97
C SER A 73 2.22 -2.74 -8.19
N ILE A 74 0.97 -3.07 -8.38
CA ILE A 74 0.39 -4.20 -7.68
C ILE A 74 0.97 -5.52 -8.17
N ALA A 75 1.43 -6.31 -7.25
CA ALA A 75 1.96 -7.61 -7.54
C ALA A 75 0.90 -8.67 -7.31
N GLU A 76 0.79 -9.59 -8.28
CA GLU A 76 -0.21 -10.66 -8.31
C GLU A 76 -1.56 -10.11 -8.73
N ALA A 1 -16.47 -10.84 -8.18
CA ALA A 1 -16.37 -12.31 -8.01
C ALA A 1 -15.55 -12.63 -6.78
N GLY A 2 -16.13 -13.41 -5.87
CA GLY A 2 -15.43 -13.77 -4.65
C GLY A 2 -15.24 -12.58 -3.75
N HIS A 3 -16.19 -11.66 -3.81
CA HIS A 3 -16.13 -10.43 -3.06
C HIS A 3 -16.09 -10.70 -1.55
N MET A 4 -15.16 -10.05 -0.89
CA MET A 4 -15.02 -10.17 0.55
C MET A 4 -14.72 -8.80 1.15
N GLN A 5 -15.06 -8.64 2.43
CA GLN A 5 -14.91 -7.37 3.13
C GLN A 5 -13.46 -6.95 3.26
N VAL A 6 -12.58 -7.91 3.51
CA VAL A 6 -11.17 -7.63 3.64
C VAL A 6 -10.44 -8.03 2.37
N ALA A 7 -9.79 -7.07 1.75
CA ALA A 7 -9.11 -7.32 0.50
C ALA A 7 -7.61 -7.18 0.66
N THR A 8 -6.87 -8.08 0.03
CA THR A 8 -5.43 -8.04 0.07
C THR A 8 -4.87 -7.93 -1.34
N SER A 9 -3.76 -7.26 -1.47
CA SER A 9 -3.13 -7.08 -2.76
C SER A 9 -1.65 -6.78 -2.54
N THR A 10 -0.84 -7.04 -3.55
CA THR A 10 0.58 -6.79 -3.44
C THR A 10 0.99 -5.74 -4.45
N VAL A 11 1.91 -4.88 -4.07
CA VAL A 11 2.39 -3.86 -4.97
C VAL A 11 3.90 -3.82 -4.94
N ARG A 12 4.49 -3.52 -6.08
CA ARG A 12 5.92 -3.36 -6.15
C ARG A 12 6.24 -1.92 -6.36
N ILE A 13 7.30 -1.45 -5.76
CA ILE A 13 7.62 -0.05 -5.82
C ILE A 13 8.96 0.19 -6.49
N LEU A 14 9.01 1.26 -7.24
CA LEU A 14 10.21 1.67 -7.92
C LEU A 14 10.74 2.94 -7.28
N GLY A 15 11.93 2.88 -6.74
CA GLY A 15 12.52 4.03 -6.13
C GLY A 15 13.89 3.75 -5.59
N MET A 16 14.79 4.70 -5.78
CA MET A 16 16.14 4.59 -5.27
C MET A 16 16.13 4.63 -3.74
N THR A 17 15.26 5.46 -3.20
CA THR A 17 15.09 5.57 -1.76
C THR A 17 13.73 5.02 -1.35
N CYS A 18 13.51 3.75 -1.69
CA CYS A 18 12.22 3.09 -1.45
C CYS A 18 11.82 3.07 0.02
N GLN A 19 12.80 3.03 0.92
CA GLN A 19 12.48 3.02 2.34
C GLN A 19 11.80 4.33 2.75
N SER A 20 12.20 5.42 2.12
CA SER A 20 11.64 6.72 2.42
C SER A 20 10.18 6.80 2.03
N CYS A 21 9.82 6.31 0.84
CA CYS A 21 8.45 6.40 0.36
C CYS A 21 7.52 5.56 1.21
N VAL A 22 8.02 4.42 1.67
CA VAL A 22 7.25 3.55 2.53
C VAL A 22 6.88 4.29 3.81
N LYS A 23 7.87 4.96 4.37
CA LYS A 23 7.68 5.72 5.59
C LYS A 23 6.73 6.91 5.36
N SER A 24 6.92 7.58 4.22
CA SER A 24 6.12 8.74 3.88
C SER A 24 4.64 8.38 3.68
N ILE A 25 4.37 7.28 3.00
CA ILE A 25 2.99 6.89 2.75
C ILE A 25 2.36 6.24 3.96
N GLU A 26 3.20 5.64 4.81
CA GLU A 26 2.71 5.01 6.01
C GLU A 26 2.06 6.06 6.90
N ASP A 27 2.66 7.24 6.96
CA ASP A 27 2.10 8.34 7.73
C ASP A 27 0.72 8.70 7.20
N ARG A 28 0.57 8.75 5.89
CA ARG A 28 -0.70 9.08 5.27
C ARG A 28 -1.74 8.01 5.59
N ILE A 29 -1.32 6.77 5.49
CA ILE A 29 -2.16 5.63 5.80
C ILE A 29 -2.59 5.66 7.27
N SER A 30 -1.63 5.91 8.16
CA SER A 30 -1.92 5.96 9.59
C SER A 30 -2.85 7.12 9.95
N ASN A 31 -2.81 8.19 9.16
CA ASN A 31 -3.69 9.33 9.37
C ASN A 31 -5.11 8.99 8.97
N LEU A 32 -5.24 8.06 8.04
CA LEU A 32 -6.54 7.61 7.59
C LEU A 32 -7.09 6.57 8.58
N LYS A 33 -8.26 6.82 9.12
CA LYS A 33 -8.86 5.93 10.11
C LYS A 33 -9.59 4.76 9.44
N GLY A 34 -9.59 3.61 10.10
CA GLY A 34 -10.24 2.44 9.56
C GLY A 34 -9.29 1.51 8.83
N ILE A 35 -8.01 1.79 8.92
CA ILE A 35 -6.99 0.98 8.28
C ILE A 35 -6.78 -0.33 9.04
N ILE A 36 -6.61 -1.42 8.29
CA ILE A 36 -6.42 -2.71 8.91
C ILE A 36 -4.93 -2.98 9.16
N SER A 37 -4.20 -3.39 8.12
CA SER A 37 -2.78 -3.69 8.28
C SER A 37 -2.09 -3.86 6.92
N MET A 38 -0.77 -3.87 6.95
CA MET A 38 0.01 -4.12 5.74
C MET A 38 1.39 -4.62 6.12
N LYS A 39 2.05 -5.28 5.19
CA LYS A 39 3.40 -5.77 5.39
C LYS A 39 4.27 -5.34 4.24
N VAL A 40 5.43 -4.82 4.55
CA VAL A 40 6.33 -4.34 3.52
C VAL A 40 7.62 -5.15 3.52
N SER A 41 7.96 -5.69 2.37
CA SER A 41 9.19 -6.43 2.23
C SER A 41 10.20 -5.56 1.50
N LEU A 42 11.14 -5.00 2.27
CA LEU A 42 12.15 -4.11 1.72
C LEU A 42 13.03 -4.85 0.72
N GLU A 43 13.40 -6.06 1.07
CA GLU A 43 14.27 -6.89 0.26
C GLU A 43 13.62 -7.16 -1.10
N GLN A 44 12.34 -7.51 -1.08
CA GLN A 44 11.61 -7.82 -2.29
C GLN A 44 11.26 -6.57 -3.07
N GLY A 45 11.09 -5.47 -2.36
CA GLY A 45 10.69 -4.23 -3.01
C GLY A 45 9.20 -4.22 -3.28
N SER A 46 8.50 -5.12 -2.62
CA SER A 46 7.08 -5.26 -2.77
C SER A 46 6.41 -5.26 -1.41
N ALA A 47 5.17 -4.83 -1.36
CA ALA A 47 4.42 -4.77 -0.14
C ALA A 47 3.08 -5.47 -0.29
N THR A 48 2.60 -6.03 0.78
CA THR A 48 1.32 -6.70 0.80
C THR A 48 0.38 -5.90 1.68
N VAL A 49 -0.77 -5.54 1.17
CA VAL A 49 -1.69 -4.73 1.94
C VAL A 49 -2.96 -5.49 2.25
N LYS A 50 -3.51 -5.22 3.41
CA LYS A 50 -4.75 -5.83 3.84
C LYS A 50 -5.67 -4.74 4.35
N TYR A 51 -6.67 -4.39 3.57
CA TYR A 51 -7.58 -3.32 3.91
C TYR A 51 -9.00 -3.63 3.52
N VAL A 52 -9.93 -2.93 4.13
CA VAL A 52 -11.32 -3.08 3.82
C VAL A 52 -11.78 -1.97 2.86
N PRO A 53 -12.12 -2.32 1.60
CA PRO A 53 -12.56 -1.35 0.58
C PRO A 53 -13.78 -0.53 1.05
N SER A 54 -14.55 -1.12 1.94
CA SER A 54 -15.72 -0.48 2.50
C SER A 54 -15.34 0.80 3.25
N VAL A 55 -14.27 0.76 4.02
CA VAL A 55 -13.85 1.90 4.82
C VAL A 55 -12.69 2.67 4.15
N VAL A 56 -11.75 1.93 3.59
CA VAL A 56 -10.58 2.56 2.98
C VAL A 56 -10.33 2.03 1.57
N CYS A 57 -9.97 2.92 0.67
CA CYS A 57 -9.72 2.57 -0.70
C CYS A 57 -8.24 2.26 -0.95
N LEU A 58 -7.97 1.04 -1.42
CA LEU A 58 -6.62 0.60 -1.72
C LEU A 58 -6.02 1.43 -2.84
N GLN A 59 -6.85 1.79 -3.82
CA GLN A 59 -6.42 2.59 -4.96
C GLN A 59 -5.89 3.96 -4.50
N GLN A 60 -6.55 4.54 -3.50
CA GLN A 60 -6.13 5.82 -2.95
C GLN A 60 -4.76 5.69 -2.32
N VAL A 61 -4.52 4.56 -1.67
CA VAL A 61 -3.23 4.28 -1.06
C VAL A 61 -2.13 4.26 -2.13
N CYS A 62 -2.45 3.65 -3.25
CA CYS A 62 -1.55 3.60 -4.39
C CYS A 62 -1.25 5.04 -4.87
N HIS A 63 -2.27 5.87 -4.86
CA HIS A 63 -2.11 7.27 -5.26
C HIS A 63 -1.19 8.01 -4.30
N GLN A 64 -1.25 7.67 -3.02
CA GLN A 64 -0.44 8.33 -2.01
C GLN A 64 1.05 8.16 -2.31
N ILE A 65 1.45 6.97 -2.72
CA ILE A 65 2.84 6.73 -3.07
C ILE A 65 3.17 7.32 -4.45
N GLY A 66 2.22 7.22 -5.38
CA GLY A 66 2.43 7.74 -6.72
C GLY A 66 2.64 9.25 -6.72
N ASP A 67 1.81 9.96 -5.96
CA ASP A 67 1.92 11.41 -5.84
C ASP A 67 3.21 11.79 -5.14
N MET A 68 3.62 10.92 -4.23
CA MET A 68 4.86 11.12 -3.47
C MET A 68 6.05 11.22 -4.42
N GLY A 69 5.94 10.56 -5.57
CA GLY A 69 7.00 10.61 -6.55
C GLY A 69 7.58 9.26 -6.84
N PHE A 70 6.99 8.23 -6.27
CA PHE A 70 7.47 6.89 -6.46
C PHE A 70 6.45 6.08 -7.25
N GLU A 71 6.92 5.40 -8.27
CA GLU A 71 6.07 4.61 -9.14
C GLU A 71 5.85 3.23 -8.56
N ALA A 72 4.61 2.76 -8.57
CA ALA A 72 4.30 1.45 -8.03
C ALA A 72 3.41 0.65 -8.98
N SER A 73 3.58 -0.67 -8.98
CA SER A 73 2.77 -1.53 -9.81
C SER A 73 2.01 -2.49 -8.92
N ILE A 74 0.72 -2.63 -9.16
CA ILE A 74 -0.12 -3.44 -8.31
C ILE A 74 -0.44 -4.79 -8.94
N ALA A 75 -0.32 -5.83 -8.15
CA ALA A 75 -0.57 -7.20 -8.57
C ALA A 75 -1.39 -7.92 -7.53
N GLU A 76 -2.08 -8.98 -7.94
CA GLU A 76 -2.93 -9.78 -7.07
C GLU A 76 -4.24 -9.05 -6.77
N ALA A 1 -21.29 -2.38 6.62
CA ALA A 1 -20.16 -3.08 5.99
C ALA A 1 -20.58 -4.42 5.40
N GLY A 2 -21.66 -5.00 5.93
CA GLY A 2 -22.12 -6.30 5.47
C GLY A 2 -21.09 -7.37 5.65
N HIS A 3 -20.83 -8.13 4.60
CA HIS A 3 -19.82 -9.16 4.66
C HIS A 3 -18.45 -8.53 4.45
N MET A 4 -17.54 -8.76 5.38
CA MET A 4 -16.21 -8.21 5.26
C MET A 4 -15.34 -9.15 4.48
N GLN A 5 -15.19 -8.86 3.21
CA GLN A 5 -14.39 -9.66 2.32
C GLN A 5 -12.91 -9.36 2.52
N VAL A 6 -12.07 -10.26 2.08
CA VAL A 6 -10.64 -10.08 2.23
C VAL A 6 -10.04 -9.71 0.90
N ALA A 7 -9.43 -8.55 0.85
CA ALA A 7 -8.79 -8.07 -0.35
C ALA A 7 -7.33 -7.80 -0.07
N THR A 8 -6.47 -8.44 -0.82
CA THR A 8 -5.04 -8.27 -0.65
C THR A 8 -4.38 -7.84 -1.94
N SER A 9 -3.29 -7.14 -1.82
CA SER A 9 -2.55 -6.70 -2.96
C SER A 9 -1.12 -6.39 -2.58
N THR A 10 -0.21 -6.65 -3.49
CA THR A 10 1.15 -6.32 -3.29
C THR A 10 1.54 -5.19 -4.23
N VAL A 11 1.77 -4.03 -3.67
CA VAL A 11 2.16 -2.90 -4.46
C VAL A 11 3.67 -2.82 -4.51
N ARG A 12 4.22 -2.98 -5.70
CA ARG A 12 5.66 -2.97 -5.84
C ARG A 12 6.15 -1.55 -5.91
N ILE A 13 7.33 -1.32 -5.40
CA ILE A 13 7.89 0.00 -5.35
C ILE A 13 9.28 0.03 -5.96
N LEU A 14 9.49 0.99 -6.84
CA LEU A 14 10.78 1.19 -7.44
C LEU A 14 11.33 2.53 -7.00
N GLY A 15 12.41 2.50 -6.27
CA GLY A 15 13.00 3.73 -5.81
C GLY A 15 14.35 3.52 -5.17
N MET A 16 15.19 4.54 -5.25
CA MET A 16 16.52 4.51 -4.64
C MET A 16 16.45 4.67 -3.13
N THR A 17 15.38 5.28 -2.66
CA THR A 17 15.15 5.44 -1.23
C THR A 17 13.83 4.81 -0.84
N CYS A 18 13.88 3.51 -0.59
CA CYS A 18 12.68 2.74 -0.28
C CYS A 18 12.00 3.21 1.02
N GLN A 19 12.80 3.54 2.02
CA GLN A 19 12.26 3.90 3.32
C GLN A 19 11.44 5.18 3.28
N SER A 20 11.90 6.17 2.55
CA SER A 20 11.20 7.44 2.49
C SER A 20 9.82 7.31 1.84
N CYS A 21 9.75 6.53 0.77
CA CYS A 21 8.49 6.34 0.07
C CYS A 21 7.55 5.42 0.84
N VAL A 22 8.09 4.37 1.46
CA VAL A 22 7.25 3.43 2.18
C VAL A 22 6.66 4.09 3.42
N LYS A 23 7.45 4.93 4.08
CA LYS A 23 6.96 5.65 5.24
C LYS A 23 5.85 6.60 4.83
N SER A 24 6.04 7.24 3.68
CA SER A 24 5.08 8.21 3.18
C SER A 24 3.72 7.55 2.91
N ILE A 25 3.73 6.39 2.27
CA ILE A 25 2.48 5.69 1.98
C ILE A 25 1.89 5.05 3.24
N GLU A 26 2.76 4.51 4.10
CA GLU A 26 2.33 3.84 5.33
C GLU A 26 1.61 4.82 6.24
N ASP A 27 2.17 6.00 6.39
CA ASP A 27 1.58 7.02 7.25
C ASP A 27 0.20 7.39 6.78
N ARG A 28 0.06 7.56 5.47
CA ARG A 28 -1.21 7.96 4.90
C ARG A 28 -2.26 6.87 5.09
N ILE A 29 -1.88 5.63 4.80
CA ILE A 29 -2.81 4.50 4.92
C ILE A 29 -3.23 4.27 6.36
N SER A 30 -2.24 4.30 7.26
CA SER A 30 -2.50 4.07 8.68
C SER A 30 -3.39 5.16 9.28
N ASN A 31 -3.25 6.39 8.80
CA ASN A 31 -4.09 7.49 9.27
C ASN A 31 -5.50 7.34 8.74
N LEU A 32 -5.65 6.68 7.61
CA LEU A 32 -6.96 6.44 7.02
C LEU A 32 -7.60 5.22 7.65
N LYS A 33 -8.90 5.30 7.84
CA LYS A 33 -9.65 4.19 8.39
C LYS A 33 -9.85 3.13 7.32
N GLY A 34 -9.77 1.87 7.70
CA GLY A 34 -9.96 0.79 6.74
C GLY A 34 -8.72 -0.04 6.54
N ILE A 35 -7.62 0.39 7.11
CA ILE A 35 -6.39 -0.38 7.05
C ILE A 35 -6.47 -1.56 8.01
N ILE A 36 -6.57 -2.75 7.47
CA ILE A 36 -6.64 -3.92 8.31
C ILE A 36 -5.23 -4.36 8.71
N SER A 37 -4.36 -4.52 7.72
CA SER A 37 -2.98 -4.88 7.99
C SER A 37 -2.10 -4.52 6.80
N MET A 38 -0.86 -4.13 7.10
CA MET A 38 0.11 -3.76 6.09
C MET A 38 1.47 -4.38 6.43
N LYS A 39 2.09 -5.00 5.44
CA LYS A 39 3.38 -5.62 5.62
C LYS A 39 4.33 -5.18 4.52
N VAL A 40 5.51 -4.75 4.88
CA VAL A 40 6.48 -4.27 3.92
C VAL A 40 7.56 -5.31 3.69
N SER A 41 7.69 -5.76 2.46
CA SER A 41 8.71 -6.73 2.13
C SER A 41 9.66 -6.17 1.08
N LEU A 42 10.77 -5.65 1.56
CA LEU A 42 11.79 -5.04 0.71
C LEU A 42 12.41 -6.07 -0.22
N GLU A 43 12.56 -7.30 0.26
CA GLU A 43 13.13 -8.38 -0.53
C GLU A 43 12.27 -8.65 -1.76
N GLN A 44 10.96 -8.60 -1.59
CA GLN A 44 10.03 -8.77 -2.70
C GLN A 44 9.98 -7.50 -3.53
N GLY A 45 10.34 -6.38 -2.91
CA GLY A 45 10.29 -5.11 -3.59
C GLY A 45 8.88 -4.58 -3.63
N SER A 46 8.04 -5.06 -2.73
CA SER A 46 6.65 -4.67 -2.70
C SER A 46 6.10 -4.70 -1.28
N ALA A 47 4.95 -4.08 -1.10
CA ALA A 47 4.29 -4.06 0.17
C ALA A 47 2.95 -4.75 0.06
N THR A 48 2.63 -5.56 1.04
CA THR A 48 1.42 -6.33 1.02
C THR A 48 0.40 -5.71 1.96
N VAL A 49 -0.78 -5.43 1.45
CA VAL A 49 -1.82 -4.81 2.25
C VAL A 49 -3.12 -5.57 2.13
N LYS A 50 -3.90 -5.53 3.19
CA LYS A 50 -5.23 -6.09 3.19
C LYS A 50 -6.17 -5.06 3.77
N TYR A 51 -7.31 -4.88 3.12
CA TYR A 51 -8.19 -3.77 3.43
C TYR A 51 -9.63 -4.05 3.01
N VAL A 52 -10.52 -3.16 3.41
CA VAL A 52 -11.91 -3.20 2.98
C VAL A 52 -12.07 -2.28 1.75
N PRO A 53 -12.38 -2.86 0.58
CA PRO A 53 -12.46 -2.12 -0.71
C PRO A 53 -13.36 -0.87 -0.70
N SER A 54 -14.49 -0.96 -0.02
CA SER A 54 -15.40 0.19 0.04
C SER A 54 -14.80 1.33 0.87
N VAL A 55 -14.19 0.98 2.00
CA VAL A 55 -13.67 1.98 2.91
C VAL A 55 -12.43 2.68 2.34
N VAL A 56 -11.53 1.91 1.73
CA VAL A 56 -10.33 2.48 1.12
C VAL A 56 -10.17 2.00 -0.31
N CYS A 57 -9.60 2.84 -1.14
CA CYS A 57 -9.45 2.54 -2.53
C CYS A 57 -8.02 2.10 -2.85
N LEU A 58 -7.91 0.97 -3.52
CA LEU A 58 -6.62 0.42 -3.92
C LEU A 58 -5.91 1.37 -4.88
N GLN A 59 -6.69 2.01 -5.75
CA GLN A 59 -6.14 2.97 -6.70
C GLN A 59 -5.48 4.12 -5.94
N GLN A 60 -6.11 4.54 -4.85
CA GLN A 60 -5.58 5.61 -4.01
C GLN A 60 -4.24 5.21 -3.45
N VAL A 61 -4.13 3.94 -3.07
CA VAL A 61 -2.91 3.42 -2.48
C VAL A 61 -1.74 3.58 -3.45
N CYS A 62 -1.98 3.21 -4.69
CA CYS A 62 -0.99 3.35 -5.73
C CYS A 62 -0.62 4.83 -5.92
N HIS A 63 -1.63 5.69 -5.89
CA HIS A 63 -1.43 7.13 -6.04
C HIS A 63 -0.68 7.75 -4.86
N GLN A 64 -0.96 7.26 -3.65
CA GLN A 64 -0.38 7.82 -2.43
C GLN A 64 1.14 7.70 -2.44
N ILE A 65 1.63 6.57 -2.89
CA ILE A 65 3.07 6.38 -2.99
C ILE A 65 3.60 6.99 -4.30
N GLY A 66 2.76 6.94 -5.34
CA GLY A 66 3.15 7.46 -6.64
C GLY A 66 3.40 8.97 -6.65
N ASP A 67 2.55 9.74 -5.95
CA ASP A 67 2.72 11.22 -5.96
C ASP A 67 3.92 11.64 -5.15
N MET A 68 4.46 10.70 -4.39
CA MET A 68 5.67 10.93 -3.62
C MET A 68 6.84 11.17 -4.57
N GLY A 69 6.77 10.58 -5.74
CA GLY A 69 7.82 10.71 -6.72
C GLY A 69 8.47 9.38 -7.02
N PHE A 70 7.87 8.32 -6.52
CA PHE A 70 8.39 6.99 -6.73
C PHE A 70 7.39 6.16 -7.50
N GLU A 71 7.89 5.28 -8.34
CA GLU A 71 7.04 4.46 -9.16
C GLU A 71 6.59 3.23 -8.40
N ALA A 72 5.31 2.95 -8.47
CA ALA A 72 4.75 1.80 -7.81
C ALA A 72 3.58 1.25 -8.61
N SER A 73 3.34 -0.04 -8.53
CA SER A 73 2.24 -0.63 -9.27
C SER A 73 1.53 -1.69 -8.45
N ILE A 74 0.30 -1.96 -8.83
CA ILE A 74 -0.54 -2.91 -8.14
C ILE A 74 -0.40 -4.31 -8.72
N ALA A 75 -0.02 -5.23 -7.86
CA ALA A 75 0.13 -6.62 -8.22
C ALA A 75 -0.57 -7.48 -7.18
N GLU A 76 -0.86 -8.69 -7.51
CA GLU A 76 -1.50 -9.59 -6.57
C GLU A 76 -0.46 -10.49 -5.91
N ALA A 1 -21.84 -11.20 -6.28
CA ALA A 1 -21.38 -11.56 -4.92
C ALA A 1 -20.06 -12.32 -5.01
N GLY A 2 -19.66 -12.94 -3.91
CA GLY A 2 -18.42 -13.71 -3.89
C GLY A 2 -17.24 -12.87 -3.45
N HIS A 3 -17.46 -11.59 -3.19
CA HIS A 3 -16.40 -10.72 -2.74
C HIS A 3 -16.31 -10.73 -1.23
N MET A 4 -15.10 -10.64 -0.72
CA MET A 4 -14.88 -10.74 0.71
C MET A 4 -14.72 -9.38 1.36
N GLN A 5 -15.03 -9.32 2.65
CA GLN A 5 -14.95 -8.10 3.45
C GLN A 5 -13.52 -7.59 3.57
N VAL A 6 -12.57 -8.48 3.30
CA VAL A 6 -11.16 -8.15 3.33
C VAL A 6 -10.50 -8.57 2.03
N ALA A 7 -9.45 -7.87 1.64
CA ALA A 7 -8.74 -8.19 0.42
C ALA A 7 -7.25 -7.95 0.60
N THR A 8 -6.45 -8.67 -0.16
CA THR A 8 -5.01 -8.54 -0.12
C THR A 8 -4.49 -8.32 -1.52
N SER A 9 -3.34 -7.68 -1.62
CA SER A 9 -2.71 -7.46 -2.90
C SER A 9 -1.23 -7.20 -2.68
N THR A 10 -0.44 -7.29 -3.72
CA THR A 10 0.98 -7.03 -3.61
C THR A 10 1.36 -5.85 -4.48
N VAL A 11 2.30 -5.06 -4.03
CA VAL A 11 2.71 -3.89 -4.78
C VAL A 11 4.21 -3.66 -4.64
N ARG A 12 4.87 -3.48 -5.77
CA ARG A 12 6.30 -3.20 -5.76
C ARG A 12 6.50 -1.71 -5.67
N ILE A 13 7.56 -1.31 -5.02
CA ILE A 13 7.86 0.10 -4.86
C ILE A 13 9.09 0.45 -5.66
N LEU A 14 8.96 1.37 -6.59
CA LEU A 14 10.09 1.76 -7.41
C LEU A 14 10.45 3.21 -7.15
N GLY A 15 11.62 3.42 -6.56
CA GLY A 15 12.07 4.77 -6.28
C GLY A 15 13.52 4.80 -5.90
N MET A 16 14.13 5.96 -6.06
CA MET A 16 15.54 6.14 -5.70
C MET A 16 15.74 5.99 -4.19
N THR A 17 14.83 6.56 -3.42
CA THR A 17 14.88 6.48 -1.97
C THR A 17 13.71 5.67 -1.43
N CYS A 18 13.99 4.46 -0.95
CA CYS A 18 12.97 3.57 -0.44
C CYS A 18 12.36 4.06 0.87
N GLN A 19 13.19 4.58 1.76
CA GLN A 19 12.71 5.06 3.05
C GLN A 19 11.78 6.26 2.87
N SER A 20 12.13 7.14 1.97
CA SER A 20 11.35 8.36 1.74
C SER A 20 9.92 8.05 1.29
N CYS A 21 9.78 7.14 0.32
CA CYS A 21 8.47 6.80 -0.20
C CYS A 21 7.62 6.09 0.85
N VAL A 22 8.23 5.15 1.55
CA VAL A 22 7.53 4.38 2.57
C VAL A 22 7.06 5.31 3.69
N LYS A 23 7.95 6.17 4.15
CA LYS A 23 7.63 7.09 5.23
C LYS A 23 6.50 8.04 4.83
N SER A 24 6.60 8.59 3.62
CA SER A 24 5.63 9.55 3.12
C SER A 24 4.23 8.94 2.99
N ILE A 25 4.14 7.71 2.46
CA ILE A 25 2.85 7.07 2.31
C ILE A 25 2.33 6.59 3.65
N GLU A 26 3.26 6.26 4.55
CA GLU A 26 2.91 5.80 5.88
C GLU A 26 2.12 6.86 6.62
N ASP A 27 2.55 8.10 6.48
CA ASP A 27 1.87 9.23 7.12
C ASP A 27 0.44 9.33 6.60
N ARG A 28 0.28 9.22 5.29
CA ARG A 28 -1.04 9.28 4.69
C ARG A 28 -1.90 8.12 5.18
N ILE A 29 -1.29 6.95 5.24
CA ILE A 29 -1.95 5.75 5.72
C ILE A 29 -2.40 5.92 7.17
N SER A 30 -1.51 6.44 8.01
CA SER A 30 -1.83 6.65 9.41
C SER A 30 -2.96 7.68 9.59
N ASN A 31 -3.13 8.54 8.59
CA ASN A 31 -4.21 9.52 8.62
C ASN A 31 -5.46 8.98 7.93
N LEU A 32 -5.33 7.82 7.33
CA LEU A 32 -6.44 7.15 6.65
C LEU A 32 -7.00 5.99 7.50
N LYS A 33 -8.31 5.99 7.72
CA LYS A 33 -8.95 4.89 8.45
C LYS A 33 -9.29 3.73 7.52
N GLY A 34 -9.36 2.54 8.07
CA GLY A 34 -9.62 1.35 7.27
C GLY A 34 -8.41 0.46 7.20
N ILE A 35 -7.42 0.78 8.01
CA ILE A 35 -6.18 0.06 8.05
C ILE A 35 -6.34 -1.29 8.72
N ILE A 36 -5.99 -2.35 8.02
CA ILE A 36 -5.97 -3.65 8.62
C ILE A 36 -4.53 -3.99 8.96
N SER A 37 -3.73 -4.19 7.93
CA SER A 37 -2.33 -4.47 8.10
C SER A 37 -1.60 -4.31 6.78
N MET A 38 -0.43 -3.74 6.81
CA MET A 38 0.38 -3.62 5.61
C MET A 38 1.80 -3.99 5.94
N LYS A 39 2.36 -4.89 5.17
CA LYS A 39 3.71 -5.32 5.42
C LYS A 39 4.57 -5.02 4.23
N VAL A 40 5.69 -4.39 4.47
CA VAL A 40 6.60 -4.03 3.40
C VAL A 40 7.81 -4.94 3.45
N SER A 41 8.01 -5.70 2.41
CA SER A 41 9.13 -6.58 2.34
C SER A 41 10.26 -5.95 1.53
N LEU A 42 11.21 -5.36 2.23
CA LEU A 42 12.33 -4.69 1.59
C LEU A 42 13.16 -5.68 0.79
N GLU A 43 13.36 -6.87 1.36
CA GLU A 43 14.15 -7.91 0.73
C GLU A 43 13.48 -8.34 -0.58
N GLN A 44 12.16 -8.45 -0.55
CA GLN A 44 11.39 -8.87 -1.72
C GLN A 44 11.26 -7.73 -2.74
N GLY A 45 11.27 -6.50 -2.25
CA GLY A 45 11.09 -5.36 -3.14
C GLY A 45 9.61 -5.14 -3.45
N SER A 46 8.78 -5.79 -2.67
CA SER A 46 7.34 -5.74 -2.85
C SER A 46 6.67 -5.78 -1.48
N ALA A 47 5.51 -5.17 -1.38
CA ALA A 47 4.81 -5.10 -0.12
C ALA A 47 3.40 -5.61 -0.26
N THR A 48 2.86 -6.13 0.82
CA THR A 48 1.50 -6.60 0.84
C THR A 48 0.58 -5.53 1.37
N VAL A 49 -0.44 -5.22 0.58
CA VAL A 49 -1.41 -4.22 0.95
C VAL A 49 -2.71 -4.91 1.35
N LYS A 50 -3.12 -4.70 2.59
CA LYS A 50 -4.29 -5.36 3.12
C LYS A 50 -5.13 -4.36 3.91
N TYR A 51 -6.22 -3.93 3.32
CA TYR A 51 -7.11 -2.93 3.87
C TYR A 51 -8.56 -3.30 3.62
N VAL A 52 -9.47 -2.68 4.37
CA VAL A 52 -10.88 -2.95 4.19
C VAL A 52 -11.38 -2.29 2.91
N PRO A 53 -11.80 -3.08 1.91
CA PRO A 53 -12.26 -2.57 0.61
C PRO A 53 -13.53 -1.74 0.73
N SER A 54 -14.23 -1.92 1.83
CA SER A 54 -15.45 -1.19 2.09
C SER A 54 -15.18 0.32 2.15
N VAL A 55 -14.05 0.70 2.75
CA VAL A 55 -13.73 2.11 2.88
C VAL A 55 -12.44 2.50 2.12
N VAL A 56 -11.55 1.55 1.93
CA VAL A 56 -10.30 1.81 1.22
C VAL A 56 -10.11 0.84 0.07
N CYS A 57 -9.82 1.36 -1.10
CA CYS A 57 -9.58 0.51 -2.26
C CYS A 57 -8.09 0.49 -2.60
N LEU A 58 -7.67 -0.50 -3.36
CA LEU A 58 -6.27 -0.68 -3.71
C LEU A 58 -5.74 0.50 -4.53
N GLN A 59 -6.55 1.00 -5.44
CA GLN A 59 -6.19 2.13 -6.27
C GLN A 59 -5.97 3.38 -5.43
N GLN A 60 -6.80 3.53 -4.40
CA GLN A 60 -6.71 4.68 -3.52
C GLN A 60 -5.33 4.73 -2.85
N VAL A 61 -4.87 3.58 -2.36
CA VAL A 61 -3.55 3.48 -1.70
C VAL A 61 -2.43 3.79 -2.71
N CYS A 62 -2.61 3.27 -3.92
CA CYS A 62 -1.68 3.48 -5.00
C CYS A 62 -1.54 4.97 -5.30
N HIS A 63 -2.64 5.69 -5.16
CA HIS A 63 -2.65 7.12 -5.41
C HIS A 63 -1.69 7.88 -4.51
N GLN A 64 -1.66 7.56 -3.19
CA GLN A 64 -0.77 8.29 -2.26
C GLN A 64 0.68 8.11 -2.61
N ILE A 65 1.09 6.91 -2.96
CA ILE A 65 2.48 6.69 -3.30
C ILE A 65 2.82 7.33 -4.65
N GLY A 66 1.88 7.24 -5.58
CA GLY A 66 2.07 7.81 -6.90
C GLY A 66 2.25 9.32 -6.89
N ASP A 67 1.48 10.03 -6.05
CA ASP A 67 1.57 11.49 -6.03
C ASP A 67 2.77 11.97 -5.21
N MET A 68 3.45 11.03 -4.57
CA MET A 68 4.66 11.35 -3.81
C MET A 68 5.86 11.38 -4.73
N GLY A 69 5.64 11.07 -6.00
CA GLY A 69 6.70 11.08 -6.96
C GLY A 69 7.34 9.72 -7.11
N PHE A 70 6.75 8.73 -6.48
CA PHE A 70 7.27 7.38 -6.55
C PHE A 70 6.31 6.48 -7.30
N GLU A 71 6.87 5.57 -8.06
CA GLU A 71 6.08 4.70 -8.90
C GLU A 71 5.92 3.33 -8.28
N ALA A 72 4.80 2.69 -8.53
CA ALA A 72 4.51 1.40 -7.97
C ALA A 72 3.66 0.56 -8.92
N SER A 73 3.81 -0.74 -8.84
CA SER A 73 3.01 -1.65 -9.63
C SER A 73 2.31 -2.62 -8.71
N ILE A 74 1.07 -2.94 -9.02
CA ILE A 74 0.27 -3.76 -8.16
C ILE A 74 -0.11 -5.08 -8.83
N ALA A 75 -0.11 -6.14 -8.06
CA ALA A 75 -0.44 -7.48 -8.54
C ALA A 75 -1.31 -8.18 -7.52
N GLU A 76 -2.12 -9.15 -7.98
CA GLU A 76 -3.09 -9.87 -7.14
C GLU A 76 -4.32 -9.00 -6.91
N ALA A 1 -17.72 -4.96 -4.62
CA ALA A 1 -17.16 -5.92 -3.65
C ALA A 1 -18.20 -6.29 -2.60
N GLY A 2 -18.08 -7.49 -2.06
CA GLY A 2 -19.02 -7.96 -1.06
C GLY A 2 -18.74 -7.38 0.31
N HIS A 3 -19.65 -7.61 1.25
CA HIS A 3 -19.49 -7.13 2.61
C HIS A 3 -18.43 -7.91 3.35
N MET A 4 -17.64 -7.23 4.17
CA MET A 4 -16.56 -7.84 4.94
C MET A 4 -15.57 -8.56 4.02
N GLN A 5 -15.47 -8.10 2.79
CA GLN A 5 -14.54 -8.67 1.86
C GLN A 5 -13.13 -8.23 2.18
N VAL A 6 -12.33 -9.17 2.60
CA VAL A 6 -10.96 -8.91 2.94
C VAL A 6 -10.09 -9.38 1.79
N ALA A 7 -9.37 -8.45 1.20
CA ALA A 7 -8.53 -8.77 0.06
C ALA A 7 -7.12 -8.29 0.28
N THR A 8 -6.19 -9.00 -0.30
CA THR A 8 -4.80 -8.65 -0.22
C THR A 8 -4.35 -8.02 -1.51
N SER A 9 -3.31 -7.22 -1.44
CA SER A 9 -2.76 -6.60 -2.59
C SER A 9 -1.29 -6.31 -2.35
N THR A 10 -0.48 -6.43 -3.36
CA THR A 10 0.91 -6.11 -3.24
C THR A 10 1.24 -5.00 -4.20
N VAL A 11 2.12 -4.12 -3.79
CA VAL A 11 2.51 -3.02 -4.62
C VAL A 11 4.02 -2.92 -4.71
N ARG A 12 4.54 -2.96 -5.91
CA ARG A 12 5.97 -2.86 -6.12
C ARG A 12 6.37 -1.43 -6.27
N ILE A 13 7.58 -1.11 -5.89
CA ILE A 13 8.05 0.25 -5.97
C ILE A 13 9.36 0.36 -6.72
N LEU A 14 9.50 1.45 -7.45
CA LEU A 14 10.71 1.72 -8.18
C LEU A 14 11.16 3.14 -7.90
N GLY A 15 12.28 3.27 -7.24
CA GLY A 15 12.82 4.57 -6.92
C GLY A 15 14.16 4.46 -6.26
N MET A 16 14.91 5.55 -6.27
CA MET A 16 16.23 5.54 -5.66
C MET A 16 16.13 5.43 -4.15
N THR A 17 15.17 6.13 -3.57
CA THR A 17 14.93 6.06 -2.15
C THR A 17 13.63 5.32 -1.85
N CYS A 18 13.71 4.00 -1.89
CA CYS A 18 12.56 3.14 -1.68
C CYS A 18 12.03 3.20 -0.24
N GLN A 19 12.92 3.37 0.72
CA GLN A 19 12.54 3.45 2.12
C GLN A 19 11.64 4.66 2.36
N SER A 20 11.99 5.76 1.71
CA SER A 20 11.26 7.01 1.85
C SER A 20 9.80 6.86 1.42
N CYS A 21 9.57 6.23 0.27
CA CYS A 21 8.21 6.07 -0.23
C CYS A 21 7.41 5.09 0.63
N VAL A 22 8.09 4.08 1.17
CA VAL A 22 7.43 3.12 2.06
C VAL A 22 6.94 3.84 3.30
N LYS A 23 7.79 4.68 3.85
CA LYS A 23 7.42 5.46 5.02
C LYS A 23 6.33 6.47 4.68
N SER A 24 6.40 7.02 3.48
CA SER A 24 5.43 8.00 3.01
C SER A 24 4.02 7.39 3.01
N ILE A 25 3.88 6.18 2.49
CA ILE A 25 2.57 5.51 2.49
C ILE A 25 2.20 5.08 3.90
N GLU A 26 3.21 4.79 4.73
CA GLU A 26 2.98 4.35 6.11
C GLU A 26 2.19 5.39 6.89
N ASP A 27 2.60 6.64 6.82
CA ASP A 27 1.87 7.70 7.51
C ASP A 27 0.46 7.84 6.98
N ARG A 28 0.35 7.78 5.67
CA ARG A 28 -0.95 7.93 5.01
C ARG A 28 -1.91 6.78 5.39
N ILE A 29 -1.43 5.55 5.31
CA ILE A 29 -2.25 4.38 5.59
C ILE A 29 -2.58 4.27 7.08
N SER A 30 -1.63 4.63 7.94
CA SER A 30 -1.86 4.59 9.37
C SER A 30 -2.89 5.65 9.79
N ASN A 31 -3.00 6.71 9.00
CA ASN A 31 -4.01 7.73 9.24
C ASN A 31 -5.33 7.33 8.60
N LEU A 32 -5.28 6.32 7.76
CA LEU A 32 -6.47 5.75 7.15
C LEU A 32 -7.10 4.74 8.10
N LYS A 33 -8.35 4.96 8.45
CA LYS A 33 -9.04 4.07 9.37
C LYS A 33 -9.62 2.85 8.65
N GLY A 34 -9.75 1.76 9.39
CA GLY A 34 -10.30 0.55 8.83
C GLY A 34 -9.24 -0.38 8.30
N ILE A 35 -7.98 -0.01 8.53
CA ILE A 35 -6.87 -0.81 8.05
C ILE A 35 -6.78 -2.14 8.80
N ILE A 36 -6.74 -3.22 8.04
CA ILE A 36 -6.66 -4.54 8.62
C ILE A 36 -5.23 -4.88 8.98
N SER A 37 -4.36 -4.93 7.99
CA SER A 37 -2.95 -5.21 8.23
C SER A 37 -2.09 -4.72 7.08
N MET A 38 -0.83 -4.42 7.37
CA MET A 38 0.13 -4.01 6.36
C MET A 38 1.48 -4.64 6.63
N LYS A 39 2.09 -5.17 5.61
CA LYS A 39 3.39 -5.79 5.71
C LYS A 39 4.26 -5.28 4.59
N VAL A 40 5.55 -5.18 4.79
CA VAL A 40 6.41 -4.67 3.75
C VAL A 40 7.56 -5.62 3.44
N SER A 41 7.78 -5.84 2.17
CA SER A 41 8.85 -6.68 1.72
C SER A 41 9.92 -5.79 1.08
N LEU A 42 10.81 -5.28 1.92
CA LEU A 42 11.85 -4.36 1.48
C LEU A 42 12.78 -5.02 0.47
N GLU A 43 13.16 -6.25 0.73
CA GLU A 43 14.06 -6.97 -0.14
C GLU A 43 13.38 -7.33 -1.46
N GLN A 44 12.05 -7.49 -1.42
CA GLN A 44 11.29 -7.80 -2.60
C GLN A 44 10.92 -6.53 -3.37
N GLY A 45 11.14 -5.39 -2.73
CA GLY A 45 10.85 -4.12 -3.37
C GLY A 45 9.37 -3.89 -3.51
N SER A 46 8.59 -4.48 -2.63
CA SER A 46 7.15 -4.36 -2.69
C SER A 46 6.52 -4.40 -1.31
N ALA A 47 5.30 -3.93 -1.21
CA ALA A 47 4.58 -3.92 0.04
C ALA A 47 3.32 -4.74 -0.10
N THR A 48 2.90 -5.34 0.99
CA THR A 48 1.71 -6.15 1.00
C THR A 48 0.69 -5.54 1.95
N VAL A 49 -0.50 -5.31 1.45
CA VAL A 49 -1.53 -4.72 2.25
C VAL A 49 -2.82 -5.53 2.18
N LYS A 50 -3.47 -5.68 3.31
CA LYS A 50 -4.73 -6.38 3.37
C LYS A 50 -5.79 -5.42 3.85
N TYR A 51 -6.79 -5.20 3.02
CA TYR A 51 -7.81 -4.20 3.31
C TYR A 51 -9.11 -4.57 2.59
N VAL A 52 -10.21 -3.95 3.01
CA VAL A 52 -11.50 -4.18 2.38
C VAL A 52 -11.63 -3.26 1.15
N PRO A 53 -11.64 -3.84 -0.06
CA PRO A 53 -11.70 -3.05 -1.31
C PRO A 53 -12.99 -2.27 -1.45
N SER A 54 -14.03 -2.71 -0.76
CA SER A 54 -15.31 -2.03 -0.79
C SER A 54 -15.18 -0.62 -0.20
N VAL A 55 -14.46 -0.50 0.91
CA VAL A 55 -14.29 0.79 1.58
C VAL A 55 -13.35 1.70 0.78
N VAL A 56 -12.17 1.18 0.45
CA VAL A 56 -11.20 1.93 -0.32
C VAL A 56 -10.67 1.09 -1.48
N CYS A 57 -10.67 1.68 -2.66
CA CYS A 57 -10.18 0.99 -3.84
C CYS A 57 -8.65 0.89 -3.82
N LEU A 58 -8.12 -0.05 -4.58
CA LEU A 58 -6.68 -0.26 -4.65
C LEU A 58 -5.99 0.90 -5.34
N GLN A 59 -6.74 1.62 -6.17
CA GLN A 59 -6.20 2.76 -6.90
C GLN A 59 -5.70 3.83 -5.94
N GLN A 60 -6.48 4.07 -4.89
CA GLN A 60 -6.11 5.05 -3.88
C GLN A 60 -4.87 4.59 -3.11
N VAL A 61 -4.80 3.30 -2.82
CA VAL A 61 -3.64 2.75 -2.11
C VAL A 61 -2.36 2.96 -2.94
N CYS A 62 -2.47 2.66 -4.23
CA CYS A 62 -1.37 2.87 -5.15
C CYS A 62 -1.01 4.35 -5.18
N HIS A 63 -2.04 5.19 -5.19
CA HIS A 63 -1.87 6.63 -5.18
C HIS A 63 -1.15 7.10 -3.92
N GLN A 64 -1.46 6.48 -2.79
CA GLN A 64 -0.89 6.89 -1.51
C GLN A 64 0.63 6.82 -1.53
N ILE A 65 1.17 5.75 -2.09
CA ILE A 65 2.62 5.62 -2.17
C ILE A 65 3.20 6.32 -3.42
N GLY A 66 2.47 6.22 -4.54
CA GLY A 66 2.90 6.83 -5.80
C GLY A 66 2.97 8.35 -5.71
N ASP A 67 2.05 8.94 -4.96
CA ASP A 67 1.94 10.39 -4.78
C ASP A 67 3.25 11.01 -4.31
N MET A 68 4.04 10.23 -3.60
CA MET A 68 5.34 10.68 -3.10
C MET A 68 6.26 11.10 -4.26
N GLY A 69 6.07 10.49 -5.41
CA GLY A 69 6.89 10.82 -6.56
C GLY A 69 7.67 9.64 -7.07
N PHE A 70 7.38 8.48 -6.53
CA PHE A 70 8.06 7.26 -6.92
C PHE A 70 7.07 6.32 -7.59
N GLU A 71 7.53 5.58 -8.57
CA GLU A 71 6.65 4.67 -9.29
C GLU A 71 6.31 3.46 -8.43
N ALA A 72 5.06 3.09 -8.46
CA ALA A 72 4.58 1.94 -7.73
C ALA A 72 3.44 1.30 -8.51
N SER A 73 3.32 -0.01 -8.44
CA SER A 73 2.25 -0.68 -9.15
C SER A 73 1.70 -1.84 -8.34
N ILE A 74 0.39 -2.00 -8.38
CA ILE A 74 -0.27 -3.03 -7.61
C ILE A 74 -0.42 -4.32 -8.41
N ALA A 75 -0.32 -5.43 -7.72
CA ALA A 75 -0.46 -6.74 -8.31
C ALA A 75 -1.08 -7.71 -7.32
N GLU A 76 -1.88 -8.63 -7.85
CA GLU A 76 -2.55 -9.66 -7.07
C GLU A 76 -3.37 -10.52 -8.00
N ALA A 1 -15.47 -10.25 -9.37
CA ALA A 1 -14.81 -10.83 -8.18
C ALA A 1 -14.14 -9.74 -7.37
N GLY A 2 -14.72 -9.43 -6.22
CA GLY A 2 -14.16 -8.41 -5.38
C GLY A 2 -14.10 -8.86 -3.94
N HIS A 3 -13.42 -8.09 -3.12
CA HIS A 3 -13.30 -8.43 -1.72
C HIS A 3 -14.42 -7.78 -0.94
N MET A 4 -15.08 -8.57 -0.11
CA MET A 4 -16.22 -8.14 0.68
C MET A 4 -15.89 -7.00 1.64
N GLN A 5 -14.82 -7.15 2.40
CA GLN A 5 -14.47 -6.13 3.37
C GLN A 5 -12.97 -6.09 3.63
N VAL A 6 -12.39 -7.24 3.90
CA VAL A 6 -10.98 -7.30 4.21
C VAL A 6 -10.21 -7.94 3.07
N ALA A 7 -9.19 -7.24 2.61
CA ALA A 7 -8.38 -7.73 1.51
C ALA A 7 -6.92 -7.58 1.80
N THR A 8 -6.13 -8.50 1.29
CA THR A 8 -4.70 -8.43 1.42
C THR A 8 -4.08 -8.46 0.04
N SER A 9 -3.04 -7.72 -0.14
CA SER A 9 -2.38 -7.67 -1.42
C SER A 9 -0.93 -7.28 -1.25
N THR A 10 -0.16 -7.54 -2.25
CA THR A 10 1.23 -7.18 -2.24
C THR A 10 1.47 -6.05 -3.22
N VAL A 11 2.05 -4.99 -2.73
CA VAL A 11 2.32 -3.84 -3.57
C VAL A 11 3.81 -3.61 -3.64
N ARG A 12 4.34 -3.61 -4.85
CA ARG A 12 5.76 -3.40 -5.02
C ARG A 12 6.08 -1.93 -4.92
N ILE A 13 7.20 -1.64 -4.30
CA ILE A 13 7.63 -0.28 -4.09
C ILE A 13 8.93 -0.01 -4.85
N LEU A 14 8.80 0.74 -5.93
CA LEU A 14 9.91 1.01 -6.80
C LEU A 14 10.28 2.48 -6.77
N GLY A 15 11.55 2.77 -6.56
CA GLY A 15 11.99 4.13 -6.51
C GLY A 15 13.46 4.24 -6.18
N MET A 16 13.82 5.33 -5.49
CA MET A 16 15.21 5.57 -5.09
C MET A 16 15.66 4.45 -4.18
N THR A 17 14.79 4.10 -3.26
CA THR A 17 15.01 3.03 -2.34
C THR A 17 13.67 2.63 -1.73
N CYS A 18 13.58 1.44 -1.20
CA CYS A 18 12.36 0.96 -0.59
C CYS A 18 11.97 1.80 0.63
N GLN A 19 12.96 2.19 1.42
CA GLN A 19 12.74 2.95 2.65
C GLN A 19 12.02 4.28 2.40
N SER A 20 12.46 5.03 1.39
CA SER A 20 11.86 6.33 1.12
C SER A 20 10.43 6.20 0.60
N CYS A 21 10.21 5.24 -0.28
CA CYS A 21 8.89 5.05 -0.85
C CYS A 21 7.90 4.47 0.16
N VAL A 22 8.39 3.58 1.04
CA VAL A 22 7.52 3.00 2.04
C VAL A 22 7.13 4.06 3.06
N LYS A 23 8.07 4.98 3.33
CA LYS A 23 7.81 6.10 4.22
C LYS A 23 6.70 6.96 3.64
N SER A 24 6.78 7.16 2.33
CA SER A 24 5.85 8.00 1.60
C SER A 24 4.41 7.48 1.74
N ILE A 25 4.22 6.21 1.50
CA ILE A 25 2.91 5.60 1.60
C ILE A 25 2.47 5.42 3.07
N GLU A 26 3.45 5.16 3.95
CA GLU A 26 3.15 4.87 5.36
C GLU A 26 2.44 6.04 6.02
N ASP A 27 2.96 7.25 5.84
CA ASP A 27 2.33 8.44 6.44
C ASP A 27 0.92 8.65 5.91
N ARG A 28 0.77 8.51 4.60
CA ARG A 28 -0.52 8.75 3.96
C ARG A 28 -1.55 7.69 4.35
N ILE A 29 -1.14 6.43 4.37
CA ILE A 29 -2.05 5.35 4.66
C ILE A 29 -2.42 5.32 6.14
N SER A 30 -1.48 5.73 6.98
CA SER A 30 -1.72 5.81 8.42
C SER A 30 -2.78 6.88 8.71
N ASN A 31 -2.69 8.01 8.02
CA ASN A 31 -3.64 9.11 8.20
C ASN A 31 -5.03 8.76 7.69
N LEU A 32 -5.10 7.85 6.74
CA LEU A 32 -6.38 7.44 6.19
C LEU A 32 -6.89 6.16 6.88
N LYS A 33 -8.07 6.24 7.47
CA LYS A 33 -8.69 5.10 8.14
C LYS A 33 -9.09 4.03 7.14
N GLY A 34 -9.07 2.78 7.57
CA GLY A 34 -9.39 1.67 6.70
C GLY A 34 -8.22 0.72 6.54
N ILE A 35 -7.11 1.06 7.17
CA ILE A 35 -5.96 0.17 7.16
C ILE A 35 -5.95 -0.66 8.42
N ILE A 36 -5.78 -1.95 8.26
CA ILE A 36 -5.73 -2.85 9.39
C ILE A 36 -4.29 -3.05 9.81
N SER A 37 -3.47 -3.51 8.89
CA SER A 37 -2.06 -3.72 9.13
C SER A 37 -1.31 -3.87 7.82
N MET A 38 0.00 -3.75 7.86
CA MET A 38 0.81 -3.94 6.68
C MET A 38 2.21 -4.37 7.08
N LYS A 39 2.81 -5.18 6.23
CA LYS A 39 4.14 -5.70 6.48
C LYS A 39 5.02 -5.45 5.27
N VAL A 40 6.26 -5.12 5.50
CA VAL A 40 7.16 -4.72 4.42
C VAL A 40 8.22 -5.77 4.15
N SER A 41 8.36 -6.17 2.90
CA SER A 41 9.36 -7.11 2.49
C SER A 41 10.39 -6.43 1.58
N LEU A 42 11.53 -6.10 2.13
CA LEU A 42 12.60 -5.47 1.38
C LEU A 42 13.14 -6.43 0.35
N GLU A 43 13.18 -7.71 0.73
CA GLU A 43 13.70 -8.77 -0.13
C GLU A 43 12.89 -8.87 -1.42
N GLN A 44 11.57 -8.83 -1.30
CA GLN A 44 10.70 -8.91 -2.48
C GLN A 44 10.50 -7.54 -3.10
N GLY A 45 10.89 -6.50 -2.38
CA GLY A 45 10.72 -5.15 -2.87
C GLY A 45 9.27 -4.74 -2.90
N SER A 46 8.49 -5.35 -2.03
CA SER A 46 7.07 -5.12 -1.97
C SER A 46 6.57 -5.20 -0.54
N ALA A 47 5.39 -4.65 -0.32
CA ALA A 47 4.78 -4.68 0.99
C ALA A 47 3.44 -5.34 0.93
N THR A 48 3.11 -6.09 1.95
CA THR A 48 1.83 -6.75 2.03
C THR A 48 0.90 -5.88 2.86
N VAL A 49 -0.19 -5.45 2.26
CA VAL A 49 -1.10 -4.55 2.92
C VAL A 49 -2.46 -5.20 3.16
N LYS A 50 -2.89 -5.17 4.40
CA LYS A 50 -4.19 -5.67 4.78
C LYS A 50 -5.10 -4.47 4.98
N TYR A 51 -6.01 -4.27 4.04
CA TYR A 51 -6.80 -3.05 4.00
C TYR A 51 -8.27 -3.36 3.72
N VAL A 52 -9.13 -2.37 3.95
CA VAL A 52 -10.55 -2.51 3.68
C VAL A 52 -10.93 -1.73 2.42
N PRO A 53 -11.11 -2.44 1.28
CA PRO A 53 -11.48 -1.83 -0.02
C PRO A 53 -12.82 -1.09 0.05
N SER A 54 -13.68 -1.50 0.99
CA SER A 54 -14.97 -0.88 1.17
C SER A 54 -14.81 0.59 1.56
N VAL A 55 -13.85 0.89 2.45
CA VAL A 55 -13.64 2.26 2.90
C VAL A 55 -13.16 3.12 1.73
N VAL A 56 -12.01 2.77 1.18
CA VAL A 56 -11.48 3.42 -0.01
C VAL A 56 -10.86 2.40 -0.93
N CYS A 57 -10.72 2.76 -2.18
CA CYS A 57 -10.12 1.87 -3.15
C CYS A 57 -8.61 1.84 -2.97
N LEU A 58 -8.00 0.75 -3.37
CA LEU A 58 -6.56 0.59 -3.28
C LEU A 58 -5.87 1.50 -4.28
N GLN A 59 -6.62 1.93 -5.29
CA GLN A 59 -6.08 2.80 -6.33
C GLN A 59 -5.60 4.12 -5.72
N GLN A 60 -6.38 4.66 -4.79
CA GLN A 60 -6.02 5.91 -4.13
C GLN A 60 -4.75 5.74 -3.31
N VAL A 61 -4.63 4.60 -2.65
CA VAL A 61 -3.44 4.30 -1.86
C VAL A 61 -2.20 4.26 -2.76
N CYS A 62 -2.34 3.60 -3.89
CA CYS A 62 -1.30 3.52 -4.89
C CYS A 62 -0.97 4.92 -5.41
N HIS A 63 -2.01 5.72 -5.59
CA HIS A 63 -1.85 7.09 -6.05
C HIS A 63 -1.05 7.92 -5.06
N GLN A 64 -1.25 7.68 -3.76
CA GLN A 64 -0.55 8.44 -2.72
C GLN A 64 0.94 8.29 -2.86
N ILE A 65 1.41 7.09 -3.11
CA ILE A 65 2.82 6.86 -3.29
C ILE A 65 3.28 7.31 -4.69
N GLY A 66 2.41 7.13 -5.68
CA GLY A 66 2.73 7.52 -7.05
C GLY A 66 2.94 9.01 -7.22
N ASP A 67 2.09 9.81 -6.58
CA ASP A 67 2.18 11.28 -6.66
C ASP A 67 3.44 11.81 -6.01
N MET A 68 4.01 11.03 -5.12
CA MET A 68 5.22 11.42 -4.41
C MET A 68 6.47 11.13 -5.23
N GLY A 69 6.27 10.58 -6.43
CA GLY A 69 7.40 10.32 -7.30
C GLY A 69 7.91 8.90 -7.20
N PHE A 70 7.19 8.05 -6.51
CA PHE A 70 7.60 6.67 -6.36
C PHE A 70 6.62 5.75 -7.09
N GLU A 71 7.14 4.74 -7.74
CA GLU A 71 6.30 3.82 -8.49
C GLU A 71 5.85 2.66 -7.63
N ALA A 72 4.62 2.26 -7.79
CA ALA A 72 4.08 1.16 -7.03
C ALA A 72 3.07 0.41 -7.85
N SER A 73 2.94 -0.88 -7.60
CA SER A 73 1.99 -1.68 -8.33
C SER A 73 1.38 -2.72 -7.42
N ILE A 74 0.07 -2.89 -7.53
CA ILE A 74 -0.67 -3.82 -6.69
C ILE A 74 -0.75 -5.17 -7.36
N ALA A 75 -0.36 -6.19 -6.63
CA ALA A 75 -0.35 -7.55 -7.12
C ALA A 75 -0.95 -8.48 -6.08
N GLU A 76 -1.37 -9.66 -6.52
CA GLU A 76 -1.95 -10.66 -5.62
C GLU A 76 -0.93 -11.08 -4.55
#